data_6Q0X
#
_entry.id   6Q0X
#
_cell.length_a   1.00
_cell.length_b   1.00
_cell.length_c   1.00
_cell.angle_alpha   90.00
_cell.angle_beta   90.00
_cell.angle_gamma   90.00
#
_symmetry.space_group_name_H-M   'P 1'
#
_entity_poly.entity_id   1
_entity_poly.type   'polypeptide(L)'
_entity_poly.pdbx_seq_one_letter_code
;MGSSHHHHHHSSGLVPRGSHMDNYEGSDPWNTSSNAWTKDDDHVVSTTNSEPSLNGISGEFNTLNFSTPLDTNEEDTGFL
PTNDVLEESIWDDSRNPLGATGMSQTPNIAANETVIDKNDARDQNIEESEADLLDWTNNVRKTYRPLDADIIIIEEIPER
EGLLFKHANYLVKHLIALPSTSPSEERTVVRRYSDFLWLREILLKRYPFRMIPELPPKRIGSQNADQLFLKKRRIGLSRF
INLVMKHPKLSNDDLVLTFLTVRTDLTSWRKQATYDTSNEFADKKISQEFMKMWKKEFAEQWNQAASCIDTSMELWYRIT
LLLERHEKRIMQMVHERNFFETLVDNFSEVTPKLYPVQQNDTILDINNNLSIIKKHLETTSSICKQETEEISGTLSPKFK
IFTDILLSLRSLFERYKIMAANNVVELQRHVELNKEKLESMKGKPDVSGAEYDRIKKIIQKDRRSIIEQSNRAWLIRQCI
LEEFTIFQETQFLITRAFQDWAKLNSNHAGLKLNEWEKLVTSIMDMPISRE
;
_entity_poly.pdbx_strand_id   A,B,C,D
#
# COMPACT_ATOMS: atom_id res chain seq x y z
N ALA A 149 33.86 26.68 -9.39
CA ALA A 149 33.77 25.99 -10.67
C ALA A 149 32.54 25.13 -10.72
N ASP A 150 31.38 25.75 -10.92
CA ASP A 150 30.11 25.03 -10.93
C ASP A 150 30.07 24.19 -12.19
N ILE A 151 30.68 23.01 -12.12
CA ILE A 151 30.80 22.10 -13.25
C ILE A 151 29.66 21.10 -13.19
N ILE A 152 29.21 20.63 -14.35
CA ILE A 152 28.04 19.78 -14.45
C ILE A 152 28.44 18.46 -15.09
N ILE A 153 27.79 17.38 -14.67
CA ILE A 153 28.11 16.04 -15.13
C ILE A 153 26.82 15.38 -15.60
N ILE A 154 26.52 15.56 -16.88
CA ILE A 154 25.27 15.11 -17.48
C ILE A 154 25.67 14.31 -18.72
N GLU A 155 24.72 13.51 -19.22
CA GLU A 155 24.96 12.64 -20.37
C GLU A 155 26.04 11.60 -20.02
N GLU A 156 25.83 10.97 -18.88
CA GLU A 156 26.60 9.79 -18.54
C GLU A 156 26.37 8.72 -19.59
N ILE A 157 27.45 8.13 -20.11
CA ILE A 157 27.31 7.20 -21.22
C ILE A 157 28.18 5.97 -20.97
N PRO A 158 27.58 4.81 -20.68
CA PRO A 158 28.35 3.55 -20.73
C PRO A 158 28.39 3.03 -22.16
N GLU A 159 28.99 1.86 -22.38
CA GLU A 159 28.75 1.20 -23.64
C GLU A 159 27.24 0.92 -23.77
N ARG A 160 26.76 0.89 -25.01
CA ARG A 160 25.33 1.09 -25.29
C ARG A 160 24.44 0.15 -24.49
N GLU A 161 23.20 0.58 -24.29
CA GLU A 161 22.29 -0.08 -23.37
C GLU A 161 21.86 -1.45 -23.89
N GLY A 162 21.72 -2.39 -22.96
CA GLY A 162 21.23 -3.71 -23.30
C GLY A 162 20.72 -4.38 -22.04
N LEU A 163 20.78 -5.71 -22.02
CA LEU A 163 20.52 -6.43 -20.78
C LEU A 163 21.52 -6.05 -19.70
N LEU A 164 22.79 -5.93 -20.07
CA LEU A 164 23.87 -5.81 -19.13
C LEU A 164 23.87 -4.43 -18.48
N PHE A 165 24.90 -4.17 -17.67
CA PHE A 165 25.16 -2.85 -17.14
C PHE A 165 26.66 -2.60 -17.16
N LYS A 166 27.04 -1.42 -17.62
CA LYS A 166 28.44 -1.03 -17.62
C LYS A 166 28.60 0.30 -16.86
N HIS A 167 29.85 0.60 -16.51
CA HIS A 167 30.17 1.74 -15.68
C HIS A 167 30.33 2.98 -16.55
N ALA A 168 29.31 3.84 -16.53
CA ALA A 168 29.17 4.89 -17.52
C ALA A 168 30.40 5.79 -17.60
N ASN A 169 30.54 6.47 -18.74
CA ASN A 169 31.60 7.43 -18.98
C ASN A 169 31.03 8.83 -18.87
N TYR A 170 31.44 9.58 -17.85
CA TYR A 170 30.79 10.81 -17.45
C TYR A 170 31.51 12.00 -18.04
N LEU A 171 30.76 12.87 -18.70
CA LEU A 171 31.32 14.05 -19.35
C LEU A 171 31.47 15.17 -18.32
N VAL A 172 32.68 15.41 -17.87
CA VAL A 172 32.94 16.43 -16.86
C VAL A 172 33.02 17.76 -17.57
N LYS A 173 31.99 18.58 -17.40
CA LYS A 173 31.78 19.77 -18.21
C LYS A 173 32.33 20.97 -17.46
N HIS A 174 33.56 21.34 -17.75
CA HIS A 174 34.30 22.26 -16.91
C HIS A 174 33.80 23.68 -17.12
N LEU A 175 32.64 23.99 -16.54
CA LEU A 175 32.15 25.37 -16.47
C LEU A 175 32.95 26.07 -15.39
N ILE A 176 33.97 26.79 -15.80
CA ILE A 176 35.12 27.04 -14.95
C ILE A 176 35.24 28.53 -14.62
N ALA A 177 35.46 28.82 -13.35
CA ALA A 177 35.85 30.14 -12.86
C ALA A 177 37.16 30.12 -12.07
N LEU A 178 37.60 28.96 -11.62
CA LEU A 178 38.85 28.87 -10.88
C LEU A 178 40.03 28.86 -11.85
N PRO A 179 41.05 29.68 -11.60
CA PRO A 179 42.15 29.81 -12.55
C PRO A 179 43.28 28.80 -12.38
N SER A 180 43.10 27.76 -11.56
CA SER A 180 44.13 26.72 -11.44
C SER A 180 44.63 26.32 -12.83
N THR A 181 43.74 25.78 -13.64
CA THR A 181 43.82 25.93 -15.09
C THR A 181 42.95 27.14 -15.35
N SER A 182 43.47 28.07 -16.14
CA SER A 182 42.76 29.30 -16.49
C SER A 182 41.33 28.99 -16.91
N PRO A 183 40.35 29.83 -16.55
CA PRO A 183 38.95 29.53 -16.90
C PRO A 183 38.77 29.37 -18.40
N SER A 184 38.51 28.14 -18.82
CA SER A 184 38.26 27.80 -20.20
C SER A 184 36.89 28.31 -20.62
N GLU A 185 36.69 28.41 -21.93
CA GLU A 185 35.34 28.58 -22.44
C GLU A 185 34.45 27.44 -21.96
N GLU A 186 34.86 26.21 -22.19
CA GLU A 186 34.37 24.93 -21.70
C GLU A 186 35.33 23.88 -22.21
N ARG A 187 35.56 22.87 -21.39
CA ARG A 187 36.40 21.76 -21.85
C ARG A 187 35.92 20.50 -21.15
N THR A 188 35.18 19.70 -21.91
CA THR A 188 34.65 18.44 -21.43
C THR A 188 35.78 17.43 -21.35
N VAL A 189 35.73 16.59 -20.33
CA VAL A 189 36.58 15.41 -20.25
C VAL A 189 35.67 14.22 -19.98
N VAL A 190 35.95 13.12 -20.66
CA VAL A 190 35.29 11.86 -20.39
C VAL A 190 36.00 11.16 -19.24
N ARG A 191 35.24 10.79 -18.22
CA ARG A 191 35.75 10.08 -17.05
C ARG A 191 34.66 9.17 -16.53
N ARG A 192 35.07 8.12 -15.81
CA ARG A 192 34.16 7.06 -15.40
C ARG A 192 33.84 7.18 -13.91
N TYR A 193 32.90 6.36 -13.47
CA TYR A 193 32.63 6.23 -12.04
C TYR A 193 33.81 5.59 -11.32
N SER A 194 34.43 4.59 -11.96
CA SER A 194 35.69 4.07 -11.45
C SER A 194 36.75 5.17 -11.34
N ASP A 195 36.78 6.07 -12.32
CA ASP A 195 37.73 7.18 -12.27
C ASP A 195 37.48 8.04 -11.05
N PHE A 196 36.21 8.29 -10.74
CA PHE A 196 35.91 9.10 -9.57
C PHE A 196 36.20 8.35 -8.27
N LEU A 197 36.10 7.02 -8.31
CA LEU A 197 36.53 6.22 -7.16
C LEU A 197 38.02 6.38 -6.91
N TRP A 198 38.82 6.15 -7.95
CA TRP A 198 40.25 6.45 -7.86
C TRP A 198 40.47 7.84 -7.29
N LEU A 199 39.73 8.81 -7.82
CA LEU A 199 39.81 10.18 -7.33
C LEU A 199 39.65 10.24 -5.82
N ARG A 200 38.51 9.77 -5.32
CA ARG A 200 38.22 9.95 -3.90
C ARG A 200 39.22 9.22 -3.03
N GLU A 201 39.58 8.00 -3.42
CA GLU A 201 40.57 7.30 -2.63
C GLU A 201 41.87 8.09 -2.57
N ILE A 202 42.26 8.70 -3.69
CA ILE A 202 43.50 9.45 -3.69
C ILE A 202 43.40 10.68 -2.80
N LEU A 203 42.26 11.36 -2.87
CA LEU A 203 42.02 12.49 -1.98
C LEU A 203 42.18 12.07 -0.53
N LEU A 204 41.52 10.96 -0.17
CA LEU A 204 41.58 10.47 1.19
C LEU A 204 43.01 10.19 1.62
N LYS A 205 43.79 9.60 0.71
CA LYS A 205 45.18 9.28 1.03
C LYS A 205 46.01 10.55 1.23
N ARG A 206 45.78 11.56 0.39
CA ARG A 206 46.62 12.75 0.45
C ARG A 206 46.21 13.68 1.58
N TYR A 207 44.95 14.13 1.59
CA TYR A 207 44.48 15.14 2.53
C TYR A 207 43.63 14.49 3.62
N PRO A 208 44.20 14.25 4.80
CA PRO A 208 43.39 13.79 5.92
C PRO A 208 42.88 14.97 6.72
N PHE A 209 41.79 14.71 7.45
CA PHE A 209 41.18 15.72 8.31
C PHE A 209 40.77 16.95 7.52
N ARG A 210 40.19 16.73 6.34
CA ARG A 210 39.64 17.79 5.53
C ARG A 210 38.31 17.33 4.97
N MET A 211 37.42 18.28 4.75
CA MET A 211 36.11 17.98 4.20
C MET A 211 36.22 17.09 2.97
N ILE A 212 35.37 16.07 2.91
CA ILE A 212 35.41 15.11 1.82
C ILE A 212 34.00 14.61 1.53
N PRO A 213 33.50 14.76 0.32
CA PRO A 213 32.12 14.39 0.03
C PRO A 213 31.96 12.89 -0.02
N GLU A 214 30.70 12.46 -0.03
CA GLU A 214 30.38 11.04 -0.08
C GLU A 214 30.79 10.46 -1.43
N LEU A 215 30.56 9.18 -1.59
CA LEU A 215 30.58 8.48 -2.85
C LEU A 215 29.15 8.28 -3.33
N PRO A 216 28.95 7.99 -4.62
CA PRO A 216 27.66 7.49 -5.04
C PRO A 216 27.50 6.05 -4.59
N PRO A 217 26.27 5.58 -4.43
CA PRO A 217 26.07 4.20 -3.96
C PRO A 217 26.76 3.19 -4.87
N LYS A 218 26.88 1.96 -4.37
CA LYS A 218 27.84 1.03 -4.94
C LYS A 218 27.40 0.51 -6.31
N ARG A 219 28.39 0.31 -7.19
CA ARG A 219 28.17 -0.27 -8.51
C ARG A 219 28.16 -1.79 -8.48
N ILE A 220 28.59 -2.42 -7.39
CA ILE A 220 28.57 -3.87 -7.25
C ILE A 220 27.39 -4.23 -6.36
N GLY A 221 26.37 -3.36 -6.34
CA GLY A 221 25.14 -3.69 -5.67
C GLY A 221 24.52 -4.95 -6.19
N SER A 222 23.47 -5.42 -5.49
CA SER A 222 22.79 -6.65 -5.89
C SER A 222 22.24 -6.54 -7.30
N GLN A 223 21.27 -5.64 -7.50
CA GLN A 223 20.66 -5.42 -8.81
C GLN A 223 20.57 -3.92 -9.04
N ASN A 224 21.52 -3.40 -9.83
CA ASN A 224 21.60 -1.99 -10.19
C ASN A 224 21.29 -1.78 -11.68
N ALA A 225 20.31 -2.52 -12.21
CA ALA A 225 20.13 -2.64 -13.64
C ALA A 225 19.57 -1.37 -14.25
N ASP A 226 18.36 -0.96 -13.84
CA ASP A 226 17.66 0.10 -14.55
C ASP A 226 18.34 1.44 -14.33
N GLN A 227 17.83 2.45 -15.04
CA GLN A 227 18.48 3.75 -15.12
C GLN A 227 18.34 4.60 -13.86
N LEU A 228 17.48 4.22 -12.92
CA LEU A 228 17.29 5.06 -11.73
C LEU A 228 18.55 5.12 -10.89
N PHE A 229 19.13 3.97 -10.59
CA PHE A 229 20.34 3.85 -9.79
C PHE A 229 21.58 4.25 -10.55
N LEU A 230 21.41 4.80 -11.74
CA LEU A 230 22.46 5.46 -12.49
C LEU A 230 22.23 6.96 -12.59
N LYS A 231 20.98 7.38 -12.69
CA LYS A 231 20.65 8.80 -12.67
C LYS A 231 20.93 9.40 -11.31
N LYS A 232 20.49 8.72 -10.25
CA LYS A 232 20.91 9.15 -8.92
C LYS A 232 22.41 9.20 -8.83
N ARG A 233 23.11 8.26 -9.48
CA ARG A 233 24.56 8.24 -9.44
C ARG A 233 25.13 9.49 -10.11
N ARG A 234 24.55 9.90 -11.24
CA ARG A 234 25.11 11.05 -11.94
C ARG A 234 24.83 12.36 -11.21
N ILE A 235 23.60 12.51 -10.68
CA ILE A 235 23.29 13.71 -9.90
C ILE A 235 24.17 13.76 -8.65
N GLY A 236 24.24 12.66 -7.91
CA GLY A 236 25.17 12.59 -6.80
C GLY A 236 26.58 12.92 -7.22
N LEU A 237 27.03 12.36 -8.33
CA LEU A 237 28.40 12.54 -8.77
C LEU A 237 28.70 14.00 -9.02
N SER A 238 27.80 14.67 -9.75
CA SER A 238 27.94 16.11 -9.95
C SER A 238 28.05 16.83 -8.62
N ARG A 239 27.15 16.51 -7.69
CA ARG A 239 27.20 17.14 -6.38
C ARG A 239 28.54 16.87 -5.70
N PHE A 240 29.06 15.67 -5.87
CA PHE A 240 30.26 15.26 -5.15
C PHE A 240 31.47 16.04 -5.65
N ILE A 241 31.69 16.02 -6.95
CA ILE A 241 32.82 16.76 -7.50
C ILE A 241 32.65 18.26 -7.24
N ASN A 242 31.48 18.80 -7.55
CA ASN A 242 31.32 20.24 -7.37
C ASN A 242 31.49 20.64 -5.92
N LEU A 243 31.13 19.76 -5.00
CA LEU A 243 31.42 20.03 -3.60
C LEU A 243 32.91 20.02 -3.35
N VAL A 244 33.62 19.05 -3.92
CA VAL A 244 35.07 19.07 -3.86
C VAL A 244 35.60 20.43 -4.31
N MET A 245 34.93 21.04 -5.28
CA MET A 245 35.46 22.26 -5.87
C MET A 245 35.30 23.46 -4.95
N LYS A 246 34.12 23.64 -4.37
CA LYS A 246 33.91 24.80 -3.49
C LYS A 246 34.82 24.74 -2.28
N HIS A 247 35.31 23.56 -1.95
CA HIS A 247 36.17 23.44 -0.79
C HIS A 247 37.56 23.97 -1.11
N PRO A 248 38.20 24.68 -0.18
CA PRO A 248 39.41 25.42 -0.49
C PRO A 248 40.61 24.57 -0.89
N LYS A 249 41.04 23.69 0.01
CA LYS A 249 42.28 22.95 -0.23
C LYS A 249 42.16 22.08 -1.46
N LEU A 250 40.97 21.52 -1.70
CA LEU A 250 40.77 20.72 -2.90
C LEU A 250 40.82 21.58 -4.14
N SER A 251 40.10 22.70 -4.16
CA SER A 251 40.17 23.62 -5.28
C SER A 251 41.60 24.02 -5.58
N ASN A 252 42.45 24.05 -4.55
CA ASN A 252 43.85 24.38 -4.78
C ASN A 252 44.71 23.16 -5.06
N ASP A 253 44.17 21.95 -4.85
CA ASP A 253 44.97 20.74 -5.00
C ASP A 253 45.47 20.59 -6.43
N ASP A 254 46.60 19.90 -6.56
CA ASP A 254 47.16 19.57 -7.85
C ASP A 254 46.46 18.37 -8.46
N LEU A 255 46.14 17.38 -7.63
CA LEU A 255 45.54 16.14 -8.10
C LEU A 255 44.24 16.41 -8.84
N VAL A 256 43.40 17.28 -8.28
CA VAL A 256 42.08 17.50 -8.83
C VAL A 256 42.18 18.06 -10.24
N LEU A 257 42.97 19.12 -10.41
CA LEU A 257 43.02 19.76 -11.72
C LEU A 257 43.56 18.83 -12.79
N THR A 258 44.61 18.06 -12.46
CA THR A 258 45.07 17.04 -13.39
C THR A 258 43.95 16.08 -13.73
N PHE A 259 43.19 15.66 -12.73
CA PHE A 259 42.00 14.87 -13.01
C PHE A 259 41.06 15.62 -13.95
N LEU A 260 41.06 16.95 -13.87
CA LEU A 260 40.20 17.73 -14.74
C LEU A 260 40.83 17.90 -16.12
N THR A 261 41.99 18.55 -16.19
CA THR A 261 42.66 18.80 -17.46
C THR A 261 43.47 17.58 -17.85
N VAL A 262 42.84 16.68 -18.60
CA VAL A 262 43.47 15.47 -19.10
C VAL A 262 42.65 14.94 -20.25
N ARG A 263 43.31 14.49 -21.31
CA ARG A 263 42.61 14.04 -22.51
C ARG A 263 42.87 12.59 -22.85
N THR A 264 43.95 12.01 -22.36
CA THR A 264 44.24 10.60 -22.61
C THR A 264 43.37 9.73 -21.71
N ASP A 265 43.72 8.45 -21.59
CA ASP A 265 42.97 7.55 -20.74
C ASP A 265 43.61 7.44 -19.36
N LEU A 266 42.97 6.63 -18.51
CA LEU A 266 43.42 6.45 -17.13
C LEU A 266 44.78 5.81 -17.06
N THR A 267 45.15 4.98 -18.04
CA THR A 267 46.42 4.26 -17.96
C THR A 267 47.60 5.19 -18.16
N SER A 268 47.56 6.04 -19.20
CA SER A 268 48.64 6.99 -19.39
C SER A 268 48.81 7.83 -18.13
N TRP A 269 47.70 8.26 -17.52
CA TRP A 269 47.81 8.92 -16.24
C TRP A 269 48.50 8.04 -15.21
N ARG A 270 48.14 6.76 -15.17
CA ARG A 270 48.77 5.83 -14.23
C ARG A 270 50.28 5.81 -14.41
N LYS A 271 50.75 6.00 -15.64
CA LYS A 271 52.19 6.15 -15.86
C LYS A 271 52.74 7.32 -15.07
N GLN A 272 52.14 8.50 -15.24
CA GLN A 272 52.53 9.69 -14.48
C GLN A 272 51.68 9.87 -13.22
N ALA A 273 51.19 8.76 -12.64
CA ALA A 273 50.42 8.85 -11.41
C ALA A 273 51.18 9.63 -10.34
N THR A 274 52.32 9.09 -9.90
CA THR A 274 53.34 9.83 -9.17
C THR A 274 52.74 10.64 -8.02
N TYR A 275 51.84 10.01 -7.27
CA TYR A 275 51.28 10.66 -6.11
C TYR A 275 52.21 10.59 -4.91
N ASP A 276 53.42 10.07 -5.09
CA ASP A 276 54.41 10.11 -4.01
C ASP A 276 54.74 11.54 -3.64
N THR A 277 54.65 12.47 -4.59
CA THR A 277 54.86 13.89 -4.28
C THR A 277 53.72 14.43 -3.45
N SER A 278 52.57 13.75 -3.47
CA SER A 278 51.34 14.23 -2.84
C SER A 278 50.99 13.30 -1.67
N ASN A 279 51.42 13.67 -0.46
CA ASN A 279 51.18 12.86 0.72
C ASN A 279 51.05 13.68 1.99
N GLU A 280 51.20 13.03 3.14
CA GLU A 280 50.86 13.62 4.43
C GLU A 280 51.76 14.81 4.75
N PHE A 281 51.16 15.84 5.35
CA PHE A 281 51.89 17.03 5.79
C PHE A 281 52.78 16.65 6.97
N ALA A 282 54.05 16.41 6.70
CA ALA A 282 55.00 16.08 7.76
C ALA A 282 55.72 17.31 8.30
N ASP A 283 55.44 18.49 7.76
CA ASP A 283 56.21 19.69 8.08
C ASP A 283 55.67 20.35 9.34
N LYS A 284 56.57 20.81 10.21
CA LYS A 284 56.14 21.63 11.33
C LYS A 284 55.92 23.06 10.89
N LYS A 285 54.76 23.61 11.27
CA LYS A 285 54.45 25.00 11.00
C LYS A 285 54.05 25.69 12.29
N ILE A 286 54.48 26.94 12.44
CA ILE A 286 54.36 27.67 13.69
C ILE A 286 53.00 28.36 13.73
N SER A 287 52.11 27.87 14.58
CA SER A 287 50.88 28.60 14.88
C SER A 287 51.24 29.92 15.54
N GLN A 288 50.67 31.01 15.02
CA GLN A 288 50.96 32.33 15.56
C GLN A 288 50.71 32.37 17.06
N GLU A 289 49.46 32.22 17.46
CA GLU A 289 49.13 31.94 18.85
C GLU A 289 49.12 30.42 18.99
N PHE A 290 50.17 29.87 19.58
CA PHE A 290 50.22 28.43 19.76
C PHE A 290 49.13 27.96 20.71
N MET A 291 48.47 28.89 21.39
CA MET A 291 47.31 28.60 22.23
C MET A 291 46.19 29.56 21.81
N LYS A 292 45.46 29.19 20.75
CA LYS A 292 44.32 30.03 20.40
C LYS A 292 43.09 29.63 21.19
N MET A 293 42.48 28.48 20.86
CA MET A 293 41.42 27.93 21.70
C MET A 293 41.36 26.40 21.63
N TRP A 294 42.43 25.73 21.22
CA TRP A 294 42.31 24.37 20.68
C TRP A 294 41.84 23.36 21.73
N LYS A 295 41.97 23.69 23.03
CA LYS A 295 41.44 22.84 24.09
C LYS A 295 40.67 23.60 25.15
N LYS A 296 40.84 24.92 25.26
CA LYS A 296 40.14 25.66 26.29
C LYS A 296 38.64 25.58 26.09
N GLU A 297 38.19 25.67 24.84
CA GLU A 297 36.77 25.46 24.55
C GLU A 297 36.51 24.62 23.32
N PHE A 298 37.44 24.52 22.38
CA PHE A 298 37.14 23.85 21.13
C PHE A 298 37.04 22.34 21.31
N ALA A 299 37.73 21.80 22.31
CA ALA A 299 37.64 20.37 22.58
C ALA A 299 36.21 19.95 22.84
N GLU A 300 35.62 20.46 23.93
CA GLU A 300 34.21 20.24 24.17
C GLU A 300 33.37 20.71 22.98
N GLN A 301 33.81 21.77 22.31
CA GLN A 301 33.04 22.32 21.21
C GLN A 301 32.72 21.25 20.19
N TRP A 302 33.74 20.64 19.59
CA TRP A 302 33.39 19.64 18.60
C TRP A 302 33.14 18.27 19.22
N ASN A 303 33.46 18.07 20.49
CA ASN A 303 32.97 16.85 21.14
C ASN A 303 31.45 16.81 21.11
N GLN A 304 30.82 17.96 21.34
CA GLN A 304 29.36 18.02 21.30
C GLN A 304 28.86 17.81 19.87
N ALA A 305 29.55 18.40 18.90
CA ALA A 305 29.19 18.21 17.50
C ALA A 305 29.29 16.76 17.10
N ALA A 306 30.17 15.99 17.74
CA ALA A 306 30.35 14.60 17.38
C ALA A 306 29.04 13.83 17.42
N SER A 307 28.18 14.12 18.39
CA SER A 307 26.89 13.46 18.51
C SER A 307 25.78 14.25 17.84
N CYS A 308 25.83 15.57 17.98
CA CYS A 308 24.82 16.37 17.32
C CYS A 308 24.81 16.13 15.83
N ILE A 309 25.92 15.71 15.24
CA ILE A 309 25.94 15.54 13.81
C ILE A 309 25.14 14.32 13.39
N ASP A 310 25.21 13.23 14.15
CA ASP A 310 24.39 12.08 13.80
C ASP A 310 22.92 12.41 14.02
N THR A 311 22.62 13.11 15.12
CA THR A 311 21.24 13.53 15.33
C THR A 311 20.73 14.35 14.15
N SER A 312 21.42 15.44 13.84
CA SER A 312 20.98 16.35 12.80
C SER A 312 21.02 15.71 11.42
N MET A 313 21.89 14.71 11.24
CA MET A 313 21.91 14.01 9.97
C MET A 313 20.62 13.23 9.77
N GLU A 314 20.20 12.47 10.79
CA GLU A 314 18.90 11.82 10.70
C GLU A 314 17.80 12.85 10.44
N LEU A 315 17.82 13.95 11.20
CA LEU A 315 16.78 14.96 11.04
C LEU A 315 16.71 15.48 9.61
N TRP A 316 17.81 16.01 9.11
CA TRP A 316 17.78 16.61 7.78
C TRP A 316 17.48 15.57 6.72
N TYR A 317 17.90 14.33 6.92
CA TYR A 317 17.53 13.29 5.97
C TYR A 317 16.02 13.13 5.95
N ARG A 318 15.40 13.05 7.13
CA ARG A 318 13.96 12.92 7.17
C ARG A 318 13.29 14.09 6.48
N ILE A 319 13.87 15.29 6.61
CA ILE A 319 13.24 16.48 6.06
C ILE A 319 13.24 16.44 4.54
N THR A 320 14.41 16.18 3.96
CA THR A 320 14.42 16.12 2.50
C THR A 320 13.66 14.91 1.98
N LEU A 321 13.61 13.83 2.76
CA LEU A 321 12.73 12.73 2.43
C LEU A 321 11.29 13.20 2.34
N LEU A 322 10.85 14.01 3.31
CA LEU A 322 9.49 14.50 3.31
C LEU A 322 9.20 15.33 2.07
N LEU A 323 10.18 16.12 1.64
CA LEU A 323 9.97 16.87 0.41
C LEU A 323 9.84 15.96 -0.81
N GLU A 324 10.70 14.95 -0.91
CA GLU A 324 10.55 14.00 -2.02
C GLU A 324 9.18 13.32 -1.97
N ARG A 325 8.69 13.04 -0.78
CA ARG A 325 7.38 12.41 -0.64
C ARG A 325 6.28 13.34 -1.09
N HIS A 326 6.36 14.62 -0.71
CA HIS A 326 5.42 15.61 -1.22
C HIS A 326 5.42 15.61 -2.73
N GLU A 327 6.59 15.48 -3.33
CA GLU A 327 6.63 15.51 -4.78
C GLU A 327 5.93 14.30 -5.38
N LYS A 328 6.24 13.11 -4.89
CA LYS A 328 5.59 11.92 -5.43
C LYS A 328 4.09 11.97 -5.19
N ARG A 329 3.68 12.52 -4.05
CA ARG A 329 2.26 12.79 -3.82
C ARG A 329 1.67 13.57 -4.97
N ILE A 330 2.24 14.73 -5.26
CA ILE A 330 1.63 15.59 -6.27
C ILE A 330 1.65 14.91 -7.63
N MET A 331 2.63 14.06 -7.90
CA MET A 331 2.65 13.36 -9.18
C MET A 331 1.51 12.35 -9.25
N GLN A 332 1.26 11.63 -8.17
CA GLN A 332 0.10 10.76 -8.13
C GLN A 332 -1.18 11.57 -8.31
N MET A 333 -1.20 12.78 -7.75
CA MET A 333 -2.39 13.62 -7.84
C MET A 333 -2.64 14.03 -9.27
N VAL A 334 -1.61 14.40 -10.01
CA VAL A 334 -1.82 14.78 -11.40
C VAL A 334 -2.21 13.56 -12.23
N HIS A 335 -1.71 12.38 -11.86
CA HIS A 335 -2.22 11.15 -12.46
C HIS A 335 -3.74 11.09 -12.36
N GLU A 336 -4.25 11.08 -11.12
CA GLU A 336 -5.69 10.92 -11.00
C GLU A 336 -6.43 12.15 -11.50
N ARG A 337 -5.76 13.29 -11.59
CA ARG A 337 -6.40 14.47 -12.15
C ARG A 337 -6.69 14.27 -13.63
N ASN A 338 -5.72 13.71 -14.36
CA ASN A 338 -6.00 13.45 -15.76
C ASN A 338 -7.05 12.36 -15.92
N PHE A 339 -7.04 11.38 -15.00
CA PHE A 339 -8.15 10.43 -14.99
C PHE A 339 -9.48 11.14 -14.81
N PHE A 340 -9.50 12.15 -13.94
CA PHE A 340 -10.69 12.95 -13.70
C PHE A 340 -11.13 13.66 -14.96
N GLU A 341 -10.16 14.13 -15.74
CA GLU A 341 -10.49 14.76 -17.00
C GLU A 341 -11.17 13.77 -17.94
N THR A 342 -10.59 12.58 -18.05
CA THR A 342 -11.24 11.53 -18.84
C THR A 342 -12.68 11.33 -18.41
N LEU A 343 -12.90 11.25 -17.09
CA LEU A 343 -14.23 11.03 -16.57
C LEU A 343 -15.17 12.16 -16.96
N VAL A 344 -14.75 13.42 -16.76
CA VAL A 344 -15.68 14.52 -17.01
C VAL A 344 -15.96 14.63 -18.49
N ASP A 345 -15.04 14.22 -19.36
CA ASP A 345 -15.35 14.20 -20.78
C ASP A 345 -16.41 13.14 -21.08
N ASN A 346 -16.21 11.93 -20.58
CA ASN A 346 -17.22 10.91 -20.77
C ASN A 346 -18.56 11.36 -20.19
N PHE A 347 -18.51 12.11 -19.09
CA PHE A 347 -19.75 12.55 -18.46
C PHE A 347 -20.45 13.61 -19.27
N SER A 348 -19.69 14.55 -19.83
CA SER A 348 -20.27 15.48 -20.78
C SER A 348 -20.95 14.72 -21.91
N GLU A 349 -20.29 13.69 -22.42
CA GLU A 349 -20.86 13.00 -23.57
C GLU A 349 -22.10 12.19 -23.21
N VAL A 350 -22.21 11.75 -21.95
CA VAL A 350 -23.38 10.99 -21.54
C VAL A 350 -24.40 11.84 -20.81
N THR A 351 -24.19 13.15 -20.74
CA THR A 351 -25.25 14.02 -20.24
C THR A 351 -26.42 14.14 -21.22
N PRO A 352 -26.22 14.39 -22.51
CA PRO A 352 -27.39 14.46 -23.39
C PRO A 352 -28.13 13.15 -23.51
N LYS A 353 -27.40 12.06 -23.76
CA LYS A 353 -28.01 10.75 -23.80
C LYS A 353 -28.86 10.47 -22.58
N LEU A 354 -28.58 11.14 -21.47
CA LEU A 354 -29.38 11.01 -20.26
C LEU A 354 -30.26 12.22 -19.99
N TYR A 355 -29.87 13.39 -20.47
CA TYR A 355 -30.68 14.60 -20.31
C TYR A 355 -31.16 15.06 -21.67
N PRO A 356 -32.46 15.06 -21.90
CA PRO A 356 -32.97 15.28 -23.26
C PRO A 356 -32.51 16.61 -23.82
N VAL A 357 -32.07 16.59 -25.07
CA VAL A 357 -31.61 17.80 -25.73
C VAL A 357 -32.75 18.45 -26.49
N GLN A 358 -33.38 17.68 -27.40
CA GLN A 358 -34.44 18.22 -28.24
C GLN A 358 -35.56 18.82 -27.40
N GLN A 359 -35.65 18.47 -26.13
CA GLN A 359 -36.55 19.15 -25.22
C GLN A 359 -35.85 20.28 -24.49
N ASN A 360 -34.79 19.97 -23.77
CA ASN A 360 -34.11 20.93 -22.92
C ASN A 360 -32.74 21.25 -23.50
N ASP A 361 -32.41 22.55 -23.54
CA ASP A 361 -31.15 23.03 -24.09
C ASP A 361 -30.13 23.42 -23.04
N THR A 362 -30.56 23.80 -21.85
CA THR A 362 -29.64 24.22 -20.80
C THR A 362 -28.54 23.19 -20.59
N ILE A 363 -28.83 21.92 -20.85
CA ILE A 363 -27.82 20.87 -20.75
C ILE A 363 -26.62 21.21 -21.61
N LEU A 364 -26.83 21.84 -22.76
CA LEU A 364 -25.69 22.23 -23.58
C LEU A 364 -24.84 23.27 -22.87
N ASP A 365 -25.49 24.25 -22.24
CA ASP A 365 -24.77 25.20 -21.40
C ASP A 365 -23.91 24.46 -20.38
N ILE A 366 -24.50 23.47 -19.70
CA ILE A 366 -23.79 22.87 -18.56
C ILE A 366 -22.68 21.95 -19.02
N ASN A 367 -22.92 21.16 -20.07
CA ASN A 367 -21.84 20.31 -20.56
C ASN A 367 -20.88 21.06 -21.46
N ASN A 368 -21.07 22.37 -21.63
CA ASN A 368 -19.97 23.18 -22.12
C ASN A 368 -19.21 23.83 -20.96
N ASN A 369 -19.91 24.12 -19.87
CA ASN A 369 -19.21 24.45 -18.64
C ASN A 369 -18.26 23.32 -18.24
N LEU A 370 -18.69 22.08 -18.39
CA LEU A 370 -17.81 20.97 -18.07
C LEU A 370 -16.66 20.88 -19.07
N SER A 371 -16.83 21.38 -20.28
CA SER A 371 -15.69 21.47 -21.18
C SER A 371 -14.71 22.52 -20.68
N ILE A 372 -15.24 23.63 -20.20
CA ILE A 372 -14.40 24.61 -19.51
C ILE A 372 -13.62 23.92 -18.39
N ILE A 373 -14.28 23.00 -17.69
CA ILE A 373 -13.64 22.36 -16.54
C ILE A 373 -12.62 21.32 -16.97
N LYS A 374 -12.89 20.59 -18.05
CA LYS A 374 -11.90 19.65 -18.54
C LYS A 374 -10.66 20.38 -19.02
N LYS A 375 -10.83 21.54 -19.67
CA LYS A 375 -9.68 22.33 -20.07
C LYS A 375 -8.95 22.87 -18.84
N HIS A 376 -9.70 23.30 -17.83
CA HIS A 376 -9.10 23.73 -16.58
C HIS A 376 -8.23 22.62 -16.01
N LEU A 377 -8.77 21.41 -15.93
CA LEU A 377 -8.04 20.31 -15.33
C LEU A 377 -6.82 19.96 -16.17
N GLU A 378 -6.95 20.05 -17.49
CA GLU A 378 -5.79 19.83 -18.35
C GLU A 378 -4.67 20.80 -17.98
N THR A 379 -4.99 22.10 -17.94
CA THR A 379 -3.97 23.08 -17.61
C THR A 379 -3.45 22.89 -16.19
N THR A 380 -4.35 22.58 -15.25
CA THR A 380 -3.97 22.45 -13.86
C THR A 380 -3.02 21.27 -13.68
N SER A 381 -3.34 20.15 -14.31
CA SER A 381 -2.47 18.99 -14.23
C SER A 381 -1.14 19.25 -14.90
N SER A 382 -1.15 19.92 -16.06
CA SER A 382 0.10 20.24 -16.72
C SER A 382 1.00 21.08 -15.82
N ILE A 383 0.43 22.09 -15.17
CA ILE A 383 1.26 22.93 -14.33
C ILE A 383 1.62 22.23 -13.04
N CYS A 384 0.78 21.31 -12.58
CA CYS A 384 1.21 20.44 -11.49
C CYS A 384 2.49 19.71 -11.88
N LYS A 385 2.47 19.04 -13.03
CA LYS A 385 3.65 18.29 -13.48
C LYS A 385 4.84 19.20 -13.69
N GLN A 386 4.60 20.42 -14.17
CA GLN A 386 5.68 21.39 -14.32
C GLN A 386 6.30 21.72 -12.98
N GLU A 387 5.46 22.02 -11.98
CA GLU A 387 5.98 22.22 -10.64
C GLU A 387 6.79 21.01 -10.21
N THR A 388 6.26 19.81 -10.43
CA THR A 388 6.98 18.61 -10.02
C THR A 388 8.38 18.62 -10.59
N GLU A 389 8.49 18.50 -11.90
CA GLU A 389 9.81 18.37 -12.52
C GLU A 389 10.67 19.59 -12.20
N GLU A 390 10.29 20.77 -12.70
CA GLU A 390 11.16 21.93 -12.52
C GLU A 390 11.42 22.18 -11.05
N ILE A 391 10.37 22.51 -10.31
CA ILE A 391 10.53 22.98 -8.94
C ILE A 391 11.24 21.93 -8.10
N SER A 392 10.72 20.71 -8.04
CA SER A 392 11.30 19.77 -7.09
C SER A 392 12.64 19.23 -7.57
N GLY A 393 12.81 18.96 -8.87
CA GLY A 393 14.10 18.52 -9.36
C GLY A 393 15.20 19.52 -9.12
N THR A 394 14.88 20.82 -9.20
CA THR A 394 15.88 21.85 -8.94
C THR A 394 15.88 22.34 -7.51
N LEU A 395 14.93 21.90 -6.71
CA LEU A 395 14.90 22.20 -5.28
C LEU A 395 15.68 21.17 -4.49
N SER A 396 15.65 19.92 -4.94
CA SER A 396 16.24 18.83 -4.16
C SER A 396 17.71 19.04 -3.88
N PRO A 397 18.57 19.37 -4.86
CA PRO A 397 19.97 19.64 -4.52
C PRO A 397 20.15 20.70 -3.46
N LYS A 398 19.37 21.79 -3.53
CA LYS A 398 19.43 22.82 -2.50
C LYS A 398 19.31 22.23 -1.11
N PHE A 399 18.61 21.12 -0.96
CA PHE A 399 18.53 20.42 0.31
C PHE A 399 19.66 19.41 0.48
N LYS A 400 19.91 18.60 -0.56
CA LYS A 400 20.82 17.47 -0.43
C LYS A 400 22.24 17.92 -0.12
N ILE A 401 22.63 19.10 -0.59
CA ILE A 401 24.00 19.55 -0.35
C ILE A 401 24.27 19.66 1.13
N PHE A 402 23.28 20.11 1.89
CA PHE A 402 23.46 20.13 3.33
C PHE A 402 23.68 18.74 3.88
N THR A 403 22.89 17.76 3.42
CA THR A 403 23.06 16.39 3.89
C THR A 403 24.44 15.88 3.57
N ASP A 404 24.96 16.25 2.41
CA ASP A 404 26.25 15.71 2.01
C ASP A 404 27.39 16.36 2.77
N ILE A 405 27.30 17.67 3.03
CA ILE A 405 28.35 18.25 3.85
C ILE A 405 28.22 17.74 5.28
N LEU A 406 27.01 17.45 5.73
CA LEU A 406 26.84 16.91 7.07
C LEU A 406 27.53 15.56 7.20
N LEU A 407 27.20 14.62 6.33
CA LEU A 407 27.84 13.32 6.43
C LEU A 407 29.31 13.38 6.04
N SER A 408 29.74 14.44 5.34
CA SER A 408 31.17 14.65 5.17
C SER A 408 31.84 14.98 6.50
N LEU A 409 31.23 15.86 7.30
CA LEU A 409 31.78 16.09 8.63
C LEU A 409 31.65 14.85 9.51
N ARG A 410 30.65 14.02 9.23
CA ARG A 410 30.57 12.74 9.92
C ARG A 410 31.80 11.90 9.64
N SER A 411 32.09 11.66 8.36
CA SER A 411 33.31 10.96 7.97
C SER A 411 34.53 11.60 8.63
N LEU A 412 34.55 12.93 8.68
CA LEU A 412 35.70 13.62 9.25
C LEU A 412 35.88 13.29 10.72
N PHE A 413 34.81 13.42 11.50
CA PHE A 413 34.98 13.16 12.92
C PHE A 413 35.25 11.70 13.17
N GLU A 414 34.79 10.81 12.28
CA GLU A 414 35.18 9.42 12.40
C GLU A 414 36.68 9.26 12.24
N ARG A 415 37.22 9.70 11.09
CA ARG A 415 38.65 9.63 10.88
C ARG A 415 39.40 10.27 12.03
N TYR A 416 38.93 11.40 12.51
CA TYR A 416 39.65 12.15 13.52
C TYR A 416 39.67 11.39 14.83
N LYS A 417 38.51 10.91 15.29
CA LYS A 417 38.48 10.16 16.52
C LYS A 417 39.41 8.97 16.44
N ILE A 418 39.35 8.23 15.34
CA ILE A 418 40.10 6.98 15.29
C ILE A 418 41.57 7.19 14.97
N MET A 419 41.99 8.38 14.55
CA MET A 419 43.42 8.59 14.41
C MET A 419 44.01 9.35 15.59
N ALA A 420 43.31 10.37 16.09
CA ALA A 420 43.68 10.99 17.36
C ALA A 420 43.59 10.01 18.53
N ALA A 421 42.98 8.84 18.33
CA ALA A 421 43.20 7.75 19.28
C ALA A 421 44.68 7.47 19.46
N ASN A 422 45.49 7.74 18.43
CA ASN A 422 46.94 7.61 18.58
C ASN A 422 47.45 8.61 19.60
N ASN A 423 46.99 9.86 19.51
CA ASN A 423 47.37 10.83 20.54
C ASN A 423 46.79 10.46 21.89
N VAL A 424 45.68 9.72 21.89
CA VAL A 424 45.12 9.22 23.15
C VAL A 424 46.12 8.27 23.81
N VAL A 425 46.56 7.28 23.06
CA VAL A 425 47.56 6.35 23.58
C VAL A 425 48.84 7.07 23.94
N GLU A 426 49.18 8.12 23.18
CA GLU A 426 50.41 8.85 23.46
C GLU A 426 50.31 9.66 24.75
N LEU A 427 49.13 10.20 25.05
CA LEU A 427 48.95 10.91 26.32
C LEU A 427 48.88 9.94 27.49
N GLN A 428 48.36 8.74 27.25
CA GLN A 428 48.44 7.72 28.29
C GLN A 428 49.89 7.34 28.56
N ARG A 429 50.70 7.22 27.50
CA ARG A 429 52.13 7.04 27.69
C ARG A 429 52.76 8.26 28.34
N HIS A 430 52.20 9.45 28.10
CA HIS A 430 52.68 10.65 28.76
C HIS A 430 52.57 10.52 30.27
N VAL A 431 51.40 10.13 30.76
CA VAL A 431 51.24 9.98 32.21
C VAL A 431 52.05 8.80 32.72
N GLU A 432 52.11 7.71 31.94
CA GLU A 432 52.87 6.53 32.35
C GLU A 432 54.35 6.87 32.51
N LEU A 433 54.89 7.66 31.59
CA LEU A 433 56.30 8.02 31.67
C LEU A 433 56.56 9.09 32.70
N ASN A 434 55.63 10.03 32.89
CA ASN A 434 55.73 10.92 34.03
C ASN A 434 55.91 10.13 35.31
N LYS A 435 55.07 9.10 35.50
CA LYS A 435 55.14 8.29 36.72
C LYS A 435 56.44 7.50 36.80
N GLU A 436 56.78 6.77 35.75
CA GLU A 436 57.98 5.92 35.80
C GLU A 436 59.25 6.76 35.92
N LYS A 437 59.24 7.99 35.41
CA LYS A 437 60.44 8.82 35.50
C LYS A 437 60.53 9.56 36.82
N LEU A 438 59.39 9.82 37.48
CA LEU A 438 59.48 10.33 38.84
C LEU A 438 59.90 9.25 39.81
N GLU A 439 59.45 8.00 39.58
CA GLU A 439 60.00 6.87 40.34
C GLU A 439 61.45 6.60 39.96
N SER A 440 61.86 7.03 38.77
CA SER A 440 63.22 6.79 38.33
C SER A 440 64.22 7.54 39.20
N MET A 441 63.81 8.66 39.79
CA MET A 441 64.76 9.51 40.51
C MET A 441 65.10 8.90 41.88
N LYS A 442 65.62 7.67 41.80
CA LYS A 442 66.41 7.09 42.87
C LYS A 442 67.87 7.51 42.76
N GLY A 443 68.17 8.49 41.91
CA GLY A 443 69.51 8.88 41.60
C GLY A 443 70.24 7.95 40.65
N LYS A 444 69.60 6.87 40.22
CA LYS A 444 70.27 5.77 39.54
C LYS A 444 71.46 5.29 40.38
N PRO A 445 71.24 4.96 41.65
CA PRO A 445 72.35 4.97 42.62
C PRO A 445 73.39 3.90 42.38
N ASP A 446 72.96 2.70 42.02
CA ASP A 446 73.91 1.64 41.75
C ASP A 446 74.76 1.98 40.53
N VAL A 447 76.05 1.65 40.61
CA VAL A 447 76.96 1.85 39.49
C VAL A 447 76.62 0.80 38.43
N SER A 448 75.84 1.21 37.44
CA SER A 448 75.34 0.28 36.43
C SER A 448 75.27 1.02 35.10
N GLY A 449 76.19 0.68 34.20
CA GLY A 449 76.11 1.23 32.84
C GLY A 449 74.96 0.66 32.06
N ALA A 450 74.56 -0.58 32.38
CA ALA A 450 73.42 -1.18 31.71
C ALA A 450 72.15 -0.40 31.99
N GLU A 451 71.84 -0.19 33.27
CA GLU A 451 70.64 0.57 33.63
C GLU A 451 70.73 2.00 33.10
N TYR A 452 71.89 2.64 33.28
CA TYR A 452 72.12 3.97 32.73
C TYR A 452 71.78 4.05 31.25
N ASP A 453 72.43 3.24 30.42
CA ASP A 453 72.21 3.32 28.97
C ASP A 453 70.79 2.92 28.59
N ARG A 454 70.23 1.91 29.24
CA ARG A 454 68.88 1.49 28.87
C ARG A 454 67.88 2.59 29.15
N ILE A 455 67.90 3.17 30.35
CA ILE A 455 66.90 4.20 30.62
C ILE A 455 67.26 5.51 29.94
N LYS A 456 68.51 5.69 29.53
CA LYS A 456 68.84 6.84 28.69
C LYS A 456 68.21 6.69 27.31
N LYS A 457 68.35 5.51 26.70
CA LYS A 457 67.65 5.25 25.44
C LYS A 457 66.15 5.44 25.62
N ILE A 458 65.60 4.92 26.73
CA ILE A 458 64.19 5.10 27.04
C ILE A 458 63.81 6.57 26.98
N ILE A 459 64.49 7.40 27.78
CA ILE A 459 64.08 8.79 27.90
C ILE A 459 64.31 9.53 26.58
N GLN A 460 65.36 9.20 25.83
CA GLN A 460 65.64 9.97 24.62
C GLN A 460 64.62 9.65 23.52
N LYS A 461 64.33 8.37 23.31
CA LYS A 461 63.33 8.02 22.31
C LYS A 461 61.96 8.53 22.74
N ASP A 462 61.67 8.51 24.04
CA ASP A 462 60.40 9.05 24.50
C ASP A 462 60.34 10.57 24.33
N ARG A 463 61.48 11.25 24.43
CA ARG A 463 61.51 12.70 24.27
C ARG A 463 61.27 13.10 22.82
N ARG A 464 62.01 12.50 21.88
CA ARG A 464 61.70 12.75 20.48
C ARG A 464 60.26 12.34 20.18
N SER A 465 59.75 11.32 20.87
CA SER A 465 58.37 10.90 20.68
C SER A 465 57.40 11.98 21.11
N ILE A 466 57.62 12.56 22.29
CA ILE A 466 56.66 13.55 22.79
C ILE A 466 56.71 14.80 21.94
N ILE A 467 57.89 15.17 21.44
CA ILE A 467 57.93 16.36 20.59
C ILE A 467 57.24 16.09 19.26
N GLU A 468 57.42 14.89 18.70
CA GLU A 468 56.79 14.60 17.41
C GLU A 468 55.27 14.49 17.56
N GLN A 469 54.80 13.95 18.69
CA GLN A 469 53.36 13.83 18.89
C GLN A 469 52.73 15.19 19.17
N SER A 470 53.46 16.09 19.83
CA SER A 470 52.92 17.44 20.01
C SER A 470 52.85 18.16 18.67
N ASN A 471 53.91 18.06 17.86
CA ASN A 471 53.87 18.56 16.49
C ASN A 471 52.63 18.04 15.78
N ARG A 472 52.40 16.72 15.83
CA ARG A 472 51.26 16.14 15.12
C ARG A 472 49.93 16.57 15.72
N ALA A 473 49.86 16.71 17.04
CA ALA A 473 48.61 17.10 17.68
C ALA A 473 48.17 18.48 17.23
N TRP A 474 49.10 19.44 17.29
CA TRP A 474 48.76 20.78 16.82
C TRP A 474 48.50 20.78 15.31
N LEU A 475 49.29 20.03 14.55
CA LEU A 475 49.09 19.98 13.11
C LEU A 475 47.76 19.35 12.74
N ILE A 476 47.16 18.60 13.66
CA ILE A 476 45.84 18.05 13.43
C ILE A 476 44.77 19.06 13.79
N ARG A 477 44.84 19.59 15.01
CA ARG A 477 43.83 20.53 15.47
C ARG A 477 43.67 21.68 14.49
N GLN A 478 44.78 22.14 13.90
CA GLN A 478 44.67 23.24 12.95
C GLN A 478 43.76 22.87 11.79
N CYS A 479 43.93 21.66 11.23
CA CYS A 479 43.08 21.26 10.12
C CYS A 479 41.64 21.09 10.57
N ILE A 480 41.45 20.66 11.82
CA ILE A 480 40.10 20.63 12.38
C ILE A 480 39.43 22.00 12.24
N LEU A 481 40.17 23.06 12.61
CA LEU A 481 39.59 24.39 12.50
C LEU A 481 39.36 24.78 11.03
N GLU A 482 40.33 24.47 10.17
CA GLU A 482 40.17 24.76 8.75
C GLU A 482 38.89 24.16 8.21
N GLU A 483 38.45 23.03 8.77
CA GLU A 483 37.20 22.45 8.32
C GLU A 483 35.99 23.11 8.98
N PHE A 484 36.11 23.43 10.26
CA PHE A 484 35.06 24.21 10.92
C PHE A 484 34.65 25.42 10.11
N THR A 485 35.58 25.97 9.34
CA THR A 485 35.25 27.11 8.51
C THR A 485 34.08 26.82 7.56
N ILE A 486 34.30 25.93 6.59
CA ILE A 486 33.24 25.75 5.63
C ILE A 486 32.03 25.12 6.29
N PHE A 487 32.20 24.50 7.46
CA PHE A 487 30.99 24.05 8.15
C PHE A 487 30.15 25.25 8.56
N GLN A 488 30.80 26.31 9.03
CA GLN A 488 30.06 27.52 9.33
C GLN A 488 29.53 28.20 8.08
N GLU A 489 30.02 27.80 6.90
CA GLU A 489 29.33 28.20 5.68
C GLU A 489 28.03 27.41 5.48
N THR A 490 28.09 26.10 5.71
CA THR A 490 26.87 25.29 5.65
C THR A 490 25.77 25.88 6.51
N GLN A 491 26.18 26.53 7.61
CA GLN A 491 25.25 27.30 8.42
C GLN A 491 24.30 28.12 7.56
N PHE A 492 24.83 29.07 6.80
CA PHE A 492 23.99 29.85 5.91
C PHE A 492 23.37 29.00 4.82
N LEU A 493 23.96 27.85 4.52
CA LEU A 493 23.36 27.02 3.48
C LEU A 493 21.97 26.54 3.88
N ILE A 494 21.77 26.22 5.15
CA ILE A 494 20.42 25.77 5.54
C ILE A 494 19.42 26.91 5.34
N THR A 495 19.86 28.15 5.58
CA THR A 495 19.04 29.31 5.29
C THR A 495 18.60 29.31 3.85
N ARG A 496 19.57 29.19 2.94
CA ARG A 496 19.23 29.19 1.53
C ARG A 496 18.21 28.10 1.22
N ALA A 497 18.41 26.93 1.83
CA ALA A 497 17.51 25.82 1.59
C ALA A 497 16.08 26.19 1.92
N PHE A 498 15.84 26.62 3.16
CA PHE A 498 14.45 26.84 3.57
C PHE A 498 13.83 28.00 2.81
N GLN A 499 14.60 29.04 2.53
CA GLN A 499 14.01 30.19 1.84
C GLN A 499 13.61 29.83 0.41
N ASP A 500 14.47 29.09 -0.30
CA ASP A 500 14.09 28.63 -1.63
C ASP A 500 12.86 27.73 -1.55
N TRP A 501 12.80 26.88 -0.52
CA TRP A 501 11.65 26.01 -0.36
C TRP A 501 10.37 26.83 -0.32
N ALA A 502 10.30 27.75 0.64
CA ALA A 502 9.09 28.54 0.78
C ALA A 502 8.79 29.29 -0.50
N LYS A 503 9.81 29.83 -1.15
CA LYS A 503 9.56 30.64 -2.34
C LYS A 503 8.91 29.81 -3.43
N LEU A 504 9.45 28.63 -3.70
CA LEU A 504 8.92 27.86 -4.81
C LEU A 504 7.57 27.25 -4.48
N ASN A 505 7.33 26.89 -3.22
CA ASN A 505 5.97 26.55 -2.82
C ASN A 505 5.03 27.71 -3.11
N SER A 506 5.47 28.94 -2.82
CA SER A 506 4.61 30.09 -3.05
C SER A 506 4.32 30.26 -4.52
N ASN A 507 5.33 30.08 -5.37
CA ASN A 507 5.09 30.18 -6.81
C ASN A 507 4.04 29.17 -7.24
N HIS A 508 4.18 27.93 -6.78
CA HIS A 508 3.23 26.90 -7.17
C HIS A 508 1.83 27.25 -6.69
N ALA A 509 1.71 27.63 -5.43
CA ALA A 509 0.40 27.96 -4.89
C ALA A 509 -0.21 29.14 -5.62
N GLY A 510 0.63 30.11 -6.01
CA GLY A 510 0.11 31.26 -6.71
C GLY A 510 -0.46 30.90 -8.05
N LEU A 511 0.29 30.10 -8.82
CA LEU A 511 -0.24 29.66 -10.10
C LEU A 511 -1.52 28.87 -9.90
N LYS A 512 -1.58 28.04 -8.86
CA LYS A 512 -2.77 27.22 -8.67
C LYS A 512 -3.97 28.09 -8.28
N LEU A 513 -3.75 29.10 -7.44
CA LEU A 513 -4.83 30.01 -7.09
C LEU A 513 -5.33 30.74 -8.32
N ASN A 514 -4.40 31.23 -9.14
CA ASN A 514 -4.82 31.92 -10.35
C ASN A 514 -5.65 31.00 -11.22
N GLU A 515 -5.24 29.73 -11.34
CA GLU A 515 -6.02 28.80 -12.13
C GLU A 515 -7.41 28.60 -11.55
N TRP A 516 -7.50 28.43 -10.23
CA TRP A 516 -8.81 28.20 -9.64
C TRP A 516 -9.73 29.38 -9.88
N GLU A 517 -9.32 30.57 -9.45
CA GLU A 517 -10.17 31.73 -9.61
C GLU A 517 -10.50 31.97 -11.09
N LYS A 518 -9.56 31.67 -11.98
CA LYS A 518 -9.85 31.76 -13.41
C LYS A 518 -10.95 30.78 -13.79
N LEU A 519 -10.95 29.61 -13.18
CA LEU A 519 -11.97 28.63 -13.48
C LEU A 519 -13.33 29.08 -13.01
N VAL A 520 -13.40 29.64 -11.79
CA VAL A 520 -14.68 30.01 -11.17
C VAL A 520 -15.57 30.72 -12.18
N THR A 521 -14.97 31.49 -13.06
CA THR A 521 -15.66 32.09 -14.18
C THR A 521 -16.10 31.01 -15.17
N ALA B 149 -38.85 20.74 3.21
CA ALA B 149 -38.65 20.45 4.62
C ALA B 149 -37.26 19.89 4.85
N ASP B 150 -36.27 20.77 4.86
CA ASP B 150 -34.88 20.34 5.01
C ASP B 150 -34.71 19.88 6.44
N ILE B 151 -35.06 18.61 6.69
CA ILE B 151 -35.02 18.01 8.02
C ILE B 151 -33.69 17.28 8.18
N ILE B 152 -33.19 17.23 9.41
CA ILE B 152 -31.87 16.68 9.69
C ILE B 152 -32.02 15.52 10.65
N ILE B 153 -31.15 14.52 10.51
CA ILE B 153 -31.20 13.30 11.30
C ILE B 153 -29.82 13.07 11.88
N ILE B 154 -29.59 13.61 13.07
CA ILE B 154 -28.30 13.59 13.73
C ILE B 154 -28.55 13.07 15.13
N GLU B 155 -27.49 12.63 15.80
CA GLU B 155 -27.58 12.05 17.14
C GLU B 155 -28.40 10.77 17.09
N GLU B 156 -28.03 9.91 16.13
CA GLU B 156 -28.55 8.56 16.12
C GLU B 156 -28.13 7.86 17.42
N ILE B 157 -29.08 7.23 18.09
CA ILE B 157 -28.79 6.64 19.40
C ILE B 157 -29.37 5.24 19.50
N PRO B 158 -28.55 4.19 19.48
CA PRO B 158 -29.04 2.86 19.87
C PRO B 158 -29.02 2.72 21.39
N GLU B 159 -29.38 1.56 21.92
CA GLU B 159 -29.04 1.29 23.30
C GLU B 159 -27.51 1.36 23.46
N ARG B 160 -27.06 1.75 24.65
CA ARG B 160 -25.71 2.30 24.83
C ARG B 160 -24.63 1.39 24.26
N GLU B 161 -23.49 2.00 23.92
CA GLU B 161 -22.45 1.32 23.18
C GLU B 161 -21.76 0.24 24.03
N GLY B 162 -21.41 -0.85 23.36
CA GLY B 162 -20.67 -1.92 24.00
C GLY B 162 -20.02 -2.77 22.95
N LEU B 163 -19.80 -4.04 23.26
CA LEU B 163 -19.35 -4.97 22.23
C LEU B 163 -20.38 -5.09 21.13
N LEU B 164 -21.65 -5.15 21.49
CA LEU B 164 -22.73 -5.49 20.58
C LEU B 164 -22.99 -4.35 19.59
N PHE B 165 -24.02 -4.52 18.79
CA PHE B 165 -24.53 -3.45 17.93
C PHE B 165 -26.04 -3.52 17.93
N LYS B 166 -26.68 -2.37 18.09
CA LYS B 166 -28.12 -2.27 18.02
C LYS B 166 -28.53 -1.25 16.96
N HIS B 167 -29.80 -1.31 16.57
CA HIS B 167 -30.32 -0.50 15.50
C HIS B 167 -30.76 0.86 16.03
N ALA B 168 -29.93 1.87 15.76
CA ALA B 168 -30.04 3.15 16.45
C ALA B 168 -31.43 3.77 16.34
N ASN B 169 -31.72 4.67 17.28
CA ASN B 169 -32.97 5.42 17.29
C ASN B 169 -32.69 6.85 16.82
N TYR B 170 -33.22 7.20 15.65
CA TYR B 170 -32.82 8.40 14.93
C TYR B 170 -33.79 9.53 15.22
N LEU B 171 -33.25 10.68 15.62
CA LEU B 171 -34.06 11.83 15.96
C LEU B 171 -34.39 12.61 14.69
N VAL B 172 -35.63 12.48 14.22
CA VAL B 172 -36.06 13.12 12.99
C VAL B 172 -36.41 14.55 13.35
N LYS B 173 -35.57 15.49 12.96
CA LYS B 173 -35.63 16.86 13.43
C LYS B 173 -36.40 17.70 12.42
N HIS B 174 -37.68 17.87 12.64
CA HIS B 174 -38.57 18.39 11.61
C HIS B 174 -38.37 19.89 11.44
N LEU B 175 -37.29 20.27 10.77
CA LEU B 175 -37.09 21.65 10.35
C LEU B 175 -37.98 21.88 9.14
N ILE B 176 -39.15 22.45 9.38
CA ILE B 176 -40.30 22.24 8.51
C ILE B 176 -40.70 23.54 7.84
N ALA B 177 -40.95 23.46 6.54
CA ALA B 177 -41.59 24.50 5.75
C ALA B 177 -42.83 24.01 5.03
N LEU B 178 -43.02 22.71 4.89
CA LEU B 178 -44.20 22.19 4.23
C LEU B 178 -45.39 22.18 5.20
N PRO B 179 -46.54 22.69 4.78
CA PRO B 179 -47.69 22.82 5.69
C PRO B 179 -48.58 21.60 5.81
N SER B 180 -48.17 20.45 5.28
CA SER B 180 -48.96 19.22 5.46
C SER B 180 -49.40 19.09 6.90
N THR B 181 -48.44 18.97 7.81
CA THR B 181 -48.59 19.45 9.17
C THR B 181 -47.99 20.86 9.10
N SER B 182 -48.71 21.83 9.64
CA SER B 182 -48.27 23.22 9.65
C SER B 182 -46.81 23.32 10.09
N PRO B 183 -46.02 24.22 9.51
CA PRO B 183 -44.61 24.30 9.89
C PRO B 183 -44.43 24.58 11.38
N SER B 184 -43.94 23.57 12.08
CA SER B 184 -43.65 23.65 13.50
C SER B 184 -42.43 24.52 13.73
N GLU B 185 -42.30 24.98 14.98
CA GLU B 185 -41.02 25.54 15.40
C GLU B 185 -39.90 24.54 15.19
N GLU B 186 -40.07 23.33 15.73
CA GLU B 186 -39.31 22.10 15.56
C GLU B 186 -40.05 21.05 16.36
N ARG B 187 -40.04 19.83 15.83
CA ARG B 187 -40.65 18.73 16.56
C ARG B 187 -39.91 17.46 16.21
N THR B 188 -39.05 17.04 17.11
CA THR B 188 -38.25 15.84 16.96
C THR B 188 -39.15 14.63 17.16
N VAL B 189 -38.90 13.58 16.39
CA VAL B 189 -39.50 12.29 16.63
C VAL B 189 -38.37 11.27 16.64
N VAL B 190 -38.44 10.34 17.58
CA VAL B 190 -37.52 9.22 17.63
C VAL B 190 -38.05 8.13 16.71
N ARG B 191 -37.20 7.67 15.80
CA ARG B 191 -37.52 6.61 14.86
C ARG B 191 -36.25 5.82 14.55
N ARG B 192 -36.43 4.58 14.14
CA ARG B 192 -35.31 3.66 13.99
C ARG B 192 -34.99 3.46 12.51
N TYR B 193 -33.88 2.76 12.26
CA TYR B 193 -33.55 2.32 10.90
C TYR B 193 -34.56 1.30 10.41
N SER B 194 -34.99 0.39 11.28
CA SER B 194 -36.10 -0.48 10.96
C SER B 194 -37.35 0.31 10.62
N ASP B 195 -37.59 1.41 11.33
CA ASP B 195 -38.74 2.24 11.03
C ASP B 195 -38.64 2.81 9.62
N PHE B 196 -37.44 3.22 9.22
CA PHE B 196 -37.27 3.76 7.88
C PHE B 196 -37.38 2.65 6.82
N LEU B 197 -37.02 1.42 7.19
CA LEU B 197 -37.24 0.30 6.30
C LEU B 197 -38.72 0.07 6.06
N TRP B 198 -39.50 -0.03 7.13
CA TRP B 198 -40.95 -0.07 7.02
C TRP B 198 -41.43 1.05 6.12
N LEU B 199 -40.92 2.26 6.36
CA LEU B 199 -41.26 3.42 5.54
C LEU B 199 -41.08 3.12 4.07
N ARG B 200 -39.85 2.78 3.66
CA ARG B 200 -39.56 2.66 2.24
C ARG B 200 -40.38 1.55 1.61
N GLU B 201 -40.49 0.42 2.31
CA GLU B 201 -41.30 -0.65 1.75
C GLU B 201 -42.72 -0.18 1.52
N ILE B 202 -43.26 0.59 2.45
CA ILE B 202 -44.63 1.06 2.31
C ILE B 202 -44.76 2.02 1.14
N LEU B 203 -43.77 2.91 1.00
CA LEU B 203 -43.76 3.80 -0.16
C LEU B 203 -43.78 3.00 -1.45
N LEU B 204 -42.91 2.00 -1.54
CA LEU B 204 -42.83 1.18 -2.73
C LEU B 204 -44.16 0.51 -3.02
N LYS B 205 -44.84 0.03 -1.98
CA LYS B 205 -46.12 -0.64 -2.18
C LYS B 205 -47.18 0.34 -2.66
N ARG B 206 -47.18 1.56 -2.12
CA ARG B 206 -48.25 2.50 -2.44
C ARG B 206 -48.00 3.17 -3.79
N TYR B 207 -46.86 3.85 -3.94
CA TYR B 207 -46.58 4.67 -5.13
C TYR B 207 -45.59 3.94 -6.04
N PRO B 208 -46.07 3.31 -7.10
CA PRO B 208 -45.15 2.75 -8.09
C PRO B 208 -44.87 3.77 -9.18
N PHE B 209 -43.73 3.56 -9.85
CA PHE B 209 -43.31 4.43 -10.95
C PHE B 209 -43.19 5.88 -10.50
N ARG B 210 -42.60 6.07 -9.33
CA ARG B 210 -42.31 7.40 -8.82
C ARG B 210 -40.92 7.37 -8.20
N MET B 211 -40.25 8.51 -8.25
CA MET B 211 -38.92 8.63 -7.67
C MET B 211 -38.88 8.07 -6.26
N ILE B 212 -37.84 7.30 -5.97
CA ILE B 212 -37.71 6.66 -4.67
C ILE B 212 -36.24 6.54 -4.30
N PRO B 213 -35.81 7.10 -3.18
CA PRO B 213 -34.40 7.10 -2.84
C PRO B 213 -33.93 5.71 -2.41
N GLU B 214 -32.62 5.58 -2.33
CA GLU B 214 -32.01 4.31 -1.94
C GLU B 214 -32.34 4.03 -0.48
N LEU B 215 -31.85 2.89 0.00
CA LEU B 215 -31.77 2.55 1.40
C LEU B 215 -30.34 2.78 1.88
N PRO B 216 -30.11 2.86 3.17
CA PRO B 216 -28.77 2.76 3.69
C PRO B 216 -28.30 1.31 3.62
N PRO B 217 -27.00 1.08 3.54
CA PRO B 217 -26.50 -0.31 3.43
C PRO B 217 -27.01 -1.17 4.59
N LYS B 218 -26.85 -2.47 4.42
CA LYS B 218 -27.63 -3.41 5.23
C LYS B 218 -27.13 -3.47 6.67
N ARG B 219 -28.08 -3.64 7.60
CA ARG B 219 -27.78 -3.82 9.00
C ARG B 219 -27.46 -5.26 9.37
N ILE B 220 -27.72 -6.21 8.48
CA ILE B 220 -27.40 -7.61 8.73
C ILE B 220 -26.15 -7.93 7.92
N GLY B 221 -25.33 -6.92 7.65
CA GLY B 221 -24.04 -7.14 7.05
C GLY B 221 -23.19 -8.09 7.87
N SER B 222 -22.06 -8.48 7.28
CA SER B 222 -21.15 -9.41 7.95
C SER B 222 -20.66 -8.84 9.27
N GLN B 223 -19.90 -7.74 9.22
CA GLN B 223 -19.39 -7.07 10.41
C GLN B 223 -19.62 -5.58 10.25
N ASN B 224 -20.67 -5.08 10.91
CA ASN B 224 -21.03 -3.67 10.91
C ASN B 224 -20.81 -3.03 12.28
N ALA B 225 -19.71 -3.41 12.95
CA ALA B 225 -19.56 -3.13 14.37
C ALA B 225 -19.28 -1.64 14.62
N ASP B 226 -18.18 -1.13 14.09
CA ASP B 226 -17.71 0.20 14.48
C ASP B 226 -18.66 1.29 13.96
N GLN B 227 -18.37 2.52 14.36
CA GLN B 227 -19.28 3.64 14.14
C GLN B 227 -19.28 4.15 12.70
N LEU B 228 -18.34 3.73 11.86
CA LEU B 228 -18.30 4.26 10.50
C LEU B 228 -19.52 3.85 9.70
N PHE B 229 -19.85 2.56 9.71
CA PHE B 229 -20.98 2.00 9.00
C PHE B 229 -22.30 2.32 9.67
N LEU B 230 -22.27 3.17 10.68
CA LEU B 230 -23.45 3.78 11.26
C LEU B 230 -23.54 5.27 10.98
N LYS B 231 -22.40 5.94 10.93
CA LYS B 231 -22.37 7.36 10.55
C LYS B 231 -22.72 7.52 9.09
N LYS B 232 -22.13 6.70 8.22
CA LYS B 232 -22.58 6.67 6.84
C LYS B 232 -24.07 6.40 6.78
N ARG B 233 -24.57 5.53 7.67
CA ARG B 233 -26.00 5.22 7.68
C ARG B 233 -26.82 6.45 8.02
N ARG B 234 -26.37 7.24 8.99
CA ARG B 234 -27.18 8.40 9.40
C ARG B 234 -27.13 9.50 8.35
N ILE B 235 -25.96 9.76 7.76
CA ILE B 235 -25.88 10.75 6.69
C ILE B 235 -26.71 10.32 5.50
N GLY B 236 -26.54 9.07 5.06
CA GLY B 236 -27.41 8.54 4.03
C GLY B 236 -28.87 8.67 4.39
N LEU B 237 -29.22 8.32 5.62
CA LEU B 237 -30.61 8.33 6.04
C LEU B 237 -31.21 9.72 5.93
N SER B 238 -30.49 10.72 6.43
CA SER B 238 -30.91 12.10 6.26
C SER B 238 -31.13 12.42 4.80
N ARG B 239 -30.17 12.05 3.96
CA ARG B 239 -30.31 12.32 2.53
C ARG B 239 -31.54 11.62 1.98
N PHE B 240 -31.81 10.42 2.46
CA PHE B 240 -32.90 9.61 1.90
C PHE B 240 -34.24 10.22 2.22
N ILE B 241 -34.48 10.50 3.49
CA ILE B 241 -35.76 11.10 3.86
C ILE B 241 -35.89 12.49 3.23
N ASN B 242 -34.86 13.32 3.35
CA ASN B 242 -34.99 14.67 2.82
C ASN B 242 -35.21 14.65 1.32
N LEU B 243 -34.66 13.65 0.63
CA LEU B 243 -34.95 13.49 -0.78
C LEU B 243 -36.39 13.12 -0.98
N VAL B 244 -36.91 12.20 -0.16
CA VAL B 244 -38.34 11.91 -0.18
C VAL B 244 -39.14 13.20 -0.08
N MET B 245 -38.63 14.16 0.69
CA MET B 245 -39.42 15.36 0.97
C MET B 245 -39.49 16.29 -0.23
N LYS B 246 -38.34 16.56 -0.88
CA LYS B 246 -38.35 17.47 -2.02
C LYS B 246 -39.20 16.92 -3.16
N HIS B 247 -39.43 15.63 -3.16
CA HIS B 247 -40.22 15.03 -4.22
C HIS B 247 -41.70 15.35 -4.02
N PRO B 248 -42.44 15.65 -5.08
CA PRO B 248 -43.79 16.19 -4.93
C PRO B 248 -44.80 15.24 -4.30
N LYS B 249 -45.02 14.09 -4.93
CA LYS B 249 -46.08 13.20 -4.48
C LYS B 249 -45.83 12.71 -3.08
N LEU B 250 -44.56 12.49 -2.74
CA LEU B 250 -44.22 12.08 -1.39
C LEU B 250 -44.49 13.19 -0.39
N SER B 251 -44.00 14.40 -0.69
CA SER B 251 -44.29 15.54 0.18
C SER B 251 -45.78 15.71 0.39
N ASN B 252 -46.59 15.30 -0.58
CA ASN B 252 -48.04 15.39 -0.40
C ASN B 252 -48.63 14.12 0.19
N ASP B 253 -47.85 13.04 0.28
CA ASP B 253 -48.39 11.77 0.76
C ASP B 253 -48.89 11.89 2.19
N ASP B 254 -49.87 11.04 2.52
CA ASP B 254 -50.37 10.94 3.88
C ASP B 254 -49.46 10.09 4.74
N LEU B 255 -48.93 9.02 4.17
CA LEU B 255 -48.11 8.08 4.93
C LEU B 255 -46.90 8.79 5.55
N VAL B 256 -46.24 9.64 4.76
CA VAL B 256 -45.00 10.25 5.20
C VAL B 256 -45.26 11.12 6.43
N LEU B 257 -46.25 12.01 6.36
CA LEU B 257 -46.46 12.94 7.45
C LEU B 257 -46.83 12.21 8.73
N THR B 258 -47.69 11.19 8.64
CA THR B 258 -47.96 10.37 9.81
C THR B 258 -46.69 9.77 10.35
N PHE B 259 -45.81 9.28 9.46
CA PHE B 259 -44.51 8.85 9.92
C PHE B 259 -43.76 9.98 10.61
N LEU B 260 -44.02 11.21 10.20
CA LEU B 260 -43.37 12.36 10.81
C LEU B 260 -44.07 12.74 12.12
N THR B 261 -45.33 13.14 12.06
CA THR B 261 -46.07 13.55 13.24
C THR B 261 -46.62 12.33 13.96
N VAL B 262 -45.84 11.80 14.89
CA VAL B 262 -46.23 10.65 15.69
C VAL B 262 -45.34 10.61 16.92
N ARG B 263 -45.92 10.32 18.08
CA ARG B 263 -45.19 10.33 19.33
C ARG B 263 -45.14 8.99 20.03
N THR B 264 -46.07 8.09 19.73
CA THR B 264 -46.08 6.77 20.33
C THR B 264 -45.02 5.90 19.66
N ASP B 265 -45.11 4.59 19.87
CA ASP B 265 -44.16 3.68 19.26
C ASP B 265 -44.74 3.08 17.98
N LEU B 266 -43.93 2.24 17.34
CA LEU B 266 -44.30 1.63 16.07
C LEU B 266 -45.50 0.73 16.18
N THR B 267 -45.72 0.12 17.35
CA THR B 267 -46.80 -0.83 17.50
C THR B 267 -48.16 -0.15 17.48
N SER B 268 -48.32 0.91 18.27
CA SER B 268 -49.57 1.65 18.24
C SER B 268 -49.88 2.09 16.82
N TRP B 269 -48.87 2.57 16.10
CA TRP B 269 -49.07 2.85 14.69
C TRP B 269 -49.53 1.61 13.94
N ARG B 270 -48.92 0.46 14.21
CA ARG B 270 -49.32 -0.77 13.55
C ARG B 270 -50.80 -1.05 13.77
N LYS B 271 -51.34 -0.66 14.93
CA LYS B 271 -52.78 -0.76 15.14
C LYS B 271 -53.55 0.05 14.10
N GLN B 272 -53.20 1.32 13.94
CA GLN B 272 -53.79 2.17 12.92
C GLN B 272 -52.97 2.19 11.63
N ALA B 273 -52.25 1.11 11.34
CA ALA B 273 -51.48 1.03 10.10
C ALA B 273 -52.36 1.35 8.89
N THR B 274 -53.35 0.49 8.64
CA THR B 274 -54.48 0.80 7.77
C THR B 274 -54.02 1.40 6.43
N TYR B 275 -53.00 0.79 5.86
CA TYR B 275 -52.55 1.23 4.54
C TYR B 275 -53.42 0.67 3.42
N ASP B 276 -54.50 -0.02 3.76
CA ASP B 276 -55.45 -0.45 2.73
C ASP B 276 -56.06 0.74 2.02
N THR B 277 -56.18 1.88 2.72
CA THR B 277 -56.67 3.09 2.06
C THR B 277 -55.63 3.64 1.09
N SER B 278 -54.38 3.22 1.24
CA SER B 278 -53.26 3.76 0.48
C SER B 278 -52.69 2.66 -0.42
N ASN B 279 -53.16 2.63 -1.67
CA ASN B 279 -52.73 1.60 -2.62
C ASN B 279 -52.72 2.09 -4.06
N GLU B 280 -52.70 1.15 -5.00
CA GLU B 280 -52.47 1.45 -6.40
C GLU B 280 -53.58 2.31 -6.99
N PHE B 281 -53.19 3.25 -7.86
CA PHE B 281 -54.14 4.12 -8.56
C PHE B 281 -54.89 3.29 -9.57
N ALA B 282 -56.10 2.86 -9.22
CA ALA B 282 -56.93 2.10 -10.14
C ALA B 282 -57.87 2.97 -10.96
N ASP B 283 -57.85 4.28 -10.74
CA ASP B 283 -58.84 5.18 -11.33
C ASP B 283 -58.41 5.60 -12.74
N LYS B 284 -59.37 5.64 -13.66
CA LYS B 284 -59.09 6.21 -14.97
C LYS B 284 -59.17 7.72 -14.91
N LYS B 285 -58.14 8.38 -15.45
CA LYS B 285 -58.11 9.83 -15.54
C LYS B 285 -57.83 10.23 -16.98
N ILE B 286 -58.51 11.29 -17.43
CA ILE B 286 -58.50 11.69 -18.82
C ILE B 286 -57.31 12.62 -19.07
N SER B 287 -56.32 12.11 -19.79
CA SER B 287 -55.27 12.97 -20.30
C SER B 287 -55.86 13.98 -21.26
N GLN B 288 -55.53 15.26 -21.05
CA GLN B 288 -56.08 16.31 -21.89
C GLN B 288 -55.80 16.02 -23.36
N GLU B 289 -54.53 16.04 -23.75
CA GLU B 289 -54.12 15.48 -25.03
C GLU B 289 -53.80 14.03 -24.79
N PHE B 290 -54.71 13.14 -25.18
CA PHE B 290 -54.44 11.71 -25.00
C PHE B 290 -53.26 11.25 -25.82
N MET B 291 -52.79 12.09 -26.74
CA MET B 291 -51.56 11.85 -27.50
C MET B 291 -50.67 13.08 -27.37
N LYS B 292 -49.91 13.15 -26.27
CA LYS B 292 -48.99 14.27 -26.18
C LYS B 292 -47.67 13.94 -26.87
N MET B 293 -46.85 13.06 -26.27
CA MET B 293 -45.69 12.54 -26.98
C MET B 293 -45.31 11.13 -26.53
N TRP B 294 -46.24 10.38 -25.92
CA TRP B 294 -45.86 9.25 -25.07
C TRP B 294 -45.17 8.13 -25.84
N LYS B 295 -45.33 8.08 -27.17
CA LYS B 295 -44.59 7.12 -28.00
C LYS B 295 -43.98 7.73 -29.24
N LYS B 296 -44.42 8.91 -29.67
CA LYS B 296 -43.85 9.49 -30.88
C LYS B 296 -42.36 9.77 -30.70
N GLU B 297 -41.97 10.27 -29.54
CA GLU B 297 -40.56 10.44 -29.24
C GLU B 297 -40.16 10.00 -27.84
N PHE B 298 -41.08 9.95 -26.88
CA PHE B 298 -40.68 9.70 -25.51
C PHE B 298 -40.27 8.24 -25.30
N ALA B 299 -40.80 7.34 -26.12
CA ALA B 299 -40.43 5.93 -26.02
C ALA B 299 -38.93 5.76 -26.20
N GLU B 300 -38.43 6.08 -27.40
CA GLU B 300 -36.99 6.10 -27.61
C GLU B 300 -36.29 7.02 -26.61
N GLN B 301 -36.97 8.10 -26.22
CA GLN B 301 -36.35 9.07 -25.31
C GLN B 301 -35.85 8.37 -24.05
N TRP B 302 -36.74 7.75 -23.30
CA TRP B 302 -36.22 7.11 -22.10
C TRP B 302 -35.68 5.71 -22.35
N ASN B 303 -35.92 5.13 -23.52
CA ASN B 303 -35.18 3.93 -23.87
C ASN B 303 -33.69 4.20 -23.86
N GLN B 304 -33.29 5.35 -24.40
CA GLN B 304 -31.88 5.72 -24.40
C GLN B 304 -31.37 5.98 -22.99
N ALA B 305 -32.20 6.65 -22.17
CA ALA B 305 -31.84 6.90 -20.79
C ALA B 305 -31.65 5.60 -20.03
N ALA B 306 -32.35 4.54 -20.43
CA ALA B 306 -32.26 3.26 -19.73
C ALA B 306 -30.80 2.79 -19.60
N SER B 307 -30.00 3.00 -20.65
CA SER B 307 -28.60 2.60 -20.63
C SER B 307 -27.70 3.75 -20.20
N CYS B 308 -28.01 4.95 -20.67
CA CYS B 308 -27.20 6.09 -20.26
C CYS B 308 -27.18 6.24 -18.76
N ILE B 309 -28.20 5.76 -18.06
CA ILE B 309 -28.23 5.96 -16.61
C ILE B 309 -27.20 5.08 -15.93
N ASP B 310 -27.03 3.84 -16.38
CA ASP B 310 -26.00 3.01 -15.78
C ASP B 310 -24.62 3.56 -16.11
N THR B 311 -24.44 4.00 -17.36
CA THR B 311 -23.17 4.63 -17.71
C THR B 311 -22.87 5.80 -16.80
N SER B 312 -23.78 6.78 -16.75
CA SER B 312 -23.56 7.99 -15.99
C SER B 312 -23.50 7.71 -14.49
N MET B 313 -24.16 6.65 -14.04
CA MET B 313 -24.07 6.31 -12.63
C MET B 313 -22.65 5.88 -12.27
N GLU B 314 -22.06 4.99 -13.08
CA GLU B 314 -20.65 4.67 -12.86
C GLU B 314 -19.79 5.91 -12.91
N LEU B 315 -20.02 6.76 -13.91
CA LEU B 315 -19.21 7.98 -14.05
C LEU B 315 -19.28 8.83 -12.80
N TRP B 316 -20.48 9.24 -12.42
CA TRP B 316 -20.61 10.15 -11.28
C TRP B 316 -20.13 9.51 -10.00
N TYR B 317 -20.29 8.19 -9.87
CA TYR B 317 -19.74 7.53 -8.70
C TYR B 317 -18.23 7.68 -8.67
N ARG B 318 -17.57 7.43 -9.81
CA ARG B 318 -16.13 7.59 -9.87
C ARG B 318 -15.74 9.02 -9.50
N ILE B 319 -16.54 9.98 -9.92
CA ILE B 319 -16.18 11.39 -9.71
C ILE B 319 -16.22 11.73 -8.23
N THR B 320 -17.31 11.40 -7.56
CA THR B 320 -17.36 11.71 -6.14
C THR B 320 -16.39 10.85 -5.35
N LEU B 321 -16.10 9.64 -5.84
CA LEU B 321 -15.02 8.86 -5.26
C LEU B 321 -13.70 9.62 -5.32
N LEU B 322 -13.41 10.22 -6.48
CA LEU B 322 -12.17 10.97 -6.64
C LEU B 322 -12.10 12.12 -5.66
N LEU B 323 -13.23 12.78 -5.42
CA LEU B 323 -13.21 13.85 -4.42
C LEU B 323 -12.92 13.32 -3.03
N GLU B 324 -13.57 12.22 -2.64
CA GLU B 324 -13.26 11.62 -1.34
C GLU B 324 -11.78 11.26 -1.24
N ARG B 325 -11.21 10.78 -2.35
CA ARG B 325 -9.80 10.41 -2.35
C ARG B 325 -8.92 11.64 -2.18
N HIS B 326 -9.25 12.73 -2.87
CA HIS B 326 -8.55 13.99 -2.65
C HIS B 326 -8.57 14.37 -1.19
N GLU B 327 -9.72 14.17 -0.55
CA GLU B 327 -9.80 14.55 0.84
C GLU B 327 -8.88 13.71 1.71
N LYS B 328 -8.94 12.38 1.55
CA LYS B 328 -8.08 11.53 2.36
C LYS B 328 -6.61 11.82 2.08
N ARG B 329 -6.28 12.14 0.82
CA ARG B 329 -4.95 12.61 0.49
C ARG B 329 -4.56 13.77 1.39
N ILE B 330 -5.35 14.83 1.39
CA ILE B 330 -4.96 16.02 2.14
C ILE B 330 -4.87 15.72 3.62
N MET B 331 -5.68 14.78 4.13
CA MET B 331 -5.58 14.44 5.55
C MET B 331 -4.26 13.74 5.85
N GLN B 332 -3.85 12.82 4.96
CA GLN B 332 -2.53 12.23 5.12
C GLN B 332 -1.44 13.30 5.05
N MET B 333 -1.66 14.31 4.21
CA MET B 333 -0.67 15.37 4.04
C MET B 333 -0.54 16.18 5.33
N VAL B 334 -1.65 16.49 5.97
CA VAL B 334 -1.55 17.25 7.22
C VAL B 334 -0.94 16.39 8.31
N HIS B 335 -1.19 15.08 8.27
CA HIS B 335 -0.46 14.17 9.14
C HIS B 335 1.05 14.38 9.02
N GLU B 336 1.58 14.17 7.81
CA GLU B 336 3.04 14.29 7.70
C GLU B 336 3.50 15.72 7.85
N ARG B 337 2.61 16.69 7.67
CA ARG B 337 2.97 18.08 7.90
C ARG B 337 3.25 18.31 9.37
N ASN B 338 2.41 17.79 10.25
CA ASN B 338 2.69 17.94 11.66
C ASN B 338 3.94 17.15 12.05
N PHE B 339 4.15 16.01 11.41
CA PHE B 339 5.44 15.33 11.61
C PHE B 339 6.60 16.23 11.22
N PHE B 340 6.42 16.96 10.13
CA PHE B 340 7.44 17.89 9.66
C PHE B 340 7.68 18.98 10.69
N GLU B 341 6.63 19.43 11.35
CA GLU B 341 6.79 20.41 12.41
C GLU B 341 7.63 19.84 13.54
N THR B 342 7.31 18.63 13.97
CA THR B 342 8.13 17.96 14.98
C THR B 342 9.60 17.96 14.57
N LEU B 343 9.86 17.60 13.32
CA LEU B 343 11.23 17.53 12.83
C LEU B 343 11.91 18.89 12.91
N VAL B 344 11.25 19.94 12.40
CA VAL B 344 11.92 21.23 12.35
C VAL B 344 12.13 21.77 13.74
N ASP B 345 11.28 21.42 14.70
CA ASP B 345 11.56 21.81 16.07
C ASP B 345 12.80 21.11 16.60
N ASN B 346 12.87 19.79 16.43
CA ASN B 346 14.07 19.09 16.85
C ASN B 346 15.29 19.64 16.14
N PHE B 347 15.13 20.06 14.89
CA PHE B 347 16.26 20.56 14.11
C PHE B 347 16.71 21.92 14.64
N SER B 348 15.76 22.79 14.96
CA SER B 348 16.12 24.03 15.62
C SER B 348 16.91 23.73 16.89
N GLU B 349 16.46 22.75 17.66
CA GLU B 349 17.12 22.51 18.93
C GLU B 349 18.50 21.90 18.75
N VAL B 350 18.74 21.19 17.65
CA VAL B 350 20.06 20.60 17.41
C VAL B 350 20.89 21.44 16.45
N THR B 351 20.43 22.62 16.07
CA THR B 351 21.30 23.52 15.34
C THR B 351 22.40 24.12 16.21
N PRO B 352 22.11 24.64 17.41
CA PRO B 352 23.22 25.18 18.22
C PRO B 352 24.21 24.12 18.64
N LYS B 353 23.70 23.00 19.17
CA LYS B 353 24.56 21.88 19.54
C LYS B 353 25.50 21.49 18.40
N LEU B 354 25.11 21.79 17.16
CA LEU B 354 25.95 21.52 16.00
C LEU B 354 26.57 22.76 15.41
N TYR B 355 25.94 23.93 15.59
CA TYR B 355 26.49 25.18 15.11
C TYR B 355 26.83 26.06 16.30
N PRO B 356 28.11 26.40 16.49
CA PRO B 356 28.53 27.05 17.73
C PRO B 356 27.80 28.36 17.94
N VAL B 357 27.32 28.56 19.17
CA VAL B 357 26.61 29.78 19.52
C VAL B 357 27.58 30.81 20.07
N GLN B 358 28.32 30.45 21.12
CA GLN B 358 29.23 31.39 21.76
C GLN B 358 30.24 31.97 20.78
N GLN B 359 30.42 31.33 19.63
CA GLN B 359 31.20 31.92 18.56
C GLN B 359 30.30 32.68 17.58
N ASN B 360 29.33 31.98 17.00
CA ASN B 360 28.49 32.54 15.94
C ASN B 360 27.07 32.71 16.46
N ASP B 361 26.49 33.88 16.17
CA ASP B 361 25.15 34.22 16.62
C ASP B 361 24.10 34.12 15.54
N THR B 362 24.48 34.27 14.27
CA THR B 362 23.51 34.21 13.18
C THR B 362 22.64 32.95 13.27
N ILE B 363 23.18 31.88 13.84
CA ILE B 363 22.41 30.65 14.02
C ILE B 363 21.14 30.94 14.81
N LEU B 364 21.18 31.88 15.76
CA LEU B 364 19.97 32.22 16.47
C LEU B 364 18.95 32.87 15.54
N ASP B 365 19.40 33.76 14.67
CA ASP B 365 18.52 34.29 13.64
C ASP B 365 17.87 33.16 12.86
N ILE B 366 18.66 32.18 12.44
CA ILE B 366 18.13 31.19 11.52
C ILE B 366 17.21 30.19 12.22
N ASN B 367 17.57 29.76 13.43
CA ASN B 367 16.69 28.87 14.14
C ASN B 367 15.56 29.60 14.85
N ASN B 368 15.47 30.92 14.69
CA ASN B 368 14.21 31.60 14.97
C ASN B 368 13.38 31.75 13.72
N ASN B 369 14.03 31.90 12.56
CA ASN B 369 13.31 31.75 11.31
C ASN B 369 12.62 30.40 11.24
N LEU B 370 13.29 29.36 11.68
CA LEU B 370 12.67 28.04 11.68
C LEU B 370 11.54 27.97 12.69
N SER B 371 11.57 28.79 13.74
CA SER B 371 10.41 28.87 14.61
C SER B 371 9.24 29.54 13.89
N ILE B 372 9.54 30.57 13.13
CA ILE B 372 8.55 31.15 12.23
C ILE B 372 7.96 30.06 11.35
N ILE B 373 8.80 29.15 10.89
CA ILE B 373 8.34 28.12 9.94
C ILE B 373 7.54 27.04 10.66
N LYS B 374 7.93 26.68 11.88
CA LYS B 374 7.13 25.71 12.62
C LYS B 374 5.76 26.28 12.93
N LYS B 375 5.68 27.56 13.26
CA LYS B 375 4.38 28.16 13.48
C LYS B 375 3.59 28.24 12.18
N HIS B 376 4.27 28.55 11.07
CA HIS B 376 3.61 28.50 9.77
C HIS B 376 3.00 27.14 9.52
N LEU B 377 3.78 26.08 9.73
CA LEU B 377 3.30 24.73 9.45
C LEU B 377 2.16 24.37 10.38
N GLU B 378 2.24 24.81 11.63
CA GLU B 378 1.12 24.60 12.55
C GLU B 378 -0.16 25.19 11.98
N THR B 379 -0.11 26.47 11.61
CA THR B 379 -1.31 27.10 11.07
C THR B 379 -1.72 26.46 9.75
N THR B 380 -0.75 26.12 8.90
CA THR B 380 -1.08 25.56 7.59
C THR B 380 -1.76 24.22 7.75
N SER B 381 -1.24 23.37 8.63
CA SER B 381 -1.84 22.07 8.87
C SER B 381 -3.22 22.22 9.50
N SER B 382 -3.37 23.15 10.44
CA SER B 382 -4.68 23.37 11.03
C SER B 382 -5.70 23.75 9.98
N ILE B 383 -5.33 24.67 9.07
CA ILE B 383 -6.31 25.08 8.07
C ILE B 383 -6.48 24.01 7.00
N CYS B 384 -5.46 23.20 6.77
CA CYS B 384 -5.67 22.01 5.95
C CYS B 384 -6.78 21.16 6.54
N LYS B 385 -6.66 20.82 7.83
CA LYS B 385 -7.67 19.98 8.47
C LYS B 385 -9.03 20.66 8.48
N GLN B 386 -9.06 21.98 8.63
CA GLN B 386 -10.31 22.71 8.57
C GLN B 386 -10.95 22.57 7.20
N GLU B 387 -10.17 22.76 6.14
CA GLU B 387 -10.68 22.50 4.81
C GLU B 387 -11.21 21.09 4.71
N THR B 388 -10.46 20.12 5.22
CA THR B 388 -10.91 18.73 5.15
C THR B 388 -12.30 18.60 5.73
N GLU B 389 -12.42 18.80 7.03
CA GLU B 389 -13.69 18.57 7.70
C GLU B 389 -14.77 19.47 7.10
N GLU B 390 -14.66 20.78 7.28
CA GLU B 390 -15.74 21.65 6.84
C GLU B 390 -16.00 21.47 5.35
N ILE B 391 -15.03 21.81 4.53
CA ILE B 391 -15.24 21.87 3.09
C ILE B 391 -15.71 20.53 2.55
N SER B 392 -14.94 19.46 2.79
CA SER B 392 -15.29 18.21 2.13
C SER B 392 -16.51 17.55 2.76
N GLY B 393 -16.65 17.60 4.10
CA GLY B 393 -17.84 17.03 4.72
C GLY B 393 -19.11 17.71 4.26
N THR B 394 -19.07 19.02 4.01
CA THR B 394 -20.25 19.72 3.52
C THR B 394 -20.31 19.82 2.01
N LEU B 395 -19.27 19.39 1.32
CA LEU B 395 -19.27 19.32 -0.13
C LEU B 395 -19.80 17.99 -0.62
N SER B 396 -19.52 16.92 0.13
CA SER B 396 -19.86 15.59 -0.34
C SER B 396 -21.35 15.42 -0.62
N PRO B 397 -22.28 15.79 0.27
CA PRO B 397 -23.70 15.68 -0.09
C PRO B 397 -24.05 16.39 -1.38
N LYS B 398 -23.51 17.59 -1.61
CA LYS B 398 -23.76 18.29 -2.86
C LYS B 398 -23.48 17.41 -4.06
N PHE B 399 -22.56 16.45 -3.94
CA PHE B 399 -22.31 15.49 -5.00
C PHE B 399 -23.20 14.27 -4.87
N LYS B 400 -23.32 13.71 -3.67
CA LYS B 400 -23.97 12.42 -3.48
C LYS B 400 -25.44 12.49 -3.85
N ILE B 401 -26.07 13.64 -3.69
CA ILE B 401 -27.50 13.72 -3.99
C ILE B 401 -27.75 13.39 -5.45
N PHE B 402 -26.86 13.83 -6.32
CA PHE B 402 -27.00 13.46 -7.73
C PHE B 402 -26.91 11.95 -7.89
N THR B 403 -25.96 11.31 -7.22
CA THR B 403 -25.83 9.86 -7.32
C THR B 403 -27.09 9.17 -6.84
N ASP B 404 -27.70 9.70 -5.81
CA ASP B 404 -28.87 9.03 -5.25
C ASP B 404 -30.09 9.24 -6.11
N ILE B 405 -30.26 10.42 -6.70
CA ILE B 405 -31.38 10.54 -7.61
C ILE B 405 -31.13 9.73 -8.87
N LEU B 406 -29.86 9.59 -9.27
CA LEU B 406 -29.55 8.78 -10.43
C LEU B 406 -29.95 7.33 -10.20
N LEU B 407 -29.46 6.72 -9.12
CA LEU B 407 -29.82 5.34 -8.88
C LEU B 407 -31.28 5.20 -8.47
N SER B 408 -31.94 6.29 -8.06
CA SER B 408 -33.38 6.24 -7.91
C SER B 408 -34.07 6.08 -9.26
N LEU B 409 -33.64 6.83 -10.27
CA LEU B 409 -34.19 6.60 -11.60
C LEU B 409 -33.78 5.24 -12.14
N ARG B 410 -32.63 4.72 -11.70
CA ARG B 410 -32.28 3.35 -12.02
C ARG B 410 -33.33 2.38 -11.51
N SER B 411 -33.59 2.42 -10.20
CA SER B 411 -34.66 1.61 -9.63
C SER B 411 -35.97 1.80 -10.38
N LEU B 412 -36.25 3.04 -10.77
CA LEU B 412 -37.50 3.31 -11.47
C LEU B 412 -37.57 2.59 -12.81
N PHE B 413 -36.53 2.74 -13.62
CA PHE B 413 -36.60 2.09 -14.92
C PHE B 413 -36.57 0.59 -14.78
N GLU B 414 -35.97 0.07 -13.72
CA GLU B 414 -36.05 -1.35 -13.47
C GLU B 414 -37.50 -1.77 -13.23
N ARG B 415 -38.14 -1.16 -12.23
CA ARG B 415 -39.54 -1.48 -11.96
C ARG B 415 -40.38 -1.31 -13.22
N TYR B 416 -40.12 -0.26 -13.98
CA TYR B 416 -40.95 0.04 -15.12
C TYR B 416 -40.79 -1.01 -16.20
N LYS B 417 -39.54 -1.35 -16.55
CA LYS B 417 -39.34 -2.36 -17.56
C LYS B 417 -40.01 -3.67 -17.15
N ILE B 418 -39.82 -4.07 -15.90
CA ILE B 418 -40.30 -5.39 -15.51
C ILE B 418 -41.79 -5.42 -15.22
N MET B 419 -42.45 -4.26 -15.11
CA MET B 419 -43.90 -4.32 -14.98
C MET B 419 -44.59 -4.02 -16.31
N ALA B 420 -44.11 -3.04 -17.07
CA ALA B 420 -44.56 -2.85 -18.43
C ALA B 420 -44.24 -4.05 -19.31
N ALA B 421 -43.42 -4.99 -18.85
CA ALA B 421 -43.39 -6.29 -19.49
C ALA B 421 -44.78 -6.90 -19.55
N ASN B 422 -45.65 -6.56 -18.60
CA ASN B 422 -47.03 -7.01 -18.68
C ASN B 422 -47.72 -6.43 -19.90
N ASN B 423 -47.52 -5.13 -20.15
CA ASN B 423 -48.07 -4.56 -21.38
C ASN B 423 -47.38 -5.13 -22.60
N VAL B 424 -46.14 -5.59 -22.45
CA VAL B 424 -45.46 -6.27 -23.56
C VAL B 424 -46.22 -7.54 -23.93
N VAL B 425 -46.49 -8.39 -22.93
CA VAL B 425 -47.25 -9.61 -23.18
C VAL B 425 -48.65 -9.27 -23.68
N GLU B 426 -49.20 -8.15 -23.21
CA GLU B 426 -50.56 -7.78 -23.62
C GLU B 426 -50.59 -7.32 -25.07
N LEU B 427 -49.54 -6.64 -25.53
CA LEU B 427 -49.48 -6.26 -26.94
C LEU B 427 -49.18 -7.46 -27.83
N GLN B 428 -48.43 -8.43 -27.31
CA GLN B 428 -48.27 -9.67 -28.06
C GLN B 428 -49.61 -10.40 -28.18
N ARG B 429 -50.40 -10.41 -27.10
CA ARG B 429 -51.77 -10.91 -27.20
C ARG B 429 -52.61 -10.04 -28.12
N HIS B 430 -52.31 -8.75 -28.22
CA HIS B 430 -53.00 -7.86 -29.14
C HIS B 430 -52.84 -8.37 -30.57
N VAL B 431 -51.60 -8.61 -30.98
CA VAL B 431 -51.37 -9.09 -32.35
C VAL B 431 -51.91 -10.51 -32.51
N GLU B 432 -51.77 -11.35 -31.49
CA GLU B 432 -52.26 -12.72 -31.56
C GLU B 432 -53.77 -12.74 -31.77
N LEU B 433 -54.49 -11.87 -31.07
CA LEU B 433 -55.94 -11.84 -31.19
C LEU B 433 -56.38 -11.14 -32.46
N ASN B 434 -55.66 -10.10 -32.89
CA ASN B 434 -55.91 -9.57 -34.23
C ASN B 434 -55.89 -10.69 -35.25
N LYS B 435 -54.86 -11.53 -35.20
CA LYS B 435 -54.73 -12.62 -36.18
C LYS B 435 -55.84 -13.65 -36.02
N GLU B 436 -56.04 -14.16 -34.80
CA GLU B 436 -57.05 -15.20 -34.61
C GLU B 436 -58.45 -14.70 -34.91
N LYS B 437 -58.72 -13.40 -34.73
CA LYS B 437 -60.06 -12.90 -34.98
C LYS B 437 -60.25 -12.53 -36.46
N LEU B 438 -59.18 -12.23 -37.18
CA LEU B 438 -59.33 -12.10 -38.63
C LEU B 438 -59.51 -13.46 -39.27
N GLU B 439 -58.81 -14.49 -38.76
CA GLU B 439 -59.10 -15.86 -39.19
C GLU B 439 -60.47 -16.32 -38.72
N SER B 440 -60.99 -15.70 -37.66
CA SER B 440 -62.29 -16.08 -37.14
C SER B 440 -63.40 -15.80 -38.14
N MET B 441 -63.21 -14.81 -39.01
CA MET B 441 -64.28 -14.38 -39.90
C MET B 441 -64.47 -15.37 -41.04
N LYS B 442 -64.73 -16.61 -40.66
CA LYS B 442 -65.35 -17.59 -41.53
C LYS B 442 -66.87 -17.47 -41.48
N GLY B 443 -67.38 -16.38 -40.90
CA GLY B 443 -68.78 -16.22 -40.67
C GLY B 443 -69.34 -17.00 -39.49
N LYS B 444 -68.51 -17.79 -38.82
CA LYS B 444 -68.95 -18.80 -37.86
C LYS B 444 -69.99 -19.70 -38.52
N PRO B 445 -69.67 -20.29 -39.68
CA PRO B 445 -70.73 -20.74 -40.59
C PRO B 445 -71.54 -21.91 -40.05
N ASP B 446 -70.89 -22.87 -39.42
CA ASP B 446 -71.61 -24.00 -38.86
C ASP B 446 -72.54 -23.53 -37.74
N VAL B 447 -73.73 -24.13 -37.71
CA VAL B 447 -74.70 -23.84 -36.66
C VAL B 447 -74.19 -24.50 -35.37
N SER B 448 -73.53 -23.70 -34.53
CA SER B 448 -72.88 -24.23 -33.33
C SER B 448 -73.00 -23.17 -32.23
N GLY B 449 -73.85 -23.46 -31.25
CA GLY B 449 -73.93 -22.58 -30.09
C GLY B 449 -72.69 -22.70 -29.21
N ALA B 450 -72.05 -23.86 -29.22
CA ALA B 450 -70.82 -24.02 -28.45
C ALA B 450 -69.74 -23.09 -28.96
N GLU B 451 -69.43 -23.16 -30.26
CA GLU B 451 -68.42 -22.29 -30.83
C GLU B 451 -68.80 -20.83 -30.68
N TYR B 452 -70.06 -20.50 -30.98
CA TYR B 452 -70.56 -19.15 -30.77
C TYR B 452 -70.29 -18.62 -29.37
N ASP B 453 -70.79 -19.32 -28.35
CA ASP B 453 -70.63 -18.83 -26.97
C ASP B 453 -69.18 -18.82 -26.54
N ARG B 454 -68.39 -19.83 -26.94
CA ARG B 454 -67.01 -19.86 -26.50
C ARG B 454 -66.23 -18.69 -27.08
N ILE B 455 -66.34 -18.44 -28.39
CA ILE B 455 -65.57 -17.34 -28.94
C ILE B 455 -66.20 -16.00 -28.59
N LYS B 456 -67.48 -15.98 -28.21
CA LYS B 456 -68.05 -14.75 -27.68
C LYS B 456 -67.44 -14.42 -26.32
N LYS B 457 -67.35 -15.41 -25.43
CA LYS B 457 -66.64 -15.19 -24.18
C LYS B 457 -65.21 -14.75 -24.43
N ILE B 458 -64.54 -15.41 -25.38
CA ILE B 458 -63.19 -15.02 -25.76
C ILE B 458 -63.12 -13.54 -26.09
N ILE B 459 -63.93 -13.10 -27.06
CA ILE B 459 -63.81 -11.73 -27.53
C ILE B 459 -64.21 -10.75 -26.44
N GLN B 460 -65.20 -11.09 -25.61
CA GLN B 460 -65.66 -10.10 -24.61
C GLN B 460 -64.63 -9.92 -23.51
N LYS B 461 -64.09 -11.03 -22.98
CA LYS B 461 -63.06 -10.90 -21.96
C LYS B 461 -61.82 -10.25 -22.53
N ASP B 462 -61.49 -10.53 -23.80
CA ASP B 462 -60.34 -9.88 -24.41
C ASP B 462 -60.60 -8.39 -24.63
N ARG B 463 -61.86 -8.01 -24.87
CA ARG B 463 -62.19 -6.60 -25.08
C ARG B 463 -62.07 -5.80 -23.79
N ARG B 464 -62.70 -6.29 -22.71
CA ARG B 464 -62.47 -5.63 -21.42
C ARG B 464 -61.00 -5.65 -21.06
N SER B 465 -60.28 -6.69 -21.50
CA SER B 465 -58.84 -6.76 -21.24
C SER B 465 -58.09 -5.64 -21.96
N ILE B 466 -58.40 -5.43 -23.23
CA ILE B 466 -57.65 -4.44 -23.99
C ILE B 466 -57.97 -3.04 -23.49
N ILE B 467 -59.22 -2.81 -23.08
CA ILE B 467 -59.53 -1.48 -22.55
C ILE B 467 -58.82 -1.26 -21.21
N GLU B 468 -58.77 -2.28 -20.35
CA GLU B 468 -58.12 -2.11 -19.06
C GLU B 468 -56.61 -1.94 -19.21
N GLN B 469 -56.01 -2.64 -20.18
CA GLN B 469 -54.58 -2.51 -20.37
C GLN B 469 -54.23 -1.18 -21.00
N SER B 470 -55.11 -0.63 -21.85
CA SER B 470 -54.86 0.71 -22.37
C SER B 470 -54.96 1.74 -21.28
N ASN B 471 -56.00 1.63 -20.44
CA ASN B 471 -56.10 2.46 -19.25
C ASN B 471 -54.79 2.41 -18.45
N ARG B 472 -54.31 1.19 -18.18
CA ARG B 472 -53.09 1.04 -17.37
C ARG B 472 -51.87 1.58 -18.09
N ALA B 473 -51.79 1.40 -19.41
CA ALA B 473 -50.62 1.86 -20.17
C ALA B 473 -50.49 3.36 -20.08
N TRP B 474 -51.59 4.07 -20.36
CA TRP B 474 -51.54 5.52 -20.25
C TRP B 474 -51.31 5.96 -18.80
N LEU B 475 -51.96 5.27 -17.85
CA LEU B 475 -51.81 5.64 -16.46
C LEU B 475 -50.38 5.41 -15.98
N ILE B 476 -49.62 4.58 -16.69
CA ILE B 476 -48.22 4.38 -16.37
C ILE B 476 -47.36 5.46 -17.00
N ARG B 477 -47.51 5.65 -18.31
CA ARG B 477 -46.70 6.62 -19.02
C ARG B 477 -46.81 8.00 -18.36
N GLN B 478 -48.00 8.35 -17.88
CA GLN B 478 -48.14 9.66 -17.24
C GLN B 478 -47.20 9.78 -16.04
N CYS B 479 -47.13 8.75 -15.20
CA CYS B 479 -46.24 8.82 -14.05
C CYS B 479 -44.79 8.84 -14.48
N ILE B 480 -44.49 8.16 -15.58
CA ILE B 480 -43.15 8.26 -16.15
C ILE B 480 -42.78 9.72 -16.38
N LEU B 481 -43.70 10.48 -16.98
CA LEU B 481 -43.41 11.90 -17.22
C LEU B 481 -43.30 12.68 -15.92
N GLU B 482 -44.21 12.40 -14.99
CA GLU B 482 -44.16 13.06 -13.69
C GLU B 482 -42.79 12.91 -13.05
N GLU B 483 -42.12 11.78 -13.32
CA GLU B 483 -40.78 11.59 -12.76
C GLU B 483 -39.71 12.30 -13.60
N PHE B 484 -39.86 12.26 -14.92
CA PHE B 484 -38.98 13.04 -15.78
C PHE B 484 -38.84 14.46 -15.30
N THR B 485 -39.90 15.00 -14.70
CA THR B 485 -39.83 16.36 -14.18
C THR B 485 -38.64 16.56 -13.22
N ILE B 486 -38.70 15.92 -12.05
CA ILE B 486 -37.65 16.20 -11.10
C ILE B 486 -36.32 15.69 -11.61
N PHE B 487 -36.33 14.77 -12.59
CA PHE B 487 -35.04 14.42 -13.17
C PHE B 487 -34.44 15.62 -13.89
N GLN B 488 -35.29 16.36 -14.60
CA GLN B 488 -34.80 17.59 -15.22
C GLN B 488 -34.45 18.66 -14.19
N GLU B 489 -34.88 18.47 -12.94
CA GLU B 489 -34.32 19.31 -11.87
C GLU B 489 -32.89 18.87 -11.51
N THR B 490 -32.68 17.55 -11.41
CA THR B 490 -31.32 17.06 -11.17
C THR B 490 -30.35 17.62 -12.19
N GLN B 491 -30.86 17.87 -13.40
CA GLN B 491 -30.07 18.58 -14.41
C GLN B 491 -29.33 19.77 -13.81
N PHE B 492 -30.07 20.75 -13.29
CA PHE B 492 -29.42 21.89 -12.65
C PHE B 492 -28.67 21.48 -11.40
N LEU B 493 -29.03 20.35 -10.80
CA LEU B 493 -28.29 19.95 -9.61
C LEU B 493 -26.83 19.69 -9.91
N ILE B 494 -26.53 19.10 -11.06
CA ILE B 494 -25.11 18.86 -11.36
C ILE B 494 -24.37 20.18 -11.49
N THR B 495 -25.05 21.20 -12.01
CA THR B 495 -24.48 22.54 -12.05
C THR B 495 -24.10 23.00 -10.66
N ARG B 496 -25.05 22.91 -9.73
CA ARG B 496 -24.74 23.34 -8.37
C ARG B 496 -23.54 22.60 -7.83
N ALA B 497 -23.48 21.30 -8.12
CA ALA B 497 -22.37 20.48 -7.62
C ALA B 497 -21.04 21.04 -8.07
N PHE B 498 -20.86 21.18 -9.38
CA PHE B 498 -19.54 21.57 -9.87
C PHE B 498 -19.18 22.99 -9.46
N GLN B 499 -20.16 23.88 -9.43
CA GLN B 499 -19.84 25.26 -9.06
C GLN B 499 -19.41 25.36 -7.61
N ASP B 500 -20.12 24.68 -6.71
CA ASP B 500 -19.67 24.66 -5.32
C ASP B 500 -18.30 24.03 -5.20
N TRP B 501 -18.04 22.98 -5.98
CA TRP B 501 -16.73 22.35 -5.95
C TRP B 501 -15.65 23.37 -6.22
N ALA B 502 -15.74 24.01 -7.38
CA ALA B 502 -14.72 24.98 -7.76
C ALA B 502 -14.59 26.07 -6.72
N LYS B 503 -15.73 26.54 -6.19
CA LYS B 503 -15.67 27.65 -5.25
C LYS B 503 -14.91 27.27 -4.00
N LEU B 504 -15.20 26.11 -3.44
CA LEU B 504 -14.55 25.78 -2.19
C LEU B 504 -13.08 25.39 -2.38
N ASN B 505 -12.76 24.77 -3.52
CA ASN B 505 -11.34 24.64 -3.84
C ASN B 505 -10.67 26.00 -3.90
N SER B 506 -11.34 26.99 -4.47
CA SER B 506 -10.74 28.31 -4.56
C SER B 506 -10.53 28.90 -3.19
N ASN B 507 -11.50 28.75 -2.29
CA ASN B 507 -11.33 29.25 -0.94
C ASN B 507 -10.11 28.62 -0.29
N HIS B 508 -9.98 27.30 -0.42
CA HIS B 508 -8.85 26.61 0.19
C HIS B 508 -7.54 27.11 -0.40
N ALA B 509 -7.45 27.19 -1.72
CA ALA B 509 -6.23 27.62 -2.36
C ALA B 509 -5.90 29.05 -1.97
N GLY B 510 -6.92 29.90 -1.82
CA GLY B 510 -6.67 31.27 -1.44
C GLY B 510 -6.07 31.37 -0.06
N LEU B 511 -6.67 30.66 0.90
CA LEU B 511 -6.10 30.68 2.24
C LEU B 511 -4.67 30.13 2.22
N LYS B 512 -4.42 29.10 1.41
CA LYS B 512 -3.09 28.53 1.40
C LYS B 512 -2.08 29.48 0.77
N LEU B 513 -2.48 30.18 -0.29
CA LEU B 513 -1.59 31.17 -0.88
C LEU B 513 -1.28 32.28 0.12
N ASN B 514 -2.31 32.77 0.80
CA ASN B 514 -2.07 33.81 1.78
C ASN B 514 -1.09 33.33 2.84
N GLU B 515 -1.25 32.08 3.28
CA GLU B 515 -0.32 31.54 4.26
C GLU B 515 1.10 31.50 3.72
N TRP B 516 1.27 31.02 2.49
CA TRP B 516 2.60 30.91 1.93
C TRP B 516 3.26 32.28 1.84
N GLU B 517 2.63 33.22 1.14
CA GLU B 517 3.23 34.53 0.99
C GLU B 517 3.45 35.19 2.33
N LYS B 518 2.57 34.94 3.30
CA LYS B 518 2.81 35.45 4.65
C LYS B 518 4.07 34.85 5.23
N LEU B 519 4.32 33.58 4.94
CA LEU B 519 5.51 32.94 5.46
C LEU B 519 6.76 33.53 4.84
N VAL B 520 6.75 33.76 3.52
CA VAL B 520 7.94 34.20 2.81
C VAL B 520 8.64 35.31 3.57
N THR B 521 7.88 36.15 4.25
CA THR B 521 8.41 37.14 5.16
C THR B 521 9.02 36.46 6.38
N ALA C 149 -25.40 -29.70 -20.46
CA ALA C 149 -24.62 -29.26 -21.61
C ALA C 149 -23.50 -28.36 -21.16
N ASP C 150 -22.43 -28.95 -20.62
CA ASP C 150 -21.32 -28.17 -20.10
C ASP C 150 -20.58 -27.58 -21.29
N ILE C 151 -21.07 -26.44 -21.77
CA ILE C 151 -20.54 -25.76 -22.94
C ILE C 151 -19.56 -24.70 -22.48
N ILE C 152 -18.54 -24.44 -23.30
CA ILE C 152 -17.44 -23.57 -22.93
C ILE C 152 -17.39 -22.41 -23.92
N ILE C 153 -16.99 -21.23 -23.43
CA ILE C 153 -16.95 -20.02 -24.23
C ILE C 153 -15.57 -19.40 -24.07
N ILE C 154 -14.67 -19.79 -24.95
CA ILE C 154 -13.26 -19.39 -24.89
C ILE C 154 -12.91 -18.86 -26.28
N GLU C 155 -11.81 -18.12 -26.35
CA GLU C 155 -11.38 -17.49 -27.60
C GLU C 155 -12.42 -16.46 -28.05
N GLU C 156 -12.80 -15.62 -27.11
CA GLU C 156 -13.57 -14.44 -27.44
C GLU C 156 -12.76 -13.58 -28.41
N ILE C 157 -13.39 -13.16 -29.51
CA ILE C 157 -12.64 -12.43 -30.54
C ILE C 157 -13.45 -11.23 -31.00
N PRO C 158 -13.03 -10.00 -30.67
CA PRO C 158 -13.59 -8.83 -31.34
C PRO C 158 -12.87 -8.58 -32.64
N GLU C 159 -13.20 -7.50 -33.37
CA GLU C 159 -12.30 -7.07 -34.42
C GLU C 159 -10.94 -6.74 -33.79
N ARG C 160 -9.87 -6.92 -34.59
CA ARG C 160 -8.52 -7.09 -34.03
C ARG C 160 -8.13 -5.97 -33.07
N GLU C 161 -7.20 -6.29 -32.18
CA GLU C 161 -6.87 -5.42 -31.07
C GLU C 161 -6.16 -4.15 -31.54
N GLY C 162 -6.47 -3.05 -30.86
CA GLY C 162 -5.80 -1.80 -31.13
C GLY C 162 -6.00 -0.88 -29.95
N LEU C 163 -5.98 0.42 -30.21
CA LEU C 163 -6.36 1.37 -29.16
C LEU C 163 -7.79 1.15 -28.72
N LEU C 164 -8.69 0.90 -29.67
CA LEU C 164 -10.12 0.89 -29.41
C LEU C 164 -10.53 -0.33 -28.61
N PHE C 165 -11.84 -0.49 -28.43
CA PHE C 165 -12.41 -1.71 -27.87
C PHE C 165 -13.68 -2.03 -28.62
N LYS C 166 -13.84 -3.29 -28.99
CA LYS C 166 -15.05 -3.76 -29.64
C LYS C 166 -15.64 -4.92 -28.85
N HIS C 167 -16.91 -5.21 -29.14
CA HIS C 167 -17.67 -6.20 -28.41
C HIS C 167 -17.43 -7.59 -28.98
N ALA C 168 -16.61 -8.37 -28.28
CA ALA C 168 -16.03 -9.58 -28.83
C ALA C 168 -17.09 -10.55 -29.38
N ASN C 169 -16.65 -11.42 -30.28
CA ASN C 169 -17.48 -12.47 -30.85
C ASN C 169 -17.12 -13.80 -30.20
N TYR C 170 -18.04 -14.36 -29.43
CA TYR C 170 -17.76 -15.46 -28.52
C TYR C 170 -18.13 -16.78 -29.17
N LEU C 171 -17.20 -17.72 -29.17
CA LEU C 171 -17.40 -19.02 -29.79
C LEU C 171 -18.11 -19.94 -28.81
N VAL C 172 -19.40 -20.16 -29.00
CA VAL C 172 -20.19 -20.97 -28.10
C VAL C 172 -19.96 -22.42 -28.49
N LYS C 173 -19.22 -23.14 -27.67
CA LYS C 173 -18.68 -24.44 -28.02
C LYS C 173 -19.60 -25.51 -27.45
N HIS C 174 -20.51 -26.00 -28.27
CA HIS C 174 -21.64 -26.78 -27.77
C HIS C 174 -21.18 -28.19 -27.43
N LEU C 175 -20.50 -28.33 -26.28
CA LEU C 175 -20.19 -29.63 -25.72
C LEU C 175 -21.47 -30.16 -25.10
N ILE C 176 -22.18 -31.00 -25.85
CA ILE C 176 -23.61 -31.15 -25.67
C ILE C 176 -23.96 -32.55 -25.20
N ALA C 177 -24.82 -32.62 -24.18
CA ALA C 177 -25.47 -33.84 -23.74
C ALA C 177 -26.99 -33.75 -23.77
N LEU C 178 -27.55 -32.54 -23.84
CA LEU C 178 -28.99 -32.39 -23.88
C LEU C 178 -29.50 -32.61 -25.31
N PRO C 179 -30.54 -33.44 -25.47
CA PRO C 179 -31.00 -33.79 -26.82
C PRO C 179 -32.00 -32.84 -27.44
N SER C 180 -32.22 -31.65 -26.86
CA SER C 180 -33.10 -30.67 -27.50
C SER C 180 -32.78 -30.54 -28.98
N THR C 181 -31.57 -30.13 -29.29
CA THR C 181 -30.90 -30.54 -30.51
C THR C 181 -30.08 -31.73 -30.06
N SER C 182 -30.16 -32.82 -30.81
CA SER C 182 -29.44 -34.06 -30.52
C SER C 182 -27.99 -33.75 -30.17
N PRO C 183 -27.39 -34.45 -29.21
CA PRO C 183 -26.00 -34.16 -28.84
C PRO C 183 -25.05 -34.27 -30.02
N SER C 184 -24.55 -33.12 -30.46
CA SER C 184 -23.59 -33.04 -31.55
C SER C 184 -22.24 -33.54 -31.09
N GLU C 185 -21.40 -33.87 -32.07
CA GLU C 185 -19.98 -34.07 -31.76
C GLU C 185 -19.41 -32.82 -31.11
N GLU C 186 -19.58 -31.66 -31.75
CA GLU C 186 -19.36 -30.29 -31.31
C GLU C 186 -19.85 -29.40 -32.43
N ARG C 187 -20.42 -28.27 -32.07
CA ARG C 187 -20.83 -27.31 -33.08
C ARG C 187 -20.73 -25.92 -32.49
N THR C 188 -19.66 -25.24 -32.87
CA THR C 188 -19.39 -23.89 -32.43
C THR C 188 -20.34 -22.94 -33.14
N VAL C 189 -20.78 -21.92 -32.42
CA VAL C 189 -21.49 -20.80 -33.02
C VAL C 189 -20.79 -19.53 -32.54
N VAL C 190 -20.62 -18.59 -33.46
CA VAL C 190 -20.12 -17.27 -33.13
C VAL C 190 -21.30 -16.42 -32.67
N ARG C 191 -21.15 -15.82 -31.49
CA ARG C 191 -22.17 -14.94 -30.90
C ARG C 191 -21.46 -13.88 -30.07
N ARG C 192 -22.12 -12.75 -29.88
CA ARG C 192 -21.50 -11.59 -29.26
C ARG C 192 -22.01 -11.40 -27.83
N TYR C 193 -21.39 -10.47 -27.13
CA TYR C 193 -21.89 -10.06 -25.82
C TYR C 193 -23.24 -9.36 -25.95
N SER C 194 -23.39 -8.54 -26.98
CA SER C 194 -24.71 -8.00 -27.30
C SER C 194 -25.72 -9.10 -27.57
N ASP C 195 -25.28 -10.18 -28.24
CA ASP C 195 -26.18 -11.30 -28.48
C ASP C 195 -26.64 -11.91 -27.17
N PHE C 196 -25.75 -12.04 -26.21
CA PHE C 196 -26.13 -12.60 -24.92
C PHE C 196 -27.01 -11.63 -24.13
N LEU C 197 -26.84 -10.33 -24.36
CA LEU C 197 -27.76 -9.36 -23.77
C LEU C 197 -29.17 -9.54 -24.30
N TRP C 198 -29.30 -9.55 -25.64
CA TRP C 198 -30.58 -9.90 -26.24
C TRP C 198 -31.13 -11.17 -25.62
N LEU C 199 -30.28 -12.18 -25.50
CA LEU C 199 -30.68 -13.44 -24.88
C LEU C 199 -31.33 -13.21 -23.53
N ARG C 200 -30.59 -12.60 -22.60
CA ARG C 200 -31.08 -12.50 -21.24
C ARG C 200 -32.35 -11.68 -21.17
N GLU C 201 -32.39 -10.57 -21.91
CA GLU C 201 -33.61 -9.79 -21.89
C GLU C 201 -34.79 -10.62 -22.36
N ILE C 202 -34.58 -11.44 -23.38
CA ILE C 202 -35.68 -12.25 -23.90
C ILE C 202 -36.11 -13.29 -22.87
N LEU C 203 -35.14 -13.90 -22.21
CA LEU C 203 -35.46 -14.84 -21.13
C LEU C 203 -36.32 -14.15 -20.09
N LEU C 204 -35.89 -12.98 -19.65
CA LEU C 204 -36.62 -12.24 -18.63
C LEU C 204 -38.05 -11.96 -19.08
N LYS C 205 -38.22 -11.60 -20.35
CA LYS C 205 -39.55 -11.30 -20.85
C LYS C 205 -40.43 -12.55 -20.89
N ARG C 206 -39.85 -13.68 -21.28
CA ARG C 206 -40.66 -14.89 -21.45
C ARG C 206 -40.94 -15.56 -20.11
N TYR C 207 -39.90 -15.92 -19.37
CA TYR C 207 -40.03 -16.72 -18.16
C TYR C 207 -39.85 -15.84 -16.93
N PRO C 208 -40.93 -15.41 -16.29
CA PRO C 208 -40.79 -14.71 -15.02
C PRO C 208 -40.84 -15.69 -13.86
N PHE C 209 -40.28 -15.25 -12.73
CA PHE C 209 -40.25 -16.05 -11.51
C PHE C 209 -39.57 -17.39 -11.74
N ARG C 210 -38.44 -17.36 -12.45
CA ARG C 210 -37.60 -18.52 -12.65
C ARG C 210 -36.16 -18.09 -12.52
N MET C 211 -35.33 -19.03 -12.06
CA MET C 211 -33.91 -18.77 -11.90
C MET C 211 -33.32 -18.12 -13.14
N ILE C 212 -32.51 -17.10 -12.93
CA ILE C 212 -31.93 -16.35 -14.06
C ILE C 212 -30.55 -15.85 -13.65
N PRO C 213 -29.50 -16.19 -14.38
CA PRO C 213 -28.15 -15.81 -13.97
C PRO C 213 -27.91 -14.33 -14.20
N GLU C 214 -26.81 -13.85 -13.65
CA GLU C 214 -26.44 -12.45 -13.78
C GLU C 214 -26.06 -12.16 -15.22
N LEU C 215 -25.72 -10.91 -15.47
CA LEU C 215 -25.04 -10.46 -16.67
C LEU C 215 -23.56 -10.28 -16.37
N PRO C 216 -22.71 -10.23 -17.38
CA PRO C 216 -21.36 -9.74 -17.17
C PRO C 216 -21.38 -8.24 -16.97
N PRO C 217 -20.39 -7.67 -16.29
CA PRO C 217 -20.38 -6.23 -16.05
C PRO C 217 -20.45 -5.44 -17.35
N LYS C 218 -20.75 -4.15 -17.22
CA LYS C 218 -21.22 -3.39 -18.37
C LYS C 218 -20.11 -3.12 -19.38
N ARG C 219 -20.49 -3.14 -20.66
CA ARG C 219 -19.59 -2.79 -21.75
C ARG C 219 -19.51 -1.29 -22.01
N ILE C 220 -20.42 -0.50 -21.43
CA ILE C 220 -20.39 0.95 -21.59
C ILE C 220 -19.83 1.53 -20.29
N GLY C 221 -19.01 0.74 -19.59
CA GLY C 221 -18.30 1.24 -18.44
C GLY C 221 -17.43 2.43 -18.80
N SER C 222 -16.87 3.06 -17.76
CA SER C 222 -16.02 4.22 -17.96
C SER C 222 -14.82 3.88 -18.83
N GLN C 223 -13.94 3.02 -18.34
CA GLN C 223 -12.75 2.60 -19.07
C GLN C 223 -12.65 1.08 -18.93
N ASN C 224 -13.06 0.39 -19.98
CA ASN C 224 -13.01 -1.07 -20.07
C ASN C 224 -11.99 -1.54 -21.11
N ALA C 225 -10.84 -0.86 -21.17
CA ALA C 225 -9.93 -0.99 -22.31
C ALA C 225 -9.21 -2.33 -22.29
N ASP C 226 -8.41 -2.59 -21.25
CA ASP C 226 -7.50 -3.73 -21.27
C ASP C 226 -8.27 -5.04 -21.21
N GLN C 227 -7.51 -6.14 -21.33
CA GLN C 227 -8.10 -7.46 -21.50
C GLN C 227 -8.67 -8.05 -20.22
N LEU C 228 -8.41 -7.46 -19.06
CA LEU C 228 -8.91 -8.05 -17.82
C LEU C 228 -10.43 -8.02 -17.76
N PHE C 229 -11.02 -6.86 -18.02
CA PHE C 229 -12.46 -6.66 -17.99
C PHE C 229 -13.15 -7.26 -19.20
N LEU C 230 -12.40 -8.02 -20.01
CA LEU C 230 -12.95 -8.86 -21.06
C LEU C 230 -12.78 -10.33 -20.75
N LYS C 231 -11.68 -10.70 -20.09
CA LYS C 231 -11.49 -12.07 -19.65
C LYS C 231 -12.46 -12.42 -18.54
N LYS C 232 -12.60 -11.54 -17.55
CA LYS C 232 -13.67 -11.73 -16.60
C LYS C 232 -15.00 -11.84 -17.29
N ARG C 233 -15.21 -11.07 -18.36
CA ARG C 233 -16.47 -11.14 -19.10
C ARG C 233 -16.67 -12.51 -19.71
N ARG C 234 -15.62 -13.09 -20.28
CA ARG C 234 -15.80 -14.38 -20.95
C ARG C 234 -16.00 -15.51 -19.93
N ILE C 235 -15.23 -15.50 -18.83
CA ILE C 235 -15.44 -16.51 -17.79
C ILE C 235 -16.84 -16.38 -17.21
N GLY C 236 -17.22 -15.17 -16.82
CA GLY C 236 -18.59 -14.95 -16.38
C GLY C 236 -19.59 -15.42 -17.41
N LEU C 237 -19.37 -15.09 -18.68
CA LEU C 237 -20.32 -15.43 -19.73
C LEU C 237 -20.52 -16.93 -19.82
N SER C 238 -19.41 -17.68 -19.83
CA SER C 238 -19.50 -19.12 -19.80
C SER C 238 -20.32 -19.59 -18.62
N ARG C 239 -20.02 -19.05 -17.44
CA ARG C 239 -20.78 -19.43 -16.26
C ARG C 239 -22.25 -19.12 -16.43
N PHE C 240 -22.56 -17.99 -17.06
CA PHE C 240 -23.93 -17.53 -17.17
C PHE C 240 -24.74 -18.44 -18.06
N ILE C 241 -24.25 -18.69 -19.27
CA ILE C 241 -24.97 -19.57 -20.17
C ILE C 241 -25.04 -20.97 -19.59
N ASN C 242 -23.91 -21.51 -19.13
CA ASN C 242 -23.93 -22.88 -18.65
C ASN C 242 -24.86 -23.01 -17.46
N LEU C 243 -24.98 -21.96 -16.66
CA LEU C 243 -25.97 -21.97 -15.59
C LEU C 243 -27.37 -22.00 -16.15
N VAL C 244 -27.63 -21.19 -17.17
CA VAL C 244 -28.90 -21.27 -17.88
C VAL C 244 -29.19 -22.71 -18.27
N MET C 245 -28.14 -23.46 -18.62
CA MET C 245 -28.35 -24.80 -19.17
C MET C 245 -28.76 -25.80 -18.10
N LYS C 246 -28.06 -25.81 -16.96
CA LYS C 246 -28.40 -26.76 -15.90
C LYS C 246 -29.81 -26.53 -15.38
N HIS C 247 -30.34 -25.34 -15.57
CA HIS C 247 -31.66 -25.05 -15.08
C HIS C 247 -32.71 -25.71 -15.97
N PRO C 248 -33.77 -26.26 -15.39
CA PRO C 248 -34.68 -27.11 -16.15
C PRO C 248 -35.45 -26.42 -17.26
N LYS C 249 -36.25 -25.41 -16.89
CA LYS C 249 -37.14 -24.79 -17.87
C LYS C 249 -36.34 -24.15 -19.00
N LEU C 250 -35.18 -23.59 -18.69
CA LEU C 250 -34.35 -23.01 -19.72
C LEU C 250 -33.79 -24.10 -20.64
N SER C 251 -33.23 -25.15 -20.06
CA SER C 251 -32.75 -26.26 -20.87
C SER C 251 -33.85 -26.80 -21.79
N ASN C 252 -35.11 -26.68 -21.36
CA ASN C 252 -36.19 -27.11 -22.22
C ASN C 252 -36.71 -26.01 -23.12
N ASP C 253 -36.30 -24.76 -22.90
CA ASP C 253 -36.84 -23.64 -23.66
C ASP C 253 -36.52 -23.79 -25.14
N ASP C 254 -37.38 -23.19 -25.96
CA ASP C 254 -37.16 -23.14 -27.40
C ASP C 254 -36.19 -22.03 -27.76
N LEU C 255 -36.30 -20.90 -27.07
CA LEU C 255 -35.48 -19.74 -27.39
C LEU C 255 -34.00 -20.07 -27.29
N VAL C 256 -33.62 -20.77 -26.22
CA VAL C 256 -32.22 -21.01 -25.95
C VAL C 256 -31.60 -21.84 -27.08
N LEU C 257 -32.24 -22.95 -27.43
CA LEU C 257 -31.64 -23.82 -28.44
C LEU C 257 -31.50 -23.13 -29.78
N THR C 258 -32.52 -22.38 -30.19
CA THR C 258 -32.38 -21.57 -31.39
C THR C 258 -31.20 -20.63 -31.28
N PHE C 259 -31.04 -20.00 -30.12
CA PHE C 259 -29.84 -19.21 -29.89
C PHE C 259 -28.60 -20.07 -30.05
N LEU C 260 -28.70 -21.36 -29.74
CA LEU C 260 -27.56 -22.25 -29.87
C LEU C 260 -27.39 -22.70 -31.31
N THR C 261 -28.38 -23.41 -31.85
CA THR C 261 -28.30 -23.93 -33.22
C THR C 261 -28.72 -22.85 -34.20
N VAL C 262 -27.75 -22.06 -34.66
CA VAL C 262 -27.97 -21.00 -35.62
C VAL C 262 -26.64 -20.65 -36.25
N ARG C 263 -26.63 -20.44 -37.57
CA ARG C 263 -25.39 -20.19 -38.29
C ARG C 263 -25.35 -18.84 -38.98
N THR C 264 -26.50 -18.23 -39.23
CA THR C 264 -26.55 -16.91 -39.86
C THR C 264 -26.22 -15.85 -38.81
N ASP C 265 -26.53 -14.60 -39.13
CA ASP C 265 -26.28 -13.51 -38.19
C ASP C 265 -27.53 -13.18 -37.40
N LEU C 266 -27.38 -12.20 -36.51
CA LEU C 266 -28.47 -11.79 -35.63
C LEU C 266 -29.65 -11.22 -36.40
N THR C 267 -29.40 -10.61 -37.56
CA THR C 267 -30.48 -9.95 -38.27
C THR C 267 -31.44 -10.96 -38.88
N SER C 268 -30.92 -11.98 -39.57
CA SER C 268 -31.79 -13.00 -40.12
C SER C 268 -32.63 -13.61 -39.00
N TRP C 269 -32.02 -13.85 -37.84
CA TRP C 269 -32.81 -14.27 -36.70
C TRP C 269 -33.89 -13.25 -36.37
N ARG C 270 -33.53 -11.96 -36.37
CA ARG C 270 -34.51 -10.92 -36.09
C ARG C 270 -35.70 -11.02 -37.03
N LYS C 271 -35.48 -11.45 -38.27
CA LYS C 271 -36.60 -11.71 -39.17
C LYS C 271 -37.54 -12.75 -38.59
N GLN C 272 -37.01 -13.90 -38.19
CA GLN C 272 -37.79 -14.94 -37.54
C GLN C 272 -37.73 -14.84 -36.02
N ALA C 273 -37.55 -13.63 -35.48
CA ALA C 273 -37.54 -13.44 -34.04
C ALA C 273 -38.78 -14.06 -33.40
N THR C 274 -39.96 -13.50 -33.72
CA THR C 274 -41.24 -14.15 -33.50
C THR C 274 -41.37 -14.70 -32.08
N TYR C 275 -40.96 -13.89 -31.11
CA TYR C 275 -41.12 -14.29 -29.72
C TYR C 275 -42.54 -14.03 -29.21
N ASP C 276 -43.45 -13.62 -30.10
CA ASP C 276 -44.85 -13.53 -29.70
C ASP C 276 -45.41 -14.88 -29.30
N THR C 277 -44.88 -15.97 -29.87
CA THR C 277 -45.30 -17.29 -29.46
C THR C 277 -44.78 -17.62 -28.07
N SER C 278 -43.76 -16.90 -27.61
CA SER C 278 -43.06 -17.18 -26.36
C SER C 278 -43.32 -16.03 -25.38
N ASN C 279 -44.33 -16.21 -24.52
CA ASN C 279 -44.70 -15.17 -23.58
C ASN C 279 -45.29 -15.73 -22.29
N GLU C 280 -45.97 -14.89 -21.52
CA GLU C 280 -46.39 -15.21 -20.17
C GLU C 280 -47.39 -16.37 -20.14
N PHE C 281 -47.24 -17.24 -19.14
CA PHE C 281 -48.15 -18.36 -18.94
C PHE C 281 -49.50 -17.81 -18.48
N ALA C 282 -50.44 -17.70 -19.41
CA ALA C 282 -51.77 -17.24 -19.08
C ALA C 282 -52.74 -18.37 -18.77
N ASP C 283 -52.28 -19.61 -18.86
CA ASP C 283 -53.17 -20.77 -18.77
C ASP C 283 -53.39 -21.16 -17.31
N LYS C 284 -54.64 -21.50 -16.97
CA LYS C 284 -54.90 -22.06 -15.66
C LYS C 284 -54.55 -23.54 -15.65
N LYS C 285 -53.81 -23.96 -14.63
CA LYS C 285 -53.45 -25.36 -14.44
C LYS C 285 -53.83 -25.77 -13.02
N ILE C 286 -54.33 -26.99 -12.89
CA ILE C 286 -54.92 -27.47 -11.64
C ILE C 286 -53.81 -28.07 -10.79
N SER C 287 -53.47 -27.39 -9.71
CA SER C 287 -52.62 -27.97 -8.68
C SER C 287 -53.33 -29.18 -8.08
N GLN C 288 -52.63 -30.30 -8.00
CA GLN C 288 -53.23 -31.52 -7.46
C GLN C 288 -53.80 -31.26 -6.07
N GLU C 289 -52.93 -30.98 -5.12
CA GLU C 289 -53.37 -30.43 -3.84
C GLU C 289 -53.35 -28.92 -4.00
N PHE C 290 -54.53 -28.32 -4.16
CA PHE C 290 -54.58 -26.87 -4.30
C PHE C 290 -54.12 -26.18 -3.03
N MET C 291 -53.96 -26.93 -1.94
CA MET C 291 -53.38 -26.44 -0.69
C MET C 291 -52.26 -27.38 -0.29
N LYS C 292 -51.07 -27.19 -0.86
CA LYS C 292 -49.96 -28.02 -0.41
C LYS C 292 -49.29 -27.41 0.81
N MET C 293 -48.54 -26.31 0.64
CA MET C 293 -48.05 -25.56 1.79
C MET C 293 -47.88 -24.08 1.49
N TRP C 294 -48.55 -23.55 0.46
CA TRP C 294 -48.09 -22.31 -0.17
C TRP C 294 -48.19 -21.10 0.76
N LYS C 295 -48.98 -21.19 1.83
CA LYS C 295 -49.04 -20.13 2.83
C LYS C 295 -48.97 -20.64 4.27
N LYS C 296 -49.24 -21.92 4.50
CA LYS C 296 -49.22 -22.42 5.87
C LYS C 296 -47.83 -22.30 6.46
N GLU C 297 -46.80 -22.60 5.69
CA GLU C 297 -45.43 -22.37 6.14
C GLU C 297 -44.53 -21.76 5.07
N PHE C 298 -44.84 -21.88 3.79
CA PHE C 298 -43.89 -21.44 2.78
C PHE C 298 -43.81 -19.92 2.70
N ALA C 299 -44.89 -19.25 3.09
CA ALA C 299 -44.90 -17.79 3.09
C ALA C 299 -43.78 -17.26 3.97
N GLU C 300 -43.86 -17.51 5.28
CA GLU C 300 -42.77 -17.18 6.17
C GLU C 300 -41.47 -17.81 5.71
N GLN C 301 -41.55 -19.01 5.12
CA GLN C 301 -40.35 -19.71 4.70
C GLN C 301 -39.49 -18.84 3.80
N TRP C 302 -40.02 -18.41 2.67
CA TRP C 302 -39.16 -17.57 1.84
C TRP C 302 -39.19 -16.12 2.23
N ASN C 303 -40.11 -15.68 3.09
CA ASN C 303 -39.97 -14.37 3.67
C ASN C 303 -38.66 -14.25 4.42
N GLN C 304 -38.30 -15.29 5.16
CA GLN C 304 -37.03 -15.28 5.88
C GLN C 304 -35.85 -15.31 4.92
N ALA C 305 -35.97 -16.11 3.85
CA ALA C 305 -34.92 -16.17 2.84
C ALA C 305 -34.72 -14.81 2.18
N ALA C 306 -35.77 -14.00 2.12
CA ALA C 306 -35.67 -12.70 1.47
C ALA C 306 -34.52 -11.86 2.05
N SER C 307 -34.31 -11.93 3.35
CA SER C 307 -33.24 -11.20 4.00
C SER C 307 -31.98 -12.04 4.15
N CYS C 308 -32.17 -13.31 4.50
CA CYS C 308 -31.01 -14.17 4.61
C CYS C 308 -30.21 -14.20 3.34
N ILE C 309 -30.83 -13.96 2.19
CA ILE C 309 -30.10 -14.06 0.94
C ILE C 309 -29.13 -12.90 0.79
N ASP C 310 -29.53 -11.69 1.18
CA ASP C 310 -28.59 -10.58 1.10
C ASP C 310 -27.46 -10.79 2.12
N THR C 311 -27.81 -11.26 3.31
CA THR C 311 -26.77 -11.56 4.29
C THR C 311 -25.77 -12.56 3.73
N SER C 312 -26.25 -13.72 3.30
CA SER C 312 -25.38 -14.78 2.83
C SER C 312 -24.67 -14.41 1.54
N MET C 313 -25.26 -13.52 0.75
CA MET C 313 -24.59 -13.06 -0.45
C MET C 313 -23.34 -12.26 -0.09
N GLU C 314 -23.47 -11.30 0.84
CA GLU C 314 -22.28 -10.63 1.31
C GLU C 314 -21.27 -11.62 1.87
N LEU C 315 -21.73 -12.55 2.70
CA LEU C 315 -20.82 -13.52 3.30
C LEU C 315 -20.03 -14.29 2.23
N TRP C 316 -20.74 -14.97 1.33
CA TRP C 316 -20.06 -15.80 0.36
C TRP C 316 -19.20 -14.96 -0.57
N TYR C 317 -19.60 -13.73 -0.85
CA TYR C 317 -18.75 -12.87 -1.64
C TYR C 317 -17.43 -12.62 -0.91
N ARG C 318 -17.51 -12.30 0.38
CA ARG C 318 -16.29 -12.09 1.15
C ARG C 318 -15.42 -13.33 1.13
N ILE C 319 -16.05 -14.51 1.16
CA ILE C 319 -15.30 -15.75 1.25
C ILE C 319 -14.50 -15.98 -0.02
N THR C 320 -15.17 -15.91 -1.17
CA THR C 320 -14.43 -16.13 -2.40
C THR C 320 -13.45 -14.99 -2.67
N LEU C 321 -13.76 -13.79 -2.19
CA LEU C 321 -12.77 -12.71 -2.21
C LEU C 321 -11.52 -13.12 -1.44
N LEU C 322 -11.69 -13.71 -0.26
CA LEU C 322 -10.56 -14.12 0.54
C LEU C 322 -9.71 -15.14 -0.20
N LEU C 323 -10.37 -16.06 -0.91
CA LEU C 323 -9.58 -17.02 -1.70
C LEU C 323 -8.79 -16.33 -2.81
N GLU C 324 -9.42 -15.41 -3.53
CA GLU C 324 -8.67 -14.67 -4.55
C GLU C 324 -7.50 -13.93 -3.93
N ARG C 325 -7.68 -13.41 -2.73
CA ARG C 325 -6.61 -12.69 -2.06
C ARG C 325 -5.47 -13.64 -1.68
N HIS C 326 -5.81 -14.82 -1.17
CA HIS C 326 -4.79 -15.84 -0.92
C HIS C 326 -4.01 -16.12 -2.19
N GLU C 327 -4.69 -16.16 -3.32
CA GLU C 327 -3.97 -16.46 -4.54
C GLU C 327 -3.01 -15.35 -4.91
N LYS C 328 -3.46 -14.10 -4.88
CA LYS C 328 -2.56 -13.01 -5.21
C LYS C 328 -1.41 -12.93 -4.22
N ARG C 329 -1.67 -13.24 -2.96
CA ARG C 329 -0.61 -13.38 -1.98
C ARG C 329 0.45 -14.33 -2.49
N ILE C 330 0.06 -15.56 -2.80
CA ILE C 330 1.06 -16.55 -3.17
C ILE C 330 1.79 -16.14 -4.45
N MET C 331 1.13 -15.41 -5.34
CA MET C 331 1.82 -14.95 -6.55
C MET C 331 2.88 -13.93 -6.20
N GLN C 332 2.56 -13.00 -5.30
CA GLN C 332 3.59 -12.08 -4.83
C GLN C 332 4.73 -12.84 -4.16
N MET C 333 4.39 -13.93 -3.46
CA MET C 333 5.41 -14.70 -2.77
C MET C 333 6.35 -15.36 -3.75
N VAL C 334 5.82 -15.92 -4.85
CA VAL C 334 6.72 -16.53 -5.83
C VAL C 334 7.54 -15.46 -6.53
N HIS C 335 6.98 -14.26 -6.70
CA HIS C 335 7.80 -13.15 -7.17
C HIS C 335 9.04 -12.98 -6.30
N GLU C 336 8.84 -12.72 -5.01
CA GLU C 336 10.01 -12.46 -4.18
C GLU C 336 10.84 -13.72 -3.99
N ARG C 337 10.25 -14.89 -4.21
CA ARG C 337 11.03 -16.13 -4.12
C ARG C 337 12.05 -16.18 -5.25
N ASN C 338 11.64 -15.82 -6.46
CA ASN C 338 12.61 -15.81 -7.54
C ASN C 338 13.63 -14.71 -7.32
N PHE C 339 13.22 -13.59 -6.74
CA PHE C 339 14.20 -12.59 -6.33
C PHE C 339 15.20 -13.19 -5.36
N PHE C 340 14.71 -14.01 -4.43
CA PHE C 340 15.56 -14.69 -3.47
C PHE C 340 16.55 -15.61 -4.17
N GLU C 341 16.11 -16.26 -5.22
CA GLU C 341 17.02 -17.10 -5.99
C GLU C 341 18.13 -16.26 -6.60
N THR C 342 17.76 -15.13 -7.22
CA THR C 342 18.78 -14.22 -7.74
C THR C 342 19.80 -13.87 -6.66
N LEU C 343 19.30 -13.54 -5.47
CA LEU C 343 20.18 -13.16 -4.38
C LEU C 343 21.13 -14.29 -4.01
N VAL C 344 20.60 -15.51 -3.83
CA VAL C 344 21.46 -16.58 -3.36
C VAL C 344 22.47 -16.95 -4.42
N ASP C 345 22.14 -16.77 -5.71
CA ASP C 345 23.15 -16.98 -6.74
C ASP C 345 24.27 -15.96 -6.63
N ASN C 346 23.90 -14.68 -6.53
CA ASN C 346 24.92 -13.66 -6.36
C ASN C 346 25.74 -13.93 -5.10
N PHE C 347 25.08 -14.46 -4.06
CA PHE C 347 25.78 -14.71 -2.81
C PHE C 347 26.75 -15.86 -2.94
N SER C 348 26.35 -16.93 -3.62
CA SER C 348 27.29 -17.99 -3.94
C SER C 348 28.49 -17.42 -4.67
N GLU C 349 28.25 -16.53 -5.63
CA GLU C 349 29.37 -16.04 -6.42
C GLU C 349 30.27 -15.12 -5.62
N VAL C 350 29.74 -14.44 -4.61
CA VAL C 350 30.57 -13.56 -3.79
C VAL C 350 31.00 -14.21 -2.49
N THR C 351 30.73 -15.50 -2.30
CA THR C 351 31.33 -16.19 -1.17
C THR C 351 32.82 -16.43 -1.36
N PRO C 352 33.31 -16.93 -2.50
CA PRO C 352 34.77 -17.10 -2.61
C PRO C 352 35.53 -15.80 -2.57
N LYS C 353 35.09 -14.82 -3.36
CA LYS C 353 35.69 -13.49 -3.33
C LYS C 353 35.81 -12.96 -1.91
N LEU C 354 34.96 -13.42 -1.00
CA LEU C 354 35.01 -13.03 0.40
C LEU C 354 35.57 -14.11 1.30
N TYR C 355 35.42 -15.38 0.92
CA TYR C 355 35.96 -16.49 1.69
C TYR C 355 37.05 -17.16 0.90
N PRO C 356 38.29 -17.15 1.38
CA PRO C 356 39.42 -17.58 0.55
C PRO C 356 39.24 -19.02 0.09
N VAL C 357 39.51 -19.25 -1.18
CA VAL C 357 39.39 -20.59 -1.75
C VAL C 357 40.74 -21.31 -1.68
N GLN C 358 41.79 -20.69 -2.25
CA GLN C 358 43.10 -21.32 -2.29
C GLN C 358 43.60 -21.70 -0.91
N GLN C 359 43.02 -21.11 0.14
CA GLN C 359 43.29 -21.56 1.49
C GLN C 359 42.25 -22.57 1.94
N ASN C 360 40.98 -22.19 1.93
CA ASN C 360 39.91 -23.01 2.47
C ASN C 360 39.02 -23.50 1.33
N ASP C 361 38.70 -24.80 1.38
CA ASP C 361 37.89 -25.44 0.35
C ASP C 361 36.45 -25.68 0.77
N THR C 362 36.18 -25.82 2.06
CA THR C 362 34.83 -26.08 2.53
C THR C 362 33.83 -25.09 1.94
N ILE C 363 34.29 -23.87 1.64
CA ILE C 363 33.43 -22.88 1.00
C ILE C 363 32.82 -23.43 -0.28
N LEU C 364 33.57 -24.26 -1.01
CA LEU C 364 33.00 -24.85 -2.21
C LEU C 364 31.85 -25.79 -1.86
N ASP C 365 32.03 -26.60 -0.82
CA ASP C 365 30.92 -27.40 -0.32
C ASP C 365 29.71 -26.53 -0.04
N ILE C 366 29.91 -25.41 0.64
CA ILE C 366 28.75 -24.65 1.11
C ILE C 366 28.09 -23.88 -0.02
N ASN C 367 28.88 -23.29 -0.91
CA ASN C 367 28.26 -22.60 -2.03
C ASN C 367 27.87 -23.56 -3.15
N ASN C 368 28.04 -24.87 -2.96
CA ASN C 368 27.31 -25.81 -3.78
C ASN C 368 26.03 -26.27 -3.09
N ASN C 369 26.05 -26.32 -1.76
CA ASN C 369 24.79 -26.45 -1.04
C ASN C 369 23.83 -25.33 -1.41
N LEU C 370 24.35 -24.11 -1.53
CA LEU C 370 23.49 -23.00 -1.94
C LEU C 370 23.03 -23.15 -3.37
N SER C 371 23.79 -23.86 -4.22
CA SER C 371 23.28 -24.18 -5.54
C SER C 371 22.12 -25.17 -5.43
N ILE C 372 22.26 -26.15 -4.55
CA ILE C 372 21.14 -27.02 -4.23
C ILE C 372 19.93 -26.17 -3.83
N ILE C 373 20.16 -25.11 -3.08
CA ILE C 373 19.07 -24.30 -2.56
C ILE C 373 18.47 -23.42 -3.65
N LYS C 374 19.31 -22.88 -4.54
CA LYS C 374 18.75 -22.10 -5.64
C LYS C 374 17.90 -22.98 -6.54
N LYS C 375 18.34 -24.22 -6.78
CA LYS C 375 17.52 -25.12 -7.57
C LYS C 375 16.23 -25.47 -6.83
N HIS C 376 16.33 -25.68 -5.51
CA HIS C 376 15.13 -25.89 -4.71
C HIS C 376 14.16 -24.74 -4.88
N LEU C 377 14.65 -23.52 -4.76
CA LEU C 377 13.77 -22.36 -4.85
C LEU C 377 13.18 -22.24 -6.23
N GLU C 378 13.97 -22.56 -7.26
CA GLU C 378 13.44 -22.57 -8.61
C GLU C 378 12.25 -23.51 -8.71
N THR C 379 12.43 -24.75 -8.27
CA THR C 379 11.33 -25.71 -8.35
C THR C 379 10.16 -25.29 -7.46
N THR C 380 10.46 -24.77 -6.28
CA THR C 380 9.42 -24.40 -5.34
C THR C 380 8.58 -23.26 -5.89
N SER C 381 9.24 -22.26 -6.47
CA SER C 381 8.51 -21.15 -7.06
C SER C 381 7.71 -21.60 -8.26
N SER C 382 8.29 -22.47 -9.10
CA SER C 382 7.55 -22.97 -10.25
C SER C 382 6.27 -23.68 -9.80
N ILE C 383 6.37 -24.52 -8.78
CA ILE C 383 5.17 -25.23 -8.35
C ILE C 383 4.23 -24.32 -7.58
N CYS C 384 4.76 -23.29 -6.93
CA CYS C 384 3.88 -22.26 -6.42
C CYS C 384 3.03 -21.69 -7.53
N LYS C 385 3.67 -21.24 -8.61
CA LYS C 385 2.94 -20.65 -9.73
C LYS C 385 1.98 -21.64 -10.36
N GLN C 386 2.37 -22.92 -10.41
CA GLN C 386 1.47 -23.94 -10.92
C GLN C 386 0.24 -24.06 -10.06
N GLU C 387 0.42 -24.12 -8.75
CA GLU C 387 -0.73 -24.09 -7.86
C GLU C 387 -1.58 -22.87 -8.13
N THR C 388 -0.95 -21.71 -8.27
CA THR C 388 -1.71 -20.49 -8.53
C THR C 388 -2.62 -20.68 -9.73
N GLU C 389 -2.02 -20.81 -10.90
CA GLU C 389 -2.81 -20.87 -12.12
C GLU C 389 -3.78 -22.05 -12.08
N GLU C 390 -3.26 -23.28 -12.09
CA GLU C 390 -4.16 -24.43 -12.16
C GLU C 390 -5.15 -24.42 -11.02
N ILE C 391 -4.66 -24.55 -9.79
CA ILE C 391 -5.53 -24.77 -8.65
C ILE C 391 -6.52 -23.63 -8.52
N SER C 392 -6.04 -22.38 -8.42
CA SER C 392 -6.98 -21.31 -8.11
C SER C 392 -7.85 -20.94 -9.30
N GLY C 393 -7.30 -20.93 -10.52
CA GLY C 393 -8.13 -20.65 -11.67
C GLY C 393 -9.24 -21.65 -11.87
N THR C 394 -9.00 -22.92 -11.53
CA THR C 394 -10.03 -23.94 -11.65
C THR C 394 -10.80 -24.15 -10.35
N LEU C 395 -10.39 -23.52 -9.28
CA LEU C 395 -11.13 -23.55 -8.02
C LEU C 395 -12.14 -22.43 -7.95
N SER C 396 -11.82 -21.28 -8.54
CA SER C 396 -12.67 -20.11 -8.39
C SER C 396 -14.08 -20.35 -8.89
N PRO C 397 -14.33 -20.89 -10.10
CA PRO C 397 -15.72 -21.17 -10.49
C PRO C 397 -16.46 -22.03 -9.50
N LYS C 398 -15.82 -23.05 -8.95
CA LYS C 398 -16.47 -23.88 -7.93
C LYS C 398 -17.05 -23.04 -6.81
N PHE C 399 -16.47 -21.88 -6.54
CA PHE C 399 -17.02 -20.96 -5.57
C PHE C 399 -18.02 -20.00 -6.20
N LYS C 400 -17.66 -19.40 -7.34
CA LYS C 400 -18.44 -18.32 -7.91
C LYS C 400 -19.84 -18.77 -8.31
N ILE C 401 -19.99 -20.05 -8.68
CA ILE C 401 -21.30 -20.51 -9.12
C ILE C 401 -22.31 -20.36 -8.00
N PHE C 402 -21.89 -20.61 -6.76
CA PHE C 402 -22.79 -20.38 -5.65
C PHE C 402 -23.19 -18.92 -5.57
N THR C 403 -22.22 -18.00 -5.72
CA THR C 403 -22.53 -16.58 -5.67
C THR C 403 -23.52 -16.21 -6.75
N ASP C 404 -23.38 -16.81 -7.92
CA ASP C 404 -24.25 -16.42 -9.02
C ASP C 404 -25.64 -16.99 -8.86
N ILE C 405 -25.77 -18.21 -8.35
CA ILE C 405 -27.12 -18.69 -8.10
C ILE C 405 -27.73 -17.92 -6.94
N LEU C 406 -26.92 -17.49 -6.00
CA LEU C 406 -27.44 -16.70 -4.89
C LEU C 406 -28.02 -15.39 -5.38
N LEU C 407 -27.24 -14.60 -6.11
CA LEU C 407 -27.77 -13.35 -6.60
C LEU C 407 -28.82 -13.56 -7.69
N SER C 408 -28.89 -14.75 -8.28
CA SER C 408 -30.03 -15.06 -9.14
C SER C 408 -31.31 -15.18 -8.32
N LEU C 409 -31.25 -15.85 -7.17
CA LEU C 409 -32.42 -15.86 -6.30
C LEU C 409 -32.69 -14.49 -5.73
N ARG C 410 -31.66 -13.66 -5.59
CA ARG C 410 -31.88 -12.27 -5.23
C ARG C 410 -32.74 -11.57 -6.25
N SER C 411 -32.31 -11.58 -7.51
CA SER C 411 -33.12 -11.04 -8.59
C SER C 411 -34.53 -11.60 -8.56
N LEU C 412 -34.64 -12.90 -8.28
CA LEU C 412 -35.96 -13.53 -8.28
C LEU C 412 -36.85 -12.94 -7.20
N PHE C 413 -36.36 -12.87 -5.97
CA PHE C 413 -37.22 -12.36 -4.93
C PHE C 413 -37.51 -10.88 -5.13
N GLU C 414 -36.60 -10.17 -5.80
CA GLU C 414 -36.93 -8.79 -6.15
C GLU C 414 -38.11 -8.75 -7.10
N ARG C 415 -38.00 -9.43 -8.25
CA ARG C 415 -39.11 -9.46 -9.19
C ARG C 415 -40.38 -9.91 -8.50
N TYR C 416 -40.28 -10.92 -7.64
CA TYR C 416 -41.47 -11.50 -7.04
C TYR C 416 -42.12 -10.52 -6.09
N LYS C 417 -41.34 -9.90 -5.20
CA LYS C 417 -41.93 -8.93 -4.30
C LYS C 417 -42.61 -7.83 -5.06
N ILE C 418 -41.95 -7.30 -6.10
CA ILE C 418 -42.50 -6.13 -6.76
C ILE C 418 -43.60 -6.46 -7.75
N MET C 419 -43.80 -7.73 -8.08
CA MET C 419 -44.96 -8.04 -8.91
C MET C 419 -46.11 -8.60 -8.09
N ALA C 420 -45.84 -9.46 -7.11
CA ALA C 420 -46.84 -9.85 -6.14
C ALA C 420 -47.31 -8.68 -5.30
N ALA C 421 -46.62 -7.54 -5.37
CA ALA C 421 -47.25 -6.30 -4.89
C ALA C 421 -48.60 -6.07 -5.55
N ASN C 422 -48.76 -6.57 -6.78
CA ASN C 422 -50.07 -6.49 -7.43
C ASN C 422 -51.09 -7.31 -6.67
N ASN C 423 -50.72 -8.53 -6.26
CA ASN C 423 -51.63 -9.30 -5.44
C ASN C 423 -51.81 -8.66 -4.07
N VAL C 424 -50.83 -7.89 -3.62
CA VAL C 424 -50.97 -7.13 -2.38
C VAL C 424 -52.12 -6.13 -2.52
N VAL C 425 -52.06 -5.31 -3.57
CA VAL C 425 -53.13 -4.35 -3.82
C VAL C 425 -54.45 -5.07 -4.06
N GLU C 426 -54.40 -6.26 -4.66
CA GLU C 426 -55.63 -6.98 -4.94
C GLU C 426 -56.25 -7.54 -3.67
N LEU C 427 -55.44 -7.95 -2.69
CA LEU C 427 -55.98 -8.40 -1.41
C LEU C 427 -56.47 -7.23 -0.58
N GLN C 428 -55.84 -6.06 -0.73
CA GLN C 428 -56.40 -4.87 -0.09
C GLN C 428 -57.76 -4.53 -0.69
N ARG C 429 -57.89 -4.65 -2.01
CA ARG C 429 -59.20 -4.52 -2.64
C ARG C 429 -60.14 -5.63 -2.19
N HIS C 430 -59.60 -6.81 -1.88
CA HIS C 430 -60.41 -7.90 -1.35
C HIS C 430 -61.10 -7.47 -0.07
N VAL C 431 -60.33 -6.94 0.88
CA VAL C 431 -60.94 -6.52 2.14
C VAL C 431 -61.83 -5.31 1.93
N GLU C 432 -61.42 -4.39 1.04
CA GLU C 432 -62.22 -3.20 0.77
C GLU C 432 -63.59 -3.57 0.20
N LEU C 433 -63.62 -4.55 -0.70
CA LEU C 433 -64.87 -4.95 -1.30
C LEU C 433 -65.69 -5.83 -0.37
N ASN C 434 -65.04 -6.67 0.44
CA ASN C 434 -65.76 -7.34 1.51
C ASN C 434 -66.54 -6.32 2.33
N LYS C 435 -65.87 -5.25 2.73
CA LYS C 435 -66.52 -4.23 3.56
C LYS C 435 -67.63 -3.50 2.82
N GLU C 436 -67.33 -2.99 1.62
CA GLU C 436 -68.34 -2.23 0.89
C GLU C 436 -69.53 -3.09 0.50
N LYS C 437 -69.33 -4.39 0.29
CA LYS C 437 -70.44 -5.25 -0.10
C LYS C 437 -71.23 -5.74 1.09
N LEU C 438 -70.62 -5.81 2.28
CA LEU C 438 -71.43 -6.08 3.46
C LEU C 438 -72.24 -4.84 3.85
N GLU C 439 -71.67 -3.64 3.68
CA GLU C 439 -72.47 -2.43 3.81
C GLU C 439 -73.49 -2.31 2.69
N SER C 440 -73.25 -2.97 1.55
CA SER C 440 -74.17 -2.89 0.44
C SER C 440 -75.52 -3.51 0.79
N MET C 441 -75.53 -4.48 1.70
CA MET C 441 -76.76 -5.23 1.97
C MET C 441 -77.73 -4.39 2.81
N LYS C 442 -78.06 -3.23 2.25
CA LYS C 442 -79.27 -2.50 2.63
C LYS C 442 -80.47 -3.00 1.85
N GLY C 443 -80.34 -4.14 1.18
CA GLY C 443 -81.35 -4.66 0.29
C GLY C 443 -81.43 -3.96 -1.05
N LYS C 444 -80.60 -2.93 -1.28
CA LYS C 444 -80.76 -2.02 -2.40
C LYS C 444 -82.18 -1.46 -2.40
N PRO C 445 -82.63 -0.89 -1.28
CA PRO C 445 -84.09 -0.78 -1.05
C PRO C 445 -84.79 0.18 -1.99
N ASP C 446 -84.17 1.31 -2.30
CA ASP C 446 -84.80 2.25 -3.21
C ASP C 446 -84.90 1.64 -4.61
N VAL C 447 -86.03 1.91 -5.26
CA VAL C 447 -86.24 1.47 -6.63
C VAL C 447 -85.35 2.31 -7.54
N SER C 448 -84.19 1.78 -7.89
CA SER C 448 -83.18 2.52 -8.65
C SER C 448 -82.47 1.55 -9.58
N GLY C 449 -82.76 1.67 -10.87
CA GLY C 449 -82.03 0.88 -11.85
C GLY C 449 -80.61 1.36 -12.03
N ALA C 450 -80.37 2.65 -11.78
CA ALA C 450 -79.02 3.18 -11.86
C ALA C 450 -78.12 2.52 -10.82
N GLU C 451 -78.53 2.58 -9.55
CA GLU C 451 -77.74 1.96 -8.49
C GLU C 451 -77.62 0.46 -8.71
N TYR C 452 -78.73 -0.20 -9.04
CA TYR C 452 -78.70 -1.62 -9.37
C TYR C 452 -77.65 -1.96 -10.42
N ASP C 453 -77.72 -1.34 -11.61
CA ASP C 453 -76.80 -1.68 -12.68
C ASP C 453 -75.37 -1.29 -12.34
N ARG C 454 -75.17 -0.14 -11.69
CA ARG C 454 -73.81 0.27 -11.37
C ARG C 454 -73.15 -0.71 -10.41
N ILE C 455 -73.83 -1.06 -9.31
CA ILE C 455 -73.18 -1.95 -8.38
C ILE C 455 -73.18 -3.38 -8.90
N LYS C 456 -74.06 -3.71 -9.85
CA LYS C 456 -73.96 -5.01 -10.51
C LYS C 456 -72.70 -5.08 -11.37
N LYS C 457 -72.43 -4.04 -12.15
CA LYS C 457 -71.18 -3.99 -12.89
C LYS C 457 -70.00 -4.07 -11.93
N ILE C 458 -70.08 -3.32 -10.83
CA ILE C 458 -69.05 -3.36 -9.80
C ILE C 458 -68.77 -4.80 -9.38
N ILE C 459 -69.81 -5.49 -8.91
CA ILE C 459 -69.59 -6.82 -8.35
C ILE C 459 -69.14 -7.80 -9.42
N GLN C 460 -69.63 -7.67 -10.66
CA GLN C 460 -69.29 -8.67 -11.67
C GLN C 460 -67.83 -8.51 -12.12
N LYS C 461 -67.40 -7.26 -12.39
CA LYS C 461 -66.01 -7.06 -12.75
C LYS C 461 -65.09 -7.41 -11.59
N ASP C 462 -65.52 -7.13 -10.36
CA ASP C 462 -64.70 -7.52 -9.23
C ASP C 462 -64.64 -9.03 -9.05
N ARG C 463 -65.70 -9.74 -9.44
CA ARG C 463 -65.72 -11.19 -9.31
C ARG C 463 -64.78 -11.85 -10.32
N ARG C 464 -64.90 -11.47 -11.60
CA ARG C 464 -63.92 -11.96 -12.56
C ARG C 464 -62.51 -11.53 -12.14
N SER C 465 -62.39 -10.37 -11.49
CA SER C 465 -61.09 -9.93 -11.01
C SER C 465 -60.54 -10.86 -9.94
N ILE C 466 -61.37 -11.22 -8.97
CA ILE C 466 -60.86 -12.05 -7.87
C ILE C 466 -60.53 -13.44 -8.37
N ILE C 467 -61.30 -13.96 -9.33
CA ILE C 467 -60.96 -15.28 -9.84
C ILE C 467 -59.66 -15.23 -10.65
N GLU C 468 -59.46 -14.16 -11.43
CA GLU C 468 -58.22 -14.09 -12.23
C GLU C 468 -57.01 -13.87 -11.33
N GLN C 469 -57.17 -13.11 -10.25
CA GLN C 469 -56.04 -12.88 -9.36
C GLN C 469 -55.72 -14.12 -8.55
N SER C 470 -56.73 -14.93 -8.21
CA SER C 470 -56.43 -16.18 -7.54
C SER C 470 -55.71 -17.14 -8.48
N ASN C 471 -56.20 -17.24 -9.71
CA ASN C 471 -55.48 -17.98 -10.74
C ASN C 471 -54.02 -17.55 -10.80
N ARG C 472 -53.78 -16.24 -10.88
CA ARG C 472 -52.41 -15.72 -10.99
C ARG C 472 -51.61 -15.97 -9.72
N ALA C 473 -52.24 -15.86 -8.56
CA ALA C 473 -51.53 -16.06 -7.30
C ALA C 473 -50.99 -17.48 -7.19
N TRP C 474 -51.87 -18.46 -7.45
CA TRP C 474 -51.40 -19.84 -7.41
C TRP C 474 -50.39 -20.11 -8.53
N LEU C 475 -50.63 -19.55 -9.72
CA LEU C 475 -49.72 -19.76 -10.83
C LEU C 475 -48.35 -19.15 -10.56
N ILE C 476 -48.29 -18.20 -9.62
CA ILE C 476 -47.01 -17.63 -9.24
C ILE C 476 -46.34 -18.49 -8.19
N ARG C 477 -47.07 -18.80 -7.11
CA ARG C 477 -46.48 -19.58 -6.03
C ARG C 477 -45.89 -20.89 -6.55
N GLN C 478 -46.56 -21.50 -7.53
CA GLN C 478 -46.03 -22.75 -8.06
C GLN C 478 -44.63 -22.56 -8.63
N CYS C 479 -44.42 -21.48 -9.40
CA CYS C 479 -43.10 -21.25 -9.96
C CYS C 479 -42.10 -20.92 -8.87
N ILE C 480 -42.56 -20.26 -7.81
CA ILE C 480 -41.70 -20.06 -6.65
C ILE C 480 -41.14 -21.39 -6.17
N LEU C 481 -42.01 -22.39 -6.05
CA LEU C 481 -41.53 -23.70 -5.59
C LEU C 481 -40.59 -24.34 -6.62
N GLU C 482 -40.96 -24.24 -7.89
CA GLU C 482 -40.10 -24.79 -8.95
C GLU C 482 -38.69 -24.23 -8.84
N GLU C 483 -38.55 -23.00 -8.36
CA GLU C 483 -37.21 -22.44 -8.20
C GLU C 483 -36.55 -22.91 -6.90
N PHE C 484 -37.34 -22.99 -5.83
CA PHE C 484 -36.83 -23.57 -4.59
C PHE C 484 -36.12 -24.89 -4.83
N THR C 485 -36.55 -25.63 -5.85
CA THR C 485 -35.90 -26.89 -6.16
C THR C 485 -34.39 -26.72 -6.40
N ILE C 486 -34.03 -26.03 -7.48
CA ILE C 486 -32.61 -25.97 -7.78
C ILE C 486 -31.89 -25.17 -6.71
N PHE C 487 -32.61 -24.35 -5.94
CA PHE C 487 -31.92 -23.72 -4.81
C PHE C 487 -31.47 -24.78 -3.82
N GLN C 488 -32.33 -25.77 -3.57
CA GLN C 488 -31.92 -26.86 -2.70
C GLN C 488 -30.85 -27.73 -3.35
N GLU C 489 -30.64 -27.58 -4.66
CA GLU C 489 -29.43 -28.17 -5.24
C GLU C 489 -28.18 -27.36 -4.89
N THR C 490 -28.28 -26.03 -4.96
CA THR C 490 -27.17 -25.18 -4.53
C THR C 490 -26.71 -25.56 -3.13
N GLN C 491 -27.67 -25.99 -2.31
CA GLN C 491 -27.33 -26.55 -1.00
C GLN C 491 -26.11 -27.47 -1.08
N PHE C 492 -26.22 -28.57 -1.82
CA PHE C 492 -25.08 -29.46 -1.98
C PHE C 492 -23.94 -28.79 -2.73
N LEU C 493 -24.23 -27.75 -3.50
CA LEU C 493 -23.13 -27.10 -4.21
C LEU C 493 -22.13 -26.49 -3.23
N ILE C 494 -22.60 -25.93 -2.13
CA ILE C 494 -21.63 -25.35 -1.19
C ILE C 494 -20.73 -26.45 -0.63
N THR C 495 -21.30 -27.64 -0.43
CA THR C 495 -20.52 -28.79 -0.03
C THR C 495 -19.39 -29.03 -1.00
N ARG C 496 -19.74 -29.13 -2.29
CA ARG C 496 -18.71 -29.38 -3.29
C ARG C 496 -17.64 -28.31 -3.22
N ALA C 497 -18.05 -27.06 -3.02
CA ALA C 497 -17.10 -25.96 -2.97
C ALA C 497 -16.07 -26.19 -1.88
N PHE C 498 -16.53 -26.37 -0.65
CA PHE C 498 -15.57 -26.44 0.45
C PHE C 498 -14.71 -27.69 0.37
N GLN C 499 -15.28 -28.81 -0.08
CA GLN C 499 -14.47 -30.03 -0.13
C GLN C 499 -13.37 -29.91 -1.18
N ASP C 500 -13.70 -29.37 -2.36
CA ASP C 500 -12.66 -29.15 -3.35
C ASP C 500 -11.61 -28.18 -2.82
N TRP C 501 -12.04 -27.16 -2.09
CA TRP C 501 -11.11 -26.21 -1.51
C TRP C 501 -10.07 -26.93 -0.67
N ALA C 502 -10.56 -27.65 0.34
CA ALA C 502 -9.65 -28.35 1.23
C ALA C 502 -8.76 -29.30 0.46
N LYS C 503 -9.32 -30.01 -0.51
CA LYS C 503 -8.53 -31.01 -1.22
C LYS C 503 -7.36 -30.37 -1.96
N LEU C 504 -7.64 -29.28 -2.68
CA LEU C 504 -6.55 -28.71 -3.47
C LEU C 504 -5.54 -27.97 -2.61
N ASN C 505 -5.98 -27.38 -1.50
CA ASN C 505 -5.00 -26.90 -0.53
C ASN C 505 -4.13 -28.04 -0.06
N SER C 506 -4.70 -29.21 0.18
CA SER C 506 -3.91 -30.33 0.65
C SER C 506 -2.91 -30.76 -0.40
N ASN C 507 -3.32 -30.80 -1.66
CA ASN C 507 -2.38 -31.14 -2.72
C ASN C 507 -1.21 -30.19 -2.72
N HIS C 508 -1.49 -28.89 -2.64
CA HIS C 508 -0.43 -27.89 -2.66
C HIS C 508 0.50 -28.08 -1.47
N ALA C 509 -0.07 -28.22 -0.28
CA ALA C 509 0.75 -28.37 0.91
C ALA C 509 1.58 -29.64 0.83
N GLY C 510 1.02 -30.70 0.26
CA GLY C 510 1.76 -31.95 0.16
C GLY C 510 2.97 -31.80 -0.75
N LEU C 511 2.77 -31.20 -1.91
CA LEU C 511 3.91 -30.97 -2.79
C LEU C 511 4.94 -30.09 -2.12
N LYS C 512 4.49 -29.08 -1.37
CA LYS C 512 5.45 -28.18 -0.74
C LYS C 512 6.21 -28.90 0.37
N LEU C 513 5.55 -29.75 1.14
CA LEU C 513 6.25 -30.52 2.16
C LEU C 513 7.27 -31.44 1.53
N ASN C 514 6.88 -32.12 0.45
CA ASN C 514 7.83 -32.99 -0.21
C ASN C 514 9.04 -32.21 -0.68
N GLU C 515 8.81 -31.02 -1.22
CA GLU C 515 9.94 -30.20 -1.65
C GLU C 515 10.82 -29.83 -0.48
N TRP C 516 10.24 -29.41 0.63
CA TRP C 516 11.05 -29.00 1.77
C TRP C 516 11.90 -30.16 2.26
N GLU C 517 11.27 -31.27 2.63
CA GLU C 517 12.02 -32.39 3.15
C GLU C 517 13.05 -32.88 2.13
N LYS C 518 12.72 -32.81 0.84
CA LYS C 518 13.71 -33.14 -0.18
C LYS C 518 14.90 -32.20 -0.10
N LEU C 519 14.65 -30.93 0.18
CA LEU C 519 15.73 -29.97 0.28
C LEU C 519 16.62 -30.25 1.47
N VAL C 520 16.01 -30.58 2.62
CA VAL C 520 16.77 -30.76 3.87
C VAL C 520 18.00 -31.59 3.62
N THR C 521 17.92 -32.55 2.72
CA THR C 521 19.06 -33.30 2.26
C THR C 521 19.99 -32.41 1.46
N ALA D 149 30.39 -17.73 26.65
CA ALA D 149 29.50 -17.19 27.67
C ALA D 149 28.23 -16.66 27.05
N ASP D 150 27.32 -17.58 26.70
CA ASP D 150 26.09 -17.21 26.03
C ASP D 150 25.22 -16.50 27.05
N ILE D 151 25.45 -15.20 27.20
CA ILE D 151 24.76 -14.36 28.19
C ILE D 151 23.60 -13.68 27.49
N ILE D 152 22.53 -13.43 28.25
CA ILE D 152 21.28 -12.92 27.70
C ILE D 152 20.97 -11.59 28.37
N ILE D 153 20.36 -10.68 27.61
CA ILE D 153 20.04 -9.33 28.07
C ILE D 153 18.58 -9.07 27.79
N ILE D 154 17.75 -9.40 28.77
CA ILE D 154 16.29 -9.33 28.65
C ILE D 154 15.81 -8.54 29.85
N GLU D 155 14.57 -8.05 29.78
CA GLU D 155 13.99 -7.23 30.83
C GLU D 155 14.79 -5.93 30.98
N GLU D 156 15.01 -5.28 29.84
CA GLU D 156 15.52 -3.92 29.85
C GLU D 156 14.53 -3.03 30.58
N ILE D 157 15.03 -2.23 31.52
CA ILE D 157 14.12 -1.44 32.35
C ILE D 157 14.65 -0.01 32.48
N PRO D 158 14.01 0.98 31.84
CA PRO D 158 14.29 2.38 32.19
C PRO D 158 13.50 2.79 33.40
N GLU D 159 13.59 4.05 33.82
CA GLU D 159 12.59 4.56 34.75
C GLU D 159 11.20 4.42 34.10
N ARG D 160 10.18 4.25 34.94
CA ARG D 160 8.91 3.67 34.49
C ARG D 160 8.33 4.41 33.28
N GLU D 161 7.50 3.68 32.52
CA GLU D 161 7.03 4.16 31.24
C GLU D 161 6.06 5.33 31.39
N GLY D 162 6.16 6.26 30.45
CA GLY D 162 5.25 7.39 30.40
C GLY D 162 5.28 7.98 29.03
N LEU D 163 4.99 9.29 28.95
CA LEU D 163 5.20 9.99 27.68
C LEU D 163 6.67 9.96 27.27
N LEU D 164 7.56 10.15 28.23
CA LEU D 164 8.98 10.38 27.95
C LEU D 164 9.64 9.08 27.47
N PHE D 165 10.96 9.16 27.31
CA PHE D 165 11.78 7.99 27.05
C PHE D 165 13.07 8.13 27.83
N LYS D 166 13.47 7.05 28.50
CA LYS D 166 14.74 7.03 29.21
C LYS D 166 15.58 5.85 28.73
N HIS D 167 16.87 5.91 29.05
CA HIS D 167 17.84 4.93 28.58
C HIS D 167 17.86 3.72 29.49
N ALA D 168 17.24 2.64 29.04
CA ALA D 168 16.90 1.51 29.89
C ALA D 168 18.12 0.95 30.64
N ASN D 169 17.84 0.27 31.74
CA ASN D 169 18.86 -0.40 32.53
C ASN D 169 18.79 -1.91 32.26
N TYR D 170 19.83 -2.44 31.62
CA TYR D 170 19.80 -3.78 31.04
C TYR D 170 20.41 -4.77 31.99
N LEU D 171 19.69 -5.86 32.26
CA LEU D 171 20.14 -6.89 33.18
C LEU D 171 21.05 -7.86 32.44
N VAL D 172 22.35 -7.75 32.66
CA VAL D 172 23.32 -8.59 31.97
C VAL D 172 23.37 -9.91 32.73
N LYS D 173 22.80 -10.94 32.13
CA LYS D 173 22.54 -12.20 32.81
C LYS D 173 23.67 -13.17 32.51
N HIS D 174 24.65 -13.23 33.40
CA HIS D 174 25.92 -13.87 33.09
C HIS D 174 25.76 -15.39 33.13
N LEU D 175 25.16 -15.95 32.07
CA LEU D 175 25.13 -17.40 31.87
C LEU D 175 26.51 -17.78 31.37
N ILE D 176 27.36 -18.25 32.28
CA ILE D 176 28.80 -18.15 32.12
C ILE D 176 29.43 -19.52 32.00
N ALA D 177 30.32 -19.66 31.02
CA ALA D 177 31.21 -20.79 30.89
C ALA D 177 32.68 -20.39 30.84
N LEU D 178 32.98 -19.12 30.59
CA LEU D 178 34.36 -18.67 30.56
C LEU D 178 34.86 -18.41 31.98
N PRO D 179 36.04 -18.95 32.32
CA PRO D 179 36.54 -18.85 33.70
C PRO D 179 37.30 -17.58 34.02
N SER D 180 37.29 -16.56 33.17
CA SER D 180 37.93 -15.29 33.50
C SER D 180 37.56 -14.86 34.91
N THR D 181 36.28 -14.63 35.15
CA THR D 181 35.67 -14.84 36.45
C THR D 181 35.12 -16.26 36.34
N SER D 182 35.40 -17.09 37.34
CA SER D 182 34.96 -18.47 37.38
C SER D 182 33.49 -18.56 37.00
N PRO D 183 33.06 -19.60 36.28
CA PRO D 183 31.66 -19.69 35.88
C PRO D 183 30.72 -19.69 37.08
N SER D 184 29.99 -18.59 37.22
CA SER D 184 29.00 -18.42 38.28
C SER D 184 27.80 -19.31 38.00
N GLU D 185 27.01 -19.53 39.05
CA GLU D 185 25.67 -20.07 38.85
C GLU D 185 24.88 -19.19 37.91
N GLU D 186 24.80 -17.89 38.23
CA GLU D 186 24.30 -16.76 37.47
C GLU D 186 24.57 -15.53 38.31
N ARG D 187 24.91 -14.44 37.65
CA ARG D 187 25.10 -13.19 38.37
C ARG D 187 24.73 -12.05 37.45
N THR D 188 23.53 -11.52 37.68
CA THR D 188 23.00 -10.42 36.92
C THR D 188 23.72 -9.14 37.34
N VAL D 189 23.96 -8.27 36.37
CA VAL D 189 24.42 -6.92 36.64
C VAL D 189 23.49 -5.98 35.87
N VAL D 190 23.12 -4.89 36.52
CA VAL D 190 22.36 -3.83 35.88
C VAL D 190 23.34 -2.90 35.19
N ARG D 191 23.12 -2.66 33.90
CA ARG D 191 23.94 -1.78 33.09
C ARG D 191 23.06 -1.13 32.03
N ARG D 192 23.48 0.03 31.55
CA ARG D 192 22.65 0.84 30.66
C ARG D 192 23.16 0.75 29.24
N TYR D 193 22.38 1.34 28.32
CA TYR D 193 22.83 1.49 26.95
C TYR D 193 24.00 2.46 26.86
N SER D 194 23.95 3.53 27.64
CA SER D 194 25.11 4.39 27.78
C SER D 194 26.32 3.62 28.29
N ASP D 195 26.10 2.69 29.21
CA ASP D 195 27.19 1.87 29.72
C ASP D 195 27.82 1.05 28.59
N PHE D 196 26.98 0.50 27.72
CA PHE D 196 27.50 -0.28 26.60
C PHE D 196 28.19 0.62 25.57
N LEU D 197 27.76 1.87 25.47
CA LEU D 197 28.47 2.83 24.63
C LEU D 197 29.87 3.08 25.15
N TRP D 198 29.97 3.43 26.44
CA TRP D 198 31.27 3.51 27.08
C TRP D 198 32.09 2.27 26.79
N LEU D 199 31.47 1.10 26.96
CA LEU D 199 32.13 -0.16 26.67
C LEU D 199 32.75 -0.16 25.28
N ARG D 200 31.94 0.04 24.25
CA ARG D 200 32.43 -0.11 22.88
C ARG D 200 33.51 0.91 22.58
N GLU D 201 33.30 2.15 23.01
CA GLU D 201 34.34 3.14 22.77
C GLU D 201 35.65 2.71 23.40
N ILE D 202 35.58 2.14 24.60
CA ILE D 202 36.80 1.74 25.28
C ILE D 202 37.47 0.58 24.54
N LEU D 203 36.66 -0.36 24.07
CA LEU D 203 37.19 -1.46 23.27
C LEU D 203 37.92 -0.90 22.05
N LEU D 204 37.28 0.01 21.35
CA LEU D 204 37.87 0.60 20.15
C LEU D 204 39.19 1.26 20.48
N LYS D 205 39.26 1.97 21.61
CA LYS D 205 40.49 2.65 21.99
C LYS D 205 41.59 1.65 22.32
N ARG D 206 41.25 0.56 22.99
CA ARG D 206 42.28 -0.37 23.45
C ARG D 206 42.73 -1.29 22.33
N TYR D 207 41.81 -2.03 21.72
CA TYR D 207 42.13 -3.07 20.75
C TYR D 207 41.81 -2.58 19.35
N PRO D 208 42.80 -2.12 18.59
CA PRO D 208 42.55 -1.81 17.18
C PRO D 208 42.83 -3.02 16.31
N PHE D 209 42.22 -3.01 15.13
CA PHE D 209 42.39 -4.08 14.15
C PHE D 209 41.98 -5.43 14.72
N ARG D 210 40.85 -5.44 15.43
CA ARG D 210 40.27 -6.66 15.95
C ARG D 210 38.76 -6.58 15.75
N MET D 211 38.16 -7.75 15.57
CA MET D 211 36.72 -7.84 15.38
C MET D 211 35.99 -7.02 16.43
N ILE D 212 34.99 -6.27 15.99
CA ILE D 212 34.23 -5.41 16.90
C ILE D 212 32.79 -5.31 16.41
N PRO D 213 31.82 -5.66 17.24
CA PRO D 213 30.43 -5.68 16.77
C PRO D 213 29.88 -4.27 16.63
N GLU D 214 28.73 -4.19 16.00
CA GLU D 214 28.08 -2.90 15.79
C GLU D 214 27.60 -2.33 17.12
N LEU D 215 27.01 -1.16 17.06
CA LEU D 215 26.22 -0.57 18.11
C LEU D 215 24.74 -0.79 17.82
N PRO D 216 23.87 -0.65 18.80
CA PRO D 216 22.46 -0.52 18.51
C PRO D 216 22.18 0.86 17.94
N PRO D 217 21.11 1.02 17.16
CA PRO D 217 20.82 2.33 16.56
C PRO D 217 20.69 3.41 17.61
N LYS D 218 20.72 4.66 17.16
CA LYS D 218 21.00 5.76 18.06
C LYS D 218 19.83 6.05 18.99
N ARG D 219 20.17 6.44 20.23
CA ARG D 219 19.19 6.87 21.22
C ARG D 219 18.82 8.33 21.09
N ILE D 220 19.55 9.12 20.31
CA ILE D 220 19.22 10.52 20.10
C ILE D 220 18.58 10.62 18.71
N GLY D 221 17.97 9.54 18.26
CA GLY D 221 17.20 9.57 17.03
C GLY D 221 16.09 10.61 17.10
N SER D 222 15.45 10.83 15.95
CA SER D 222 14.38 11.81 15.87
C SER D 222 13.24 11.46 16.84
N GLN D 223 12.57 10.35 16.59
CA GLN D 223 11.47 9.89 17.44
C GLN D 223 11.68 8.39 17.70
N ASN D 224 12.20 8.08 18.88
CA ASN D 224 12.45 6.72 19.34
C ASN D 224 11.52 6.34 20.48
N ALA D 225 10.25 6.77 20.41
CA ALA D 225 9.37 6.74 21.57
C ALA D 225 8.92 5.32 21.91
N ASP D 226 8.23 4.66 20.99
CA ASP D 226 7.56 3.41 21.32
C ASP D 226 8.58 2.29 21.57
N GLN D 227 8.07 1.13 21.99
CA GLN D 227 8.90 0.05 22.47
C GLN D 227 9.63 -0.71 21.38
N LEU D 228 9.28 -0.51 20.10
CA LEU D 228 9.92 -1.28 19.04
C LEU D 228 11.40 -0.97 18.94
N PHE D 229 11.73 0.32 18.88
CA PHE D 229 13.10 0.80 18.76
C PHE D 229 13.86 0.67 20.06
N LEU D 230 13.27 0.02 21.06
CA LEU D 230 13.95 -0.41 22.27
C LEU D 230 14.09 -1.91 22.35
N LYS D 231 13.11 -2.65 21.84
CA LYS D 231 13.20 -4.10 21.76
C LYS D 231 14.26 -4.52 20.76
N LYS D 232 14.24 -3.89 19.58
CA LYS D 232 15.35 -4.10 18.66
C LYS D 232 16.67 -3.76 19.34
N ARG D 233 16.68 -2.72 20.17
CA ARG D 233 17.90 -2.34 20.86
C ARG D 233 18.37 -3.43 21.80
N ARG D 234 17.43 -4.06 22.53
CA ARG D 234 17.86 -5.08 23.49
C ARG D 234 18.31 -6.35 22.80
N ILE D 235 17.59 -6.79 21.75
CA ILE D 235 18.03 -7.96 20.99
C ILE D 235 19.38 -7.70 20.36
N GLY D 236 19.53 -6.57 19.67
CA GLY D 236 20.82 -6.20 19.15
C GLY D 236 21.88 -6.18 20.23
N LEU D 237 21.56 -5.60 21.39
CA LEU D 237 22.54 -5.45 22.46
C LEU D 237 23.03 -6.80 22.93
N SER D 238 22.10 -7.73 23.16
CA SER D 238 22.48 -9.10 23.50
C SER D 238 23.41 -9.67 22.45
N ARG D 239 23.03 -9.52 21.17
CA ARG D 239 23.89 -10.02 20.11
C ARG D 239 25.26 -9.39 20.16
N PHE D 240 25.31 -8.09 20.48
CA PHE D 240 26.56 -7.35 20.42
C PHE D 240 27.51 -7.82 21.50
N ILE D 241 27.05 -7.85 22.74
CA ILE D 241 27.92 -8.31 23.82
C ILE D 241 28.28 -9.77 23.62
N ASN D 242 27.30 -10.62 23.34
CA ASN D 242 27.61 -12.04 23.21
C ASN D 242 28.58 -12.28 22.07
N LEU D 243 28.51 -11.46 21.03
CA LEU D 243 29.50 -11.55 19.97
C LEU D 243 30.86 -11.13 20.48
N VAL D 244 30.92 -10.06 21.26
CA VAL D 244 32.16 -9.70 21.93
C VAL D 244 32.73 -10.90 22.68
N MET D 245 31.85 -11.74 23.23
CA MET D 245 32.31 -12.82 24.09
C MET D 245 32.94 -13.95 23.30
N LYS D 246 32.29 -14.40 22.22
CA LYS D 246 32.85 -15.50 21.43
C LYS D 246 34.19 -15.12 20.82
N HIS D 247 34.46 -13.84 20.70
CA HIS D 247 35.71 -13.41 20.11
C HIS D 247 36.85 -13.61 21.11
N PRO D 248 38.02 -14.07 20.65
CA PRO D 248 39.06 -14.49 21.59
C PRO D 248 39.64 -13.39 22.46
N LYS D 249 40.22 -12.37 21.83
CA LYS D 249 40.94 -11.36 22.60
C LYS D 249 40.01 -10.63 23.55
N LEU D 250 38.76 -10.42 23.13
CA LEU D 250 37.80 -9.77 24.01
C LEU D 250 37.46 -10.68 25.18
N SER D 251 37.13 -11.94 24.91
CA SER D 251 36.87 -12.89 25.99
C SER D 251 38.02 -12.93 26.97
N ASN D 252 39.25 -12.67 26.51
CA ASN D 252 40.38 -12.64 27.41
C ASN D 252 40.64 -11.26 27.99
N ASP D 253 39.99 -10.23 27.47
CA ASP D 253 40.26 -8.86 27.91
C ASP D 253 39.95 -8.69 29.38
N ASP D 254 40.65 -7.74 30.00
CA ASP D 254 40.38 -7.37 31.39
C ASP D 254 39.19 -6.43 31.48
N LEU D 255 39.10 -5.50 30.53
CA LEU D 255 38.04 -4.49 30.56
C LEU D 255 36.66 -5.14 30.59
N VAL D 256 36.47 -6.15 29.74
CA VAL D 256 35.15 -6.73 29.59
C VAL D 256 34.68 -7.35 30.90
N LEU D 257 35.52 -8.19 31.51
CA LEU D 257 35.09 -8.89 32.71
C LEU D 257 34.78 -7.91 33.83
N THR D 258 35.61 -6.89 34.02
CA THR D 258 35.27 -5.85 34.99
C THR D 258 33.94 -5.22 34.66
N PHE D 259 33.68 -4.96 33.38
CA PHE D 259 32.35 -4.51 33.00
C PHE D 259 31.30 -5.53 33.40
N LEU D 260 31.67 -6.81 33.42
CA LEU D 260 30.73 -7.85 33.81
C LEU D 260 30.63 -7.95 35.33
N THR D 261 31.72 -8.28 36.00
CA THR D 261 31.71 -8.44 37.45
C THR D 261 31.88 -7.07 38.11
N VAL D 262 30.75 -6.42 38.38
CA VAL D 262 30.73 -5.13 39.05
C VAL D 262 29.34 -4.91 39.60
N ARG D 263 29.25 -4.39 40.82
CA ARG D 263 27.97 -4.21 41.48
C ARG D 263 27.64 -2.76 41.80
N THR D 264 28.63 -1.89 41.86
CA THR D 264 28.39 -0.48 42.13
C THR D 264 27.89 0.19 40.85
N ASP D 265 27.93 1.52 40.83
CA ASP D 265 27.48 2.27 39.67
C ASP D 265 28.66 2.64 38.78
N LEU D 266 28.34 3.31 37.68
CA LEU D 266 29.35 3.68 36.69
C LEU D 266 30.37 4.66 37.25
N THR D 267 29.97 5.48 38.22
CA THR D 267 30.87 6.51 38.73
C THR D 267 32.00 5.91 39.55
N SER D 268 31.67 5.01 40.48
CA SER D 268 32.72 4.35 41.25
C SER D 268 33.71 3.67 40.31
N TRP D 269 33.19 3.02 39.27
CA TRP D 269 34.07 2.49 38.23
C TRP D 269 34.93 3.60 37.63
N ARG D 270 34.32 4.74 37.32
CA ARG D 270 35.07 5.85 36.75
C ARG D 270 36.23 6.24 37.66
N LYS D 271 36.07 6.10 38.98
CA LYS D 271 37.19 6.32 39.88
C LYS D 271 38.35 5.37 39.56
N GLN D 272 38.06 4.07 39.47
CA GLN D 272 39.06 3.08 39.08
C GLN D 272 39.02 2.78 37.60
N ALA D 273 38.62 3.76 36.77
CA ALA D 273 38.60 3.56 35.33
C ALA D 273 39.96 3.08 34.84
N THR D 274 40.99 3.92 34.97
CA THR D 274 42.38 3.51 34.90
C THR D 274 42.66 2.65 33.65
N TYR D 275 42.12 3.09 32.52
CA TYR D 275 42.39 2.40 31.27
C TYR D 275 43.74 2.79 30.69
N ASP D 276 44.53 3.59 31.40
CA ASP D 276 45.89 3.86 30.96
C ASP D 276 46.73 2.60 30.90
N THR D 277 46.41 1.62 31.75
CA THR D 277 47.10 0.33 31.68
C THR D 277 46.69 -0.44 30.43
N SER D 278 45.56 -0.07 29.83
CA SER D 278 44.97 -0.79 28.71
C SER D 278 45.02 0.08 27.47
N ASN D 279 46.06 -0.09 26.66
CA ASN D 279 46.24 0.73 25.46
C ASN D 279 46.96 -0.01 24.34
N GLU D 280 47.49 0.73 23.38
CA GLU D 280 47.99 0.16 22.13
C GLU D 280 49.20 -0.74 22.38
N PHE D 281 49.26 -1.83 21.63
CA PHE D 281 50.39 -2.76 21.70
C PHE D 281 51.61 -2.10 21.09
N ALA D 282 52.48 -1.56 21.93
CA ALA D 282 53.70 -0.93 21.46
C ALA D 282 54.89 -1.88 21.42
N ASP D 283 54.70 -3.13 21.84
CA ASP D 283 55.80 -4.07 22.01
C ASP D 283 56.13 -4.76 20.70
N LYS D 284 57.43 -4.92 20.43
CA LYS D 284 57.84 -5.73 19.30
C LYS D 284 57.79 -7.20 19.67
N LYS D 285 57.18 -8.01 18.81
CA LYS D 285 57.12 -9.45 18.99
C LYS D 285 57.61 -10.13 17.71
N ILE D 286 58.35 -11.21 17.89
CA ILE D 286 59.06 -11.86 16.79
C ILE D 286 58.13 -12.87 16.13
N SER D 287 57.67 -12.56 14.93
CA SER D 287 56.99 -13.55 14.12
C SER D 287 57.95 -14.70 13.81
N GLN D 288 57.49 -15.93 14.05
CA GLN D 288 58.34 -17.09 13.82
C GLN D 288 58.88 -17.09 12.40
N GLU D 289 57.99 -17.24 11.42
CA GLU D 289 58.34 -16.96 10.03
C GLU D 289 58.02 -15.49 9.81
N PHE D 290 59.04 -14.65 9.77
CA PHE D 290 58.80 -13.23 9.54
C PHE D 290 58.24 -13.00 8.15
N MET D 291 58.27 -14.01 7.29
CA MET D 291 57.63 -13.97 5.98
C MET D 291 56.74 -15.21 5.86
N LYS D 292 55.52 -15.11 6.39
CA LYS D 292 54.61 -16.24 6.20
C LYS D 292 53.87 -16.11 4.87
N MET D 293 52.91 -15.18 4.78
CA MET D 293 52.31 -14.87 3.49
C MET D 293 51.83 -13.42 3.41
N TRP D 294 52.35 -12.52 4.26
CA TRP D 294 51.63 -11.28 4.56
C TRP D 294 51.51 -10.35 3.35
N LYS D 295 52.33 -10.55 2.32
CA LYS D 295 52.19 -9.79 1.08
C LYS D 295 52.27 -10.65 -0.17
N LYS D 296 52.80 -11.87 -0.08
CA LYS D 296 52.92 -12.69 -1.28
C LYS D 296 51.55 -13.01 -1.85
N GLU D 297 50.58 -13.31 -0.99
CA GLU D 297 49.21 -13.49 -1.45
C GLU D 297 48.17 -12.82 -0.56
N PHE D 298 48.47 -12.55 0.71
CA PHE D 298 47.42 -12.07 1.60
C PHE D 298 47.04 -10.64 1.29
N ALA D 299 47.96 -9.86 0.72
CA ALA D 299 47.67 -8.48 0.34
C ALA D 299 46.49 -8.44 -0.61
N GLU D 300 46.66 -8.99 -1.81
CA GLU D 300 45.55 -9.13 -2.73
C GLU D 300 44.39 -9.88 -2.09
N GLN D 301 44.70 -10.83 -1.22
CA GLN D 301 43.65 -11.64 -0.60
C GLN D 301 42.61 -10.76 0.06
N TRP D 302 43.01 -9.95 1.04
CA TRP D 302 41.98 -9.14 1.65
C TRP D 302 41.72 -7.85 0.90
N ASN D 303 42.56 -7.48 -0.06
CA ASN D 303 42.17 -6.40 -0.95
C ASN D 303 40.89 -6.75 -1.67
N GLN D 304 40.76 -8.00 -2.11
CA GLN D 304 39.54 -8.42 -2.78
C GLN D 304 38.36 -8.45 -1.81
N ALA D 305 38.62 -8.91 -0.58
CA ALA D 305 37.57 -8.92 0.43
C ALA D 305 37.09 -7.52 0.74
N ALA D 306 37.94 -6.51 0.56
CA ALA D 306 37.57 -5.14 0.87
C ALA D 306 36.29 -4.73 0.13
N SER D 307 36.13 -5.17 -1.12
CA SER D 307 34.95 -4.85 -1.90
C SER D 307 33.89 -5.94 -1.80
N CYS D 308 34.34 -7.20 -1.81
CA CYS D 308 33.38 -8.27 -1.69
C CYS D 308 32.57 -8.15 -0.41
N ILE D 309 33.10 -7.49 0.62
CA ILE D 309 32.37 -7.43 1.87
C ILE D 309 31.18 -6.48 1.75
N ASP D 310 31.34 -5.36 1.05
CA ASP D 310 30.19 -4.49 0.87
C ASP D 310 29.16 -5.16 -0.02
N THR D 311 29.63 -5.84 -1.07
CA THR D 311 28.69 -6.58 -1.91
C THR D 311 27.90 -7.59 -1.09
N SER D 312 28.60 -8.48 -0.40
CA SER D 312 27.95 -9.55 0.35
C SER D 312 27.15 -9.00 1.51
N MET D 313 27.52 -7.84 2.04
CA MET D 313 26.74 -7.24 3.11
C MET D 313 25.37 -6.84 2.59
N GLU D 314 25.33 -6.14 1.45
CA GLU D 314 24.03 -5.87 0.84
C GLU D 314 23.26 -7.15 0.60
N LEU D 315 23.92 -8.15 0.01
CA LEU D 315 23.24 -9.40 -0.30
C LEU D 315 22.61 -10.02 0.94
N TRP D 316 23.41 -10.29 1.97
CA TRP D 316 22.89 -10.96 3.15
C TRP D 316 21.85 -10.11 3.85
N TYR D 317 21.98 -8.79 3.80
CA TYR D 317 20.95 -7.95 4.36
C TYR D 317 19.63 -8.18 3.63
N ARG D 318 19.68 -8.18 2.30
CA ARG D 318 18.46 -8.43 1.53
C ARG D 318 17.86 -9.77 1.90
N ILE D 319 18.72 -10.76 2.14
CA ILE D 319 18.24 -12.11 2.39
C ILE D 319 17.47 -12.17 3.71
N THR D 320 18.09 -11.67 4.77
CA THR D 320 17.37 -11.71 6.05
C THR D 320 16.17 -10.77 6.04
N LEU D 321 16.24 -9.69 5.26
CA LEU D 321 15.06 -8.88 5.03
C LEU D 321 13.93 -9.70 4.43
N LEU D 322 14.25 -10.52 3.44
CA LEU D 322 13.25 -11.35 2.80
C LEU D 322 12.61 -12.31 3.79
N LEU D 323 13.41 -12.86 4.70
CA LEU D 323 12.82 -13.72 5.72
C LEU D 323 11.88 -12.95 6.64
N GLU D 324 12.30 -11.77 7.09
CA GLU D 324 11.38 -10.97 7.90
C GLU D 324 10.10 -10.66 7.15
N ARG D 325 10.20 -10.44 5.84
CA ARG D 325 9.02 -10.15 5.05
C ARG D 325 8.11 -11.36 4.96
N HIS D 326 8.70 -12.54 4.75
CA HIS D 326 7.92 -13.77 4.79
C HIS D 326 7.17 -13.88 6.11
N GLU D 327 7.82 -13.50 7.20
CA GLU D 327 7.15 -13.61 8.47
C GLU D 327 5.97 -12.67 8.57
N LYS D 328 6.16 -11.40 8.22
CA LYS D 328 5.04 -10.46 8.28
C LYS D 328 3.92 -10.88 7.34
N ARG D 329 4.28 -11.43 6.19
CA ARG D 329 3.29 -12.03 5.31
C ARG D 329 2.43 -13.02 6.07
N ILE D 330 3.06 -14.02 6.67
CA ILE D 330 2.27 -15.07 7.30
C ILE D 330 1.44 -14.51 8.45
N MET D 331 1.92 -13.46 9.12
CA MET D 331 1.11 -12.86 10.19
C MET D 331 -0.12 -12.18 9.62
N GLN D 332 0.03 -11.48 8.51
CA GLN D 332 -1.16 -10.93 7.84
C GLN D 332 -2.10 -12.06 7.42
N MET D 333 -1.53 -13.19 7.01
CA MET D 333 -2.35 -14.31 6.56
C MET D 333 -3.16 -14.87 7.71
N VAL D 334 -2.56 -15.01 8.89
CA VAL D 334 -3.34 -15.53 10.01
C VAL D 334 -4.38 -14.51 10.45
N HIS D 335 -4.08 -13.22 10.30
CA HIS D 335 -5.12 -12.21 10.49
C HIS D 335 -6.35 -12.52 9.64
N GLU D 336 -6.17 -12.56 8.32
CA GLU D 336 -7.34 -12.77 7.48
C GLU D 336 -7.89 -14.18 7.64
N ARG D 337 -7.09 -15.11 8.13
CA ARG D 337 -7.58 -16.45 8.38
C ARG D 337 -8.61 -16.43 9.51
N ASN D 338 -8.31 -15.70 10.59
CA ASN D 338 -9.30 -15.61 11.65
C ASN D 338 -10.52 -14.83 11.18
N PHE D 339 -10.32 -13.83 10.33
CA PHE D 339 -11.48 -13.20 9.71
C PHE D 339 -12.31 -14.21 8.95
N PHE D 340 -11.64 -15.13 8.25
CA PHE D 340 -12.31 -16.18 7.51
C PHE D 340 -13.10 -17.07 8.44
N GLU D 341 -12.57 -17.34 9.62
CA GLU D 341 -13.31 -18.12 10.60
C GLU D 341 -14.59 -17.39 11.01
N THR D 342 -14.47 -16.10 11.31
CA THR D 342 -15.66 -15.31 11.60
C THR D 342 -16.70 -15.46 10.50
N LEU D 343 -16.26 -15.35 9.25
CA LEU D 343 -17.16 -15.45 8.12
C LEU D 343 -17.85 -16.80 8.08
N VAL D 344 -17.08 -17.88 8.20
CA VAL D 344 -17.69 -19.20 8.04
C VAL D 344 -18.63 -19.49 9.19
N ASP D 345 -18.38 -18.91 10.37
CA ASP D 345 -19.36 -19.07 11.45
C ASP D 345 -20.64 -18.35 11.11
N ASN D 346 -20.55 -17.09 10.69
CA ASN D 346 -21.76 -16.38 10.30
C ASN D 346 -22.45 -17.12 9.16
N PHE D 347 -21.69 -17.75 8.28
CA PHE D 347 -22.28 -18.45 7.15
C PHE D 347 -23.01 -19.71 7.59
N SER D 348 -22.41 -20.45 8.51
CA SER D 348 -23.13 -21.57 9.11
C SER D 348 -24.44 -21.09 9.70
N GLU D 349 -24.41 -19.95 10.40
CA GLU D 349 -25.62 -19.52 11.08
C GLU D 349 -26.67 -19.03 10.09
N VAL D 350 -26.26 -18.54 8.92
CA VAL D 350 -27.23 -18.09 7.93
C VAL D 350 -27.49 -19.11 6.85
N THR D 351 -26.96 -20.32 6.99
CA THR D 351 -27.37 -21.39 6.08
C THR D 351 -28.79 -21.87 6.37
N PRO D 352 -29.20 -22.15 7.61
CA PRO D 352 -30.59 -22.59 7.80
C PRO D 352 -31.59 -21.51 7.45
N LYS D 353 -31.39 -20.30 7.95
CA LYS D 353 -32.25 -19.18 7.61
C LYS D 353 -32.43 -19.06 6.09
N LEU D 354 -31.49 -19.56 5.32
CA LEU D 354 -31.58 -19.55 3.87
C LEU D 354 -31.88 -20.92 3.28
N TYR D 355 -31.49 -21.99 3.98
CA TYR D 355 -31.76 -23.33 3.52
C TYR D 355 -32.72 -24.01 4.49
N PRO D 356 -33.92 -24.36 4.05
CA PRO D 356 -34.96 -24.79 4.99
C PRO D 356 -34.51 -26.00 5.80
N VAL D 357 -34.76 -25.95 7.10
CA VAL D 357 -34.39 -27.05 7.98
C VAL D 357 -35.56 -28.01 8.13
N GLN D 358 -36.71 -27.50 8.55
CA GLN D 358 -37.88 -28.35 8.79
C GLN D 358 -38.25 -29.15 7.56
N GLN D 359 -37.79 -28.75 6.39
CA GLN D 359 -37.92 -29.58 5.21
C GLN D 359 -36.68 -30.43 4.98
N ASN D 360 -35.52 -29.80 4.87
CA ASN D 360 -34.29 -30.50 4.53
C ASN D 360 -33.35 -30.51 5.74
N ASP D 361 -32.77 -31.68 6.01
CA ASP D 361 -31.87 -31.85 7.14
C ASP D 361 -30.40 -31.90 6.76
N THR D 362 -30.08 -32.30 5.54
CA THR D 362 -28.69 -32.40 5.12
C THR D 362 -27.93 -31.10 5.41
N ILE D 363 -28.63 -29.97 5.40
CA ILE D 363 -28.01 -28.69 5.74
C ILE D 363 -27.34 -28.76 7.10
N LEU D 364 -27.92 -29.51 8.04
CA LEU D 364 -27.27 -29.66 9.34
C LEU D 364 -25.95 -30.40 9.21
N ASP D 365 -25.93 -31.46 8.41
CA ASP D 365 -24.67 -32.12 8.11
C ASP D 365 -23.66 -31.13 7.58
N ILE D 366 -24.06 -30.27 6.65
CA ILE D 366 -23.07 -29.45 5.96
C ILE D 366 -22.61 -28.30 6.85
N ASN D 367 -23.52 -27.67 7.58
CA ASN D 367 -23.09 -26.61 8.48
C ASN D 367 -22.54 -27.15 9.78
N ASN D 368 -22.43 -28.47 9.93
CA ASN D 368 -21.55 -29.01 10.96
C ASN D 368 -20.19 -29.35 10.37
N ASN D 369 -20.16 -29.75 9.09
CA ASN D 369 -18.88 -29.80 8.39
C ASN D 369 -18.18 -28.44 8.44
N LEU D 370 -18.94 -27.37 8.26
CA LEU D 370 -18.34 -26.04 8.35
C LEU D 370 -17.89 -25.73 9.77
N SER D 371 -18.51 -26.34 10.78
CA SER D 371 -17.97 -26.20 12.13
C SER D 371 -16.65 -26.93 12.25
N ILE D 372 -16.56 -28.10 11.64
CA ILE D 372 -15.28 -28.78 11.52
C ILE D 372 -14.25 -27.84 10.89
N ILE D 373 -14.69 -27.07 9.90
CA ILE D 373 -13.76 -26.22 9.16
C ILE D 373 -13.38 -24.98 9.98
N LYS D 374 -14.33 -24.42 10.73
CA LYS D 374 -13.98 -23.29 11.58
C LYS D 374 -13.00 -23.72 12.65
N LYS D 375 -13.17 -24.92 13.21
CA LYS D 375 -12.21 -25.40 14.18
C LYS D 375 -10.86 -25.66 13.51
N HIS D 376 -10.88 -26.21 12.30
CA HIS D 376 -9.64 -26.37 11.55
C HIS D 376 -8.93 -25.05 11.39
N LEU D 377 -9.65 -24.01 10.97
CA LEU D 377 -9.03 -22.72 10.74
C LEU D 377 -8.52 -22.13 12.04
N GLU D 378 -9.25 -22.33 13.13
CA GLU D 378 -8.76 -21.89 14.43
C GLU D 378 -7.41 -22.51 14.73
N THR D 379 -7.32 -23.84 14.63
CA THR D 379 -6.05 -24.50 14.91
C THR D 379 -4.98 -24.09 13.92
N THR D 380 -5.34 -23.96 12.64
CA THR D 380 -4.37 -23.64 11.61
C THR D 380 -3.80 -22.25 11.84
N SER D 381 -4.65 -21.29 12.16
CA SER D 381 -4.18 -19.94 12.44
C SER D 381 -3.35 -19.91 13.69
N SER D 382 -3.76 -20.63 14.74
CA SER D 382 -2.96 -20.66 15.95
C SER D 382 -1.56 -21.18 15.67
N ILE D 383 -1.45 -22.26 14.89
CA ILE D 383 -0.12 -22.80 14.63
C ILE D 383 0.63 -21.94 13.64
N CYS D 384 -0.08 -21.24 12.76
CA CYS D 384 0.59 -20.21 11.97
C CYS D 384 1.28 -19.21 12.88
N LYS D 385 0.53 -18.64 13.83
CA LYS D 385 1.09 -17.65 14.74
C LYS D 385 2.21 -18.25 15.58
N GLN D 386 2.09 -19.52 15.97
CA GLN D 386 3.17 -20.17 16.69
C GLN D 386 4.42 -20.25 15.85
N GLU D 387 4.29 -20.68 14.60
CA GLU D 387 5.44 -20.65 13.71
C GLU D 387 6.01 -19.25 13.64
N THR D 388 5.16 -18.24 13.50
CA THR D 388 5.65 -16.87 13.41
C THR D 388 6.54 -16.56 14.60
N GLU D 389 5.95 -16.51 15.78
CA GLU D 389 6.71 -16.10 16.96
C GLU D 389 7.89 -17.03 17.19
N GLU D 390 7.63 -18.29 17.51
CA GLU D 390 8.74 -19.17 17.86
C GLU D 390 9.74 -19.25 16.74
N ILE D 391 9.32 -19.79 15.60
CA ILE D 391 10.25 -20.10 14.52
C ILE D 391 10.99 -18.86 14.07
N SER D 392 10.27 -17.81 13.68
CA SER D 392 10.98 -16.69 13.08
C SER D 392 11.72 -15.85 14.11
N GLY D 393 11.15 -15.65 15.31
CA GLY D 393 11.87 -14.91 16.33
C GLY D 393 13.16 -15.59 16.74
N THR D 394 13.19 -16.93 16.74
CA THR D 394 14.41 -17.64 17.08
C THR D 394 15.24 -18.02 15.87
N LEU D 395 14.73 -17.78 14.68
CA LEU D 395 15.50 -17.97 13.45
C LEU D 395 16.26 -16.73 13.07
N SER D 396 15.70 -15.56 13.36
CA SER D 396 16.30 -14.32 12.89
C SER D 396 17.71 -14.13 13.40
N PRO D 397 18.03 -14.28 14.69
CA PRO D 397 19.43 -14.16 15.11
C PRO D 397 20.37 -15.07 14.35
N LYS D 398 19.96 -16.31 14.10
CA LYS D 398 20.79 -17.22 13.31
C LYS D 398 21.22 -16.60 12.00
N PHE D 399 20.43 -15.69 11.45
CA PHE D 399 20.80 -14.95 10.26
C PHE D 399 21.57 -13.69 10.60
N LYS D 400 21.07 -12.91 11.56
CA LYS D 400 21.59 -11.58 11.81
C LYS D 400 23.04 -11.63 12.28
N ILE D 401 23.44 -12.69 12.96
CA ILE D 401 24.80 -12.76 13.47
C ILE D 401 25.79 -12.69 12.32
N PHE D 402 25.46 -13.33 11.21
CA PHE D 402 26.33 -13.21 10.04
C PHE D 402 26.42 -11.77 9.59
N THR D 403 25.28 -11.07 9.53
CA THR D 403 25.30 -9.67 9.11
C THR D 403 26.16 -8.84 10.03
N ASP D 404 26.12 -9.14 11.31
CA ASP D 404 26.86 -8.32 12.26
C ASP D 404 28.35 -8.61 12.21
N ILE D 405 28.74 -9.87 12.03
CA ILE D 405 30.16 -10.10 11.87
C ILE D 405 30.63 -9.55 10.53
N LEU D 406 29.77 -9.55 9.53
CA LEU D 406 30.15 -8.98 8.25
C LEU D 406 30.44 -7.49 8.38
N LEU D 407 29.50 -6.73 8.90
CA LEU D 407 29.75 -5.30 9.04
C LEU D 407 30.79 -5.02 10.11
N SER D 408 31.08 -5.98 11.00
CA SER D 408 32.24 -5.82 11.87
C SER D 408 33.54 -5.87 11.07
N LEU D 409 33.65 -6.83 10.14
CA LEU D 409 34.83 -6.82 9.27
C LEU D 409 34.82 -5.60 8.36
N ARG D 410 33.64 -5.07 8.03
CA ARG D 410 33.58 -3.80 7.32
C ARG D 410 34.26 -2.70 8.12
N SER D 411 33.81 -2.48 9.35
CA SER D 411 34.46 -1.53 10.24
C SER D 411 35.96 -1.79 10.32
N LEU D 412 36.34 -3.06 10.38
CA LEU D 412 37.76 -3.39 10.49
C LEU D 412 38.54 -2.93 9.28
N PHE D 413 38.07 -3.27 8.08
CA PHE D 413 38.84 -2.87 6.92
C PHE D 413 38.81 -1.37 6.74
N GLU D 414 37.77 -0.71 7.21
CA GLU D 414 37.80 0.75 7.21
C GLU D 414 38.92 1.27 8.08
N ARG D 415 38.92 0.90 9.36
CA ARG D 415 39.99 1.32 10.26
C ARG D 415 41.35 0.98 9.67
N TYR D 416 41.48 -0.20 9.10
CA TYR D 416 42.77 -0.67 8.62
C TYR D 416 43.24 0.16 7.44
N LYS D 417 42.37 0.35 6.46
CA LYS D 417 42.78 1.16 5.31
C LYS D 417 43.19 2.55 5.76
N ILE D 418 42.41 3.16 6.64
CA ILE D 418 42.69 4.55 6.97
C ILE D 418 43.81 4.71 7.98
N MET D 419 44.26 3.64 8.62
CA MET D 419 45.43 3.79 9.47
C MET D 419 46.70 3.29 8.78
N ALA D 420 46.63 2.17 8.07
CA ALA D 420 47.71 1.76 7.21
C ALA D 420 47.96 2.74 6.08
N ALA D 421 47.05 3.71 5.87
CA ALA D 421 47.43 4.88 5.08
C ALA D 421 48.68 5.54 5.64
N ASN D 422 48.91 5.42 6.94
CA ASN D 422 50.16 5.92 7.51
C ASN D 422 51.35 5.16 6.95
N ASN D 423 51.25 3.83 6.88
CA ASN D 423 52.31 3.07 6.25
C ASN D 423 52.39 3.37 4.77
N VAL D 424 51.29 3.79 4.16
CA VAL D 424 51.31 4.21 2.77
C VAL D 424 52.23 5.43 2.61
N VAL D 425 51.97 6.45 3.42
CA VAL D 425 52.82 7.64 3.39
C VAL D 425 54.25 7.29 3.76
N GLU D 426 54.42 6.32 4.65
CA GLU D 426 55.76 5.95 5.07
C GLU D 426 56.53 5.24 3.97
N LEU D 427 55.83 4.43 3.16
CA LEU D 427 56.49 3.79 2.02
C LEU D 427 56.77 4.79 0.90
N GLN D 428 55.90 5.79 0.76
CA GLN D 428 56.22 6.87 -0.17
C GLN D 428 57.46 7.62 0.30
N ARG D 429 57.58 7.87 1.60
CA ARG D 429 58.82 8.42 2.14
C ARG D 429 59.98 7.45 1.96
N HIS D 430 59.70 6.15 1.97
CA HIS D 430 60.73 5.15 1.71
C HIS D 430 61.35 5.37 0.35
N VAL D 431 60.51 5.47 -0.69
CA VAL D 431 61.06 5.67 -2.03
C VAL D 431 61.68 7.06 -2.16
N GLU D 432 61.07 8.06 -1.53
CA GLU D 432 61.60 9.42 -1.58
C GLU D 432 63.00 9.49 -0.97
N LEU D 433 63.20 8.81 0.14
CA LEU D 433 64.49 8.82 0.80
C LEU D 433 65.50 7.93 0.10
N ASN D 434 65.05 6.79 -0.46
CA ASN D 434 65.93 6.03 -1.33
C ASN D 434 66.51 6.94 -2.41
N LYS D 435 65.64 7.73 -3.06
CA LYS D 435 66.09 8.61 -4.14
C LYS D 435 67.01 9.70 -3.62
N GLU D 436 66.58 10.43 -2.59
CA GLU D 436 67.39 11.54 -2.10
C GLU D 436 68.73 11.08 -1.53
N LYS D 437 68.79 9.86 -1.01
CA LYS D 437 70.04 9.37 -0.44
C LYS D 437 70.95 8.76 -1.48
N LEU D 438 70.39 8.28 -2.59
CA LEU D 438 71.27 7.89 -3.70
C LEU D 438 71.83 9.12 -4.40
N GLU D 439 71.01 10.19 -4.52
CA GLU D 439 71.56 11.46 -4.99
C GLU D 439 72.50 12.07 -3.96
N SER D 440 72.37 11.68 -2.69
CA SER D 440 73.23 12.22 -1.65
C SER D 440 74.68 11.83 -1.87
N MET D 441 74.91 10.69 -2.51
CA MET D 441 76.27 10.15 -2.61
C MET D 441 77.07 10.93 -3.66
N LYS D 442 77.15 12.23 -3.43
CA LYS D 442 78.19 13.06 -4.01
C LYS D 442 79.45 13.04 -3.17
N GLY D 443 79.53 12.11 -2.22
CA GLY D 443 80.60 12.05 -1.26
C GLY D 443 80.51 13.07 -0.14
N LYS D 444 79.48 13.92 -0.16
CA LYS D 444 79.42 15.10 0.69
C LYS D 444 80.70 15.93 0.52
N PRO D 445 81.05 16.27 -0.72
CA PRO D 445 82.46 16.61 -1.02
C PRO D 445 82.93 17.90 -0.37
N ASP D 446 82.08 18.93 -0.35
CA ASP D 446 82.48 20.18 0.29
C ASP D 446 82.67 19.98 1.78
N VAL D 447 83.70 20.63 2.32
CA VAL D 447 83.96 20.59 3.75
C VAL D 447 82.89 21.44 4.44
N SER D 448 81.86 20.78 4.94
CA SER D 448 80.70 21.49 5.51
C SER D 448 80.18 20.66 6.68
N GLY D 449 80.40 21.16 7.89
CA GLY D 449 79.82 20.52 9.06
C GLY D 449 78.33 20.72 9.14
N ALA D 450 77.84 21.83 8.58
CA ALA D 450 76.41 22.08 8.55
C ALA D 450 75.69 21.01 7.74
N GLU D 451 76.12 20.82 6.49
CA GLU D 451 75.49 19.81 5.64
C GLU D 451 75.67 18.41 6.24
N TYR D 452 76.89 18.11 6.70
CA TYR D 452 77.14 16.85 7.38
C TYR D 452 76.15 16.58 8.51
N ASP D 453 76.08 17.47 9.50
CA ASP D 453 75.21 17.24 10.65
C ASP D 453 73.73 17.24 10.25
N ARG D 454 73.33 18.11 9.34
CA ARG D 454 71.92 18.14 8.97
C ARG D 454 71.50 16.85 8.30
N ILE D 455 72.26 16.36 7.32
CA ILE D 455 71.83 15.15 6.66
C ILE D 455 72.12 13.93 7.52
N LYS D 456 73.01 14.04 8.50
CA LYS D 456 73.16 12.97 9.48
C LYS D 456 71.92 12.85 10.35
N LYS D 457 71.43 13.99 10.86
CA LYS D 457 70.16 13.97 11.59
C LYS D 457 69.06 13.41 10.72
N ILE D 458 69.01 13.85 9.45
CA ILE D 458 68.03 13.34 8.50
C ILE D 458 68.07 11.82 8.46
N ILE D 459 69.24 11.25 8.16
CA ILE D 459 69.31 9.81 7.96
C ILE D 459 69.04 9.06 9.26
N GLN D 460 69.46 9.60 10.41
CA GLN D 460 69.30 8.84 11.65
C GLN D 460 67.83 8.82 12.08
N LYS D 461 67.15 9.97 12.03
CA LYS D 461 65.74 9.98 12.37
C LYS D 461 64.94 9.16 11.36
N ASP D 462 65.33 9.20 10.09
CA ASP D 462 64.64 8.38 9.11
C ASP D 462 64.89 6.89 9.34
N ARG D 463 66.07 6.54 9.85
CA ARG D 463 66.38 5.13 10.10
C ARG D 463 65.57 4.58 11.28
N ARG D 464 65.58 5.29 12.41
CA ARG D 464 64.69 4.87 13.48
C ARG D 464 63.23 4.88 13.02
N SER D 465 62.90 5.78 12.09
CA SER D 465 61.54 5.82 11.55
C SER D 465 61.23 4.56 10.77
N ILE D 466 62.13 4.13 9.89
CA ILE D 466 61.84 2.97 9.06
C ILE D 466 61.79 1.72 9.90
N ILE D 467 62.62 1.63 10.94
CA ILE D 467 62.54 0.44 11.78
C ILE D 467 61.24 0.43 12.58
N GLU D 468 60.80 1.60 13.08
CA GLU D 468 59.57 1.62 13.86
C GLU D 468 58.35 1.34 12.97
N GLN D 469 58.38 1.82 11.72
CA GLN D 469 57.25 1.59 10.84
C GLN D 469 57.21 0.15 10.38
N SER D 470 58.37 -0.50 10.24
CA SER D 470 58.35 -1.92 9.90
C SER D 470 57.82 -2.73 11.07
N ASN D 471 58.29 -2.42 12.29
CA ASN D 471 57.70 -3.01 13.49
C ASN D 471 56.18 -2.87 13.47
N ARG D 472 55.68 -1.66 13.22
CA ARG D 472 54.24 -1.43 13.23
C ARG D 472 53.53 -2.15 12.09
N ALA D 473 54.16 -2.21 10.92
CA ALA D 473 53.54 -2.86 9.78
C ALA D 473 53.30 -4.34 10.05
N TRP D 474 54.35 -5.02 10.52
CA TRP D 474 54.17 -6.44 10.85
C TRP D 474 53.22 -6.61 12.02
N LEU D 475 53.31 -5.74 13.02
CA LEU D 475 52.42 -5.83 14.18
C LEU D 475 50.97 -5.59 13.79
N ILE D 476 50.74 -4.96 12.65
CA ILE D 476 49.38 -4.78 12.16
C ILE D 476 48.93 -6.00 11.39
N ARG D 477 49.73 -6.41 10.41
CA ARG D 477 49.34 -7.54 9.58
C ARG D 477 49.02 -8.76 10.43
N GLN D 478 49.77 -8.96 11.51
CA GLN D 478 49.50 -10.11 12.36
C GLN D 478 48.07 -10.07 12.90
N CYS D 479 47.63 -8.91 13.39
CA CYS D 479 46.27 -8.81 13.89
C CYS D 479 45.26 -8.98 12.77
N ILE D 480 45.60 -8.53 11.57
CA ILE D 480 44.75 -8.81 10.42
C ILE D 480 44.47 -10.31 10.32
N LEU D 481 45.54 -11.11 10.43
CA LEU D 481 45.35 -12.56 10.33
C LEU D 481 44.53 -13.09 11.50
N GLU D 482 44.84 -12.60 12.71
CA GLU D 482 44.09 -13.02 13.90
C GLU D 482 42.59 -12.81 13.69
N GLU D 483 42.22 -11.79 12.91
CA GLU D 483 40.80 -11.58 12.64
C GLU D 483 40.28 -12.48 11.52
N PHE D 484 41.10 -12.67 10.49
CA PHE D 484 40.75 -13.64 9.46
C PHE D 484 40.32 -14.97 10.04
N THR D 485 40.86 -15.32 11.19
CA THR D 485 40.46 -16.57 11.85
C THR D 485 38.95 -16.65 12.07
N ILE D 486 38.43 -15.80 12.96
CA ILE D 486 37.02 -15.96 13.25
C ILE D 486 36.18 -15.62 12.04
N PHE D 487 36.74 -14.90 11.07
CA PHE D 487 35.97 -14.72 9.84
C PHE D 487 35.77 -16.07 9.16
N GLN D 488 36.82 -16.90 9.14
CA GLN D 488 36.66 -18.23 8.59
C GLN D 488 35.77 -19.10 9.47
N GLU D 489 35.50 -18.68 10.71
CA GLU D 489 34.42 -19.33 11.46
C GLU D 489 33.04 -18.90 10.93
N THR D 490 32.87 -17.62 10.67
CA THR D 490 31.62 -17.15 10.07
C THR D 490 31.28 -17.94 8.82
N GLN D 491 32.34 -18.38 8.12
CA GLN D 491 32.15 -19.30 7.00
C GLN D 491 31.15 -20.40 7.34
N PHE D 492 31.46 -21.24 8.33
CA PHE D 492 30.52 -22.26 8.74
C PHE D 492 29.24 -21.67 9.32
N LEU D 493 29.30 -20.44 9.80
CA LEU D 493 28.07 -19.86 10.34
C LEU D 493 26.99 -19.73 9.28
N ILE D 494 27.37 -19.39 8.05
CA ILE D 494 26.32 -19.28 7.02
C ILE D 494 25.69 -20.64 6.78
N THR D 495 26.49 -21.70 6.88
CA THR D 495 25.97 -23.05 6.80
C THR D 495 24.88 -23.26 7.84
N ARG D 496 25.21 -22.96 9.10
CA ARG D 496 24.23 -23.15 10.15
C ARG D 496 22.96 -22.38 9.84
N ALA D 497 23.12 -21.16 9.33
CA ALA D 497 21.97 -20.33 9.02
C ALA D 497 21.03 -21.03 8.05
N PHE D 498 21.55 -21.42 6.89
CA PHE D 498 20.66 -21.96 5.87
C PHE D 498 20.06 -23.29 6.29
N GLN D 499 20.84 -24.12 7.00
CA GLN D 499 20.30 -25.42 7.38
C GLN D 499 19.17 -25.28 8.40
N ASP D 500 19.35 -24.40 9.39
CA ASP D 500 18.26 -24.15 10.32
C ASP D 500 17.05 -23.58 9.58
N TRP D 501 17.28 -22.71 8.60
CA TRP D 501 16.19 -22.15 7.84
C TRP D 501 15.35 -23.26 7.23
N ALA D 502 15.99 -24.09 6.43
CA ALA D 502 15.27 -25.17 5.76
C ALA D 502 14.57 -26.06 6.78
N LYS D 503 15.24 -26.36 7.88
CA LYS D 503 14.65 -27.28 8.84
C LYS D 503 13.36 -26.73 9.43
N LEU D 504 13.38 -25.47 9.83
CA LEU D 504 12.19 -24.94 10.48
C LEU D 504 11.07 -24.67 9.49
N ASN D 505 11.41 -24.30 8.25
CA ASN D 505 10.38 -24.29 7.22
C ASN D 505 9.76 -25.67 7.08
N SER D 506 10.58 -26.72 7.13
CA SER D 506 10.05 -28.07 6.98
C SER D 506 9.12 -28.41 8.14
N ASN D 507 9.50 -28.04 9.35
CA ASN D 507 8.62 -28.28 10.49
C ASN D 507 7.27 -27.62 10.28
N HIS D 508 7.30 -26.35 9.86
CA HIS D 508 6.05 -25.62 9.66
C HIS D 508 5.21 -26.29 8.58
N ALA D 509 5.83 -26.60 7.45
CA ALA D 509 5.09 -27.22 6.36
C ALA D 509 4.54 -28.57 6.78
N GLY D 510 5.28 -29.32 7.59
CA GLY D 510 4.80 -30.61 8.02
C GLY D 510 3.57 -30.49 8.89
N LEU D 511 3.62 -29.59 9.86
CA LEU D 511 2.43 -29.38 10.68
C LEU D 511 1.26 -28.92 9.84
N LYS D 512 1.51 -28.08 8.84
CA LYS D 512 0.41 -27.58 8.03
C LYS D 512 -0.18 -28.69 7.16
N LEU D 513 0.68 -29.55 6.61
CA LEU D 513 0.17 -30.69 5.85
C LEU D 513 -0.65 -31.60 6.72
N ASN D 514 -0.16 -31.90 7.91
CA ASN D 514 -0.93 -32.75 8.80
C ASN D 514 -2.28 -32.14 9.09
N GLU D 515 -2.32 -30.82 9.31
CA GLU D 515 -3.60 -30.17 9.55
C GLU D 515 -4.51 -30.29 8.34
N TRP D 516 -3.99 -30.06 7.15
CA TRP D 516 -4.85 -30.13 5.97
C TRP D 516 -5.42 -31.52 5.80
N GLU D 517 -4.57 -32.53 5.71
CA GLU D 517 -5.07 -33.88 5.52
C GLU D 517 -5.99 -34.30 6.65
N LYS D 518 -5.74 -33.84 7.86
CA LYS D 518 -6.66 -34.08 8.97
C LYS D 518 -8.01 -33.46 8.69
N LEU D 519 -8.01 -32.28 8.08
CA LEU D 519 -9.26 -31.61 7.77
C LEU D 519 -10.04 -32.37 6.72
N VAL D 520 -9.35 -32.84 5.67
CA VAL D 520 -10.02 -33.47 4.54
C VAL D 520 -11.08 -34.47 5.01
N THR D 521 -10.82 -35.12 6.13
CA THR D 521 -11.79 -35.95 6.79
C THR D 521 -12.91 -35.09 7.37
#